data_7YGK
# 
_entry.id   7YGK 
# 
_audit_conform.dict_name       mmcif_pdbx.dic 
_audit_conform.dict_version    5.397 
_audit_conform.dict_location   http://mmcif.pdb.org/dictionaries/ascii/mmcif_pdbx.dic 
# 
loop_
_database_2.database_id 
_database_2.database_code 
_database_2.pdbx_database_accession 
_database_2.pdbx_DOI 
PDB   7YGK         pdb_00007ygk 10.2210/pdb7ygk/pdb 
WWPDB D_1300030874 ?            ?                   
# 
loop_
_pdbx_audit_revision_history.ordinal 
_pdbx_audit_revision_history.data_content_type 
_pdbx_audit_revision_history.major_revision 
_pdbx_audit_revision_history.minor_revision 
_pdbx_audit_revision_history.revision_date 
1 'Structure model' 1 0 2023-02-22 
2 'Structure model' 1 1 2023-11-29 
3 'Structure model' 1 2 2024-10-16 
# 
_pdbx_audit_revision_details.ordinal             1 
_pdbx_audit_revision_details.revision_ordinal    1 
_pdbx_audit_revision_details.data_content_type   'Structure model' 
_pdbx_audit_revision_details.provider            repository 
_pdbx_audit_revision_details.type                'Initial release' 
_pdbx_audit_revision_details.description         ? 
_pdbx_audit_revision_details.details             ? 
# 
loop_
_pdbx_audit_revision_group.ordinal 
_pdbx_audit_revision_group.revision_ordinal 
_pdbx_audit_revision_group.data_content_type 
_pdbx_audit_revision_group.group 
1 2 'Structure model' 'Data collection'        
2 2 'Structure model' 'Refinement description' 
3 3 'Structure model' 'Structure summary'      
# 
loop_
_pdbx_audit_revision_category.ordinal 
_pdbx_audit_revision_category.revision_ordinal 
_pdbx_audit_revision_category.data_content_type 
_pdbx_audit_revision_category.category 
1 2 'Structure model' chem_comp_atom                
2 2 'Structure model' chem_comp_bond                
3 2 'Structure model' pdbx_initial_refinement_model 
4 3 'Structure model' pdbx_entry_details            
5 3 'Structure model' pdbx_modification_feature     
# 
_pdbx_database_status.status_code                     REL 
_pdbx_database_status.status_code_sf                  REL 
_pdbx_database_status.status_code_mr                  ? 
_pdbx_database_status.entry_id                        7YGK 
_pdbx_database_status.recvd_initial_deposition_date   2022-07-11 
_pdbx_database_status.SG_entry                        N 
_pdbx_database_status.deposit_site                    PDBJ 
_pdbx_database_status.process_site                    PDBJ 
_pdbx_database_status.status_code_cs                  ? 
_pdbx_database_status.status_code_nmr_data            ? 
_pdbx_database_status.methods_development_category    ? 
_pdbx_database_status.pdb_format_compatible           Y 
# 
_pdbx_contact_author.id                 2 
_pdbx_contact_author.email              chajung@ewha.ac.kr 
_pdbx_contact_author.name_first         Sun-Shin 
_pdbx_contact_author.name_last          Cha 
_pdbx_contact_author.name_mi            ? 
_pdbx_contact_author.role               'principal investigator/group leader' 
_pdbx_contact_author.identifier_ORCID   0000-0002-0913-8706 
# 
loop_
_audit_author.name 
_audit_author.pdbx_ordinal 
_audit_author.identifier_ORCID 
'Kang, B.G.' 1 0000-0001-7231-8489 
'Cha, S.S.'  2 0000-0002-0913-8706 
# 
_citation.abstract                  ? 
_citation.abstract_id_CAS           ? 
_citation.book_id_ISBN              ? 
_citation.book_publisher            ? 
_citation.book_publisher_city       ? 
_citation.book_title                ? 
_citation.coordinate_linkage        ? 
_citation.country                   ? 
_citation.database_id_Medline       ? 
_citation.details                   ? 
_citation.id                        primary 
_citation.journal_abbrev            'Acta Crystallogr D Struct Biol' 
_citation.journal_id_ASTM           ? 
_citation.journal_id_CSD            ? 
_citation.journal_id_ISSN           2059-7983 
_citation.journal_full              ? 
_citation.journal_issue             ? 
_citation.journal_volume            79 
_citation.language                  ? 
_citation.page_first                188 
_citation.page_last                 197 
_citation.title                     
;Structural and functional characterization of a thermostable secretory phospholipase A 2 from Sciscionella marina and its application in liposome biotransformation.
;
_citation.year                      2023 
_citation.database_id_CSD           ? 
_citation.pdbx_database_id_DOI      10.1107/S2059798323000384 
_citation.pdbx_database_id_PubMed   36762864 
_citation.pdbx_database_id_patent   ? 
_citation.unpublished_flag          ? 
# 
loop_
_citation_author.citation_id 
_citation_author.name 
_citation_author.ordinal 
_citation_author.identifier_ORCID 
primary 'Kang, B.G.' 1 ?                   
primary 'Kwon, S.Y.' 2 ?                   
primary 'Lee, H.R.'  3 ?                   
primary 'Hwang, Y.'  4 ?                   
primary 'Youn, S.Y.' 5 ?                   
primary 'Oh, C.'     6 ?                   
primary 'Park, J.B.' 7 ?                   
primary 'Cha, S.S.'  8 0000-0002-0913-8706 
# 
loop_
_entity.id 
_entity.type 
_entity.src_method 
_entity.pdbx_description 
_entity.formula_weight 
_entity.pdbx_number_of_molecules 
_entity.pdbx_ec 
_entity.pdbx_mutation 
_entity.pdbx_fragment 
_entity.details 
1 polymer man 'phospholipase A2' 13124.308 1  ? ? ? 'GenBank WP_020498377.1 (Sm-sPLA2)' 
2 water   nat water              18.015    95 ? ? ? ?                                   
# 
_entity_poly.entity_id                      1 
_entity_poly.type                           'polypeptide(L)' 
_entity_poly.nstd_linkage                   no 
_entity_poly.nstd_monomer                   no 
_entity_poly.pdbx_seq_one_letter_code       
;ESIESITDNYLFSTSPSQFEKVRDERPHADKLDWSSDSCSWAPDKPVGFDFDPACHRHDFGYRNYKKQSRFDDTSKKRID
DNFYSDLKGICHGNGSCNALAWTYYQAVRKFGS
;
_entity_poly.pdbx_seq_one_letter_code_can   
;ESIESITDNYLFSTSPSQFEKVRDERPHADKLDWSSDSCSWAPDKPVGFDFDPACHRHDFGYRNYKKQSRFDDTSKKRID
DNFYSDLKGICHGNGSCNALAWTYYQAVRKFGS
;
_entity_poly.pdbx_strand_id                 A 
_entity_poly.pdbx_target_identifier         ? 
# 
_pdbx_entity_nonpoly.entity_id   2 
_pdbx_entity_nonpoly.name        water 
_pdbx_entity_nonpoly.comp_id     HOH 
# 
loop_
_entity_poly_seq.entity_id 
_entity_poly_seq.num 
_entity_poly_seq.mon_id 
_entity_poly_seq.hetero 
1 1   GLU n 
1 2   SER n 
1 3   ILE n 
1 4   GLU n 
1 5   SER n 
1 6   ILE n 
1 7   THR n 
1 8   ASP n 
1 9   ASN n 
1 10  TYR n 
1 11  LEU n 
1 12  PHE n 
1 13  SER n 
1 14  THR n 
1 15  SER n 
1 16  PRO n 
1 17  SER n 
1 18  GLN n 
1 19  PHE n 
1 20  GLU n 
1 21  LYS n 
1 22  VAL n 
1 23  ARG n 
1 24  ASP n 
1 25  GLU n 
1 26  ARG n 
1 27  PRO n 
1 28  HIS n 
1 29  ALA n 
1 30  ASP n 
1 31  LYS n 
1 32  LEU n 
1 33  ASP n 
1 34  TRP n 
1 35  SER n 
1 36  SER n 
1 37  ASP n 
1 38  SER n 
1 39  CYS n 
1 40  SER n 
1 41  TRP n 
1 42  ALA n 
1 43  PRO n 
1 44  ASP n 
1 45  LYS n 
1 46  PRO n 
1 47  VAL n 
1 48  GLY n 
1 49  PHE n 
1 50  ASP n 
1 51  PHE n 
1 52  ASP n 
1 53  PRO n 
1 54  ALA n 
1 55  CYS n 
1 56  HIS n 
1 57  ARG n 
1 58  HIS n 
1 59  ASP n 
1 60  PHE n 
1 61  GLY n 
1 62  TYR n 
1 63  ARG n 
1 64  ASN n 
1 65  TYR n 
1 66  LYS n 
1 67  LYS n 
1 68  GLN n 
1 69  SER n 
1 70  ARG n 
1 71  PHE n 
1 72  ASP n 
1 73  ASP n 
1 74  THR n 
1 75  SER n 
1 76  LYS n 
1 77  LYS n 
1 78  ARG n 
1 79  ILE n 
1 80  ASP n 
1 81  ASP n 
1 82  ASN n 
1 83  PHE n 
1 84  TYR n 
1 85  SER n 
1 86  ASP n 
1 87  LEU n 
1 88  LYS n 
1 89  GLY n 
1 90  ILE n 
1 91  CYS n 
1 92  HIS n 
1 93  GLY n 
1 94  ASN n 
1 95  GLY n 
1 96  SER n 
1 97  CYS n 
1 98  ASN n 
1 99  ALA n 
1 100 LEU n 
1 101 ALA n 
1 102 TRP n 
1 103 THR n 
1 104 TYR n 
1 105 TYR n 
1 106 GLN n 
1 107 ALA n 
1 108 VAL n 
1 109 ARG n 
1 110 LYS n 
1 111 PHE n 
1 112 GLY n 
1 113 SER n 
# 
_entity_src_gen.entity_id                          1 
_entity_src_gen.pdbx_src_id                        1 
_entity_src_gen.pdbx_alt_source_flag               sample 
_entity_src_gen.pdbx_seq_type                      'Biological sequence' 
_entity_src_gen.pdbx_beg_seq_num                   1 
_entity_src_gen.pdbx_end_seq_num                   113 
_entity_src_gen.gene_src_common_name               ? 
_entity_src_gen.gene_src_genus                     ? 
_entity_src_gen.pdbx_gene_src_gene                 ? 
_entity_src_gen.gene_src_species                   ? 
_entity_src_gen.gene_src_strain                    ? 
_entity_src_gen.gene_src_tissue                    ? 
_entity_src_gen.gene_src_tissue_fraction           ? 
_entity_src_gen.gene_src_details                   ? 
_entity_src_gen.pdbx_gene_src_fragment             ? 
_entity_src_gen.pdbx_gene_src_scientific_name      'Sciscionella marina' 
_entity_src_gen.pdbx_gene_src_ncbi_taxonomy_id     508770 
_entity_src_gen.pdbx_gene_src_variant              ? 
_entity_src_gen.pdbx_gene_src_cell_line            ? 
_entity_src_gen.pdbx_gene_src_atcc                 ? 
_entity_src_gen.pdbx_gene_src_organ                ? 
_entity_src_gen.pdbx_gene_src_organelle            ? 
_entity_src_gen.pdbx_gene_src_cell                 ? 
_entity_src_gen.pdbx_gene_src_cellular_location    ? 
_entity_src_gen.host_org_common_name               ? 
_entity_src_gen.pdbx_host_org_scientific_name      'Escherichia coli' 
_entity_src_gen.pdbx_host_org_ncbi_taxonomy_id     562 
_entity_src_gen.host_org_genus                     ? 
_entity_src_gen.pdbx_host_org_gene                 ? 
_entity_src_gen.pdbx_host_org_organ                ? 
_entity_src_gen.host_org_species                   ? 
_entity_src_gen.pdbx_host_org_tissue               ? 
_entity_src_gen.pdbx_host_org_tissue_fraction      ? 
_entity_src_gen.pdbx_host_org_strain               ? 
_entity_src_gen.pdbx_host_org_variant              ? 
_entity_src_gen.pdbx_host_org_cell_line            ? 
_entity_src_gen.pdbx_host_org_atcc                 ? 
_entity_src_gen.pdbx_host_org_culture_collection   ? 
_entity_src_gen.pdbx_host_org_cell                 ? 
_entity_src_gen.pdbx_host_org_organelle            ? 
_entity_src_gen.pdbx_host_org_cellular_location    ? 
_entity_src_gen.pdbx_host_org_vector_type          ? 
_entity_src_gen.pdbx_host_org_vector               ? 
_entity_src_gen.host_org_details                   ? 
_entity_src_gen.expression_system_id               ? 
_entity_src_gen.plasmid_name                       ? 
_entity_src_gen.plasmid_details                    ? 
_entity_src_gen.pdbx_description                   ? 
# 
loop_
_chem_comp.id 
_chem_comp.type 
_chem_comp.mon_nstd_flag 
_chem_comp.name 
_chem_comp.pdbx_synonyms 
_chem_comp.formula 
_chem_comp.formula_weight 
ALA 'L-peptide linking' y ALANINE         ? 'C3 H7 N O2'     89.093  
ARG 'L-peptide linking' y ARGININE        ? 'C6 H15 N4 O2 1' 175.209 
ASN 'L-peptide linking' y ASPARAGINE      ? 'C4 H8 N2 O3'    132.118 
ASP 'L-peptide linking' y 'ASPARTIC ACID' ? 'C4 H7 N O4'     133.103 
CYS 'L-peptide linking' y CYSTEINE        ? 'C3 H7 N O2 S'   121.158 
GLN 'L-peptide linking' y GLUTAMINE       ? 'C5 H10 N2 O3'   146.144 
GLU 'L-peptide linking' y 'GLUTAMIC ACID' ? 'C5 H9 N O4'     147.129 
GLY 'peptide linking'   y GLYCINE         ? 'C2 H5 N O2'     75.067  
HIS 'L-peptide linking' y HISTIDINE       ? 'C6 H10 N3 O2 1' 156.162 
HOH non-polymer         . WATER           ? 'H2 O'           18.015  
ILE 'L-peptide linking' y ISOLEUCINE      ? 'C6 H13 N O2'    131.173 
LEU 'L-peptide linking' y LEUCINE         ? 'C6 H13 N O2'    131.173 
LYS 'L-peptide linking' y LYSINE          ? 'C6 H15 N2 O2 1' 147.195 
PHE 'L-peptide linking' y PHENYLALANINE   ? 'C9 H11 N O2'    165.189 
PRO 'L-peptide linking' y PROLINE         ? 'C5 H9 N O2'     115.130 
SER 'L-peptide linking' y SERINE          ? 'C3 H7 N O3'     105.093 
THR 'L-peptide linking' y THREONINE       ? 'C4 H9 N O3'     119.119 
TRP 'L-peptide linking' y TRYPTOPHAN      ? 'C11 H12 N2 O2'  204.225 
TYR 'L-peptide linking' y TYROSINE        ? 'C9 H11 N O3'    181.189 
VAL 'L-peptide linking' y VALINE          ? 'C5 H11 N O2'    117.146 
# 
loop_
_pdbx_poly_seq_scheme.asym_id 
_pdbx_poly_seq_scheme.entity_id 
_pdbx_poly_seq_scheme.seq_id 
_pdbx_poly_seq_scheme.mon_id 
_pdbx_poly_seq_scheme.ndb_seq_num 
_pdbx_poly_seq_scheme.pdb_seq_num 
_pdbx_poly_seq_scheme.auth_seq_num 
_pdbx_poly_seq_scheme.pdb_mon_id 
_pdbx_poly_seq_scheme.auth_mon_id 
_pdbx_poly_seq_scheme.pdb_strand_id 
_pdbx_poly_seq_scheme.pdb_ins_code 
_pdbx_poly_seq_scheme.hetero 
A 1 1   GLU 1   1   1   GLU GLU A . n 
A 1 2   SER 2   2   2   SER SER A . n 
A 1 3   ILE 3   3   3   ILE ILE A . n 
A 1 4   GLU 4   4   4   GLU GLU A . n 
A 1 5   SER 5   5   5   SER SER A . n 
A 1 6   ILE 6   6   6   ILE ILE A . n 
A 1 7   THR 7   7   7   THR THR A . n 
A 1 8   ASP 8   8   8   ASP ASP A . n 
A 1 9   ASN 9   9   9   ASN ASN A . n 
A 1 10  TYR 10  10  10  TYR TYR A . n 
A 1 11  LEU 11  11  11  LEU LEU A . n 
A 1 12  PHE 12  12  12  PHE PHE A . n 
A 1 13  SER 13  13  13  SER SER A . n 
A 1 14  THR 14  14  14  THR THR A . n 
A 1 15  SER 15  15  15  SER SER A . n 
A 1 16  PRO 16  16  16  PRO PRO A . n 
A 1 17  SER 17  17  17  SER SER A . n 
A 1 18  GLN 18  18  18  GLN GLN A . n 
A 1 19  PHE 19  19  19  PHE PHE A . n 
A 1 20  GLU 20  20  20  GLU GLU A . n 
A 1 21  LYS 21  21  21  LYS LYS A . n 
A 1 22  VAL 22  22  22  VAL VAL A . n 
A 1 23  ARG 23  23  23  ARG ARG A . n 
A 1 24  ASP 24  24  24  ASP ASP A . n 
A 1 25  GLU 25  25  25  GLU GLU A . n 
A 1 26  ARG 26  26  26  ARG ARG A . n 
A 1 27  PRO 27  27  27  PRO PRO A . n 
A 1 28  HIS 28  28  28  HIS HIS A . n 
A 1 29  ALA 29  29  29  ALA ALA A . n 
A 1 30  ASP 30  30  30  ASP ASP A . n 
A 1 31  LYS 31  31  31  LYS LYS A . n 
A 1 32  LEU 32  32  32  LEU LEU A . n 
A 1 33  ASP 33  33  33  ASP ASP A . n 
A 1 34  TRP 34  34  34  TRP TRP A . n 
A 1 35  SER 35  35  35  SER SER A . n 
A 1 36  SER 36  36  36  SER SER A . n 
A 1 37  ASP 37  37  37  ASP ASP A . n 
A 1 38  SER 38  38  38  SER SER A . n 
A 1 39  CYS 39  39  39  CYS CYS A . n 
A 1 40  SER 40  40  40  SER SER A . n 
A 1 41  TRP 41  41  41  TRP TRP A . n 
A 1 42  ALA 42  42  42  ALA ALA A . n 
A 1 43  PRO 43  43  43  PRO PRO A . n 
A 1 44  ASP 44  44  44  ASP ASP A . n 
A 1 45  LYS 45  45  45  LYS LYS A . n 
A 1 46  PRO 46  46  46  PRO PRO A . n 
A 1 47  VAL 47  47  47  VAL VAL A . n 
A 1 48  GLY 48  48  48  GLY GLY A . n 
A 1 49  PHE 49  49  49  PHE PHE A . n 
A 1 50  ASP 50  50  50  ASP ASP A . n 
A 1 51  PHE 51  51  51  PHE PHE A . n 
A 1 52  ASP 52  52  52  ASP ASP A . n 
A 1 53  PRO 53  53  53  PRO PRO A . n 
A 1 54  ALA 54  54  54  ALA ALA A . n 
A 1 55  CYS 55  55  55  CYS CYS A . n 
A 1 56  HIS 56  56  56  HIS HIS A . n 
A 1 57  ARG 57  57  57  ARG ARG A . n 
A 1 58  HIS 58  58  58  HIS HIS A . n 
A 1 59  ASP 59  59  59  ASP ASP A . n 
A 1 60  PHE 60  60  60  PHE PHE A . n 
A 1 61  GLY 61  61  61  GLY GLY A . n 
A 1 62  TYR 62  62  62  TYR TYR A . n 
A 1 63  ARG 63  63  63  ARG ARG A . n 
A 1 64  ASN 64  64  64  ASN ASN A . n 
A 1 65  TYR 65  65  65  TYR TYR A . n 
A 1 66  LYS 66  66  66  LYS LYS A . n 
A 1 67  LYS 67  67  67  LYS LYS A . n 
A 1 68  GLN 68  68  68  GLN GLN A . n 
A 1 69  SER 69  69  69  SER SER A . n 
A 1 70  ARG 70  70  70  ARG ARG A . n 
A 1 71  PHE 71  71  71  PHE PHE A . n 
A 1 72  ASP 72  72  72  ASP ASP A . n 
A 1 73  ASP 73  73  73  ASP ASP A . n 
A 1 74  THR 74  74  74  THR THR A . n 
A 1 75  SER 75  75  75  SER SER A . n 
A 1 76  LYS 76  76  76  LYS LYS A . n 
A 1 77  LYS 77  77  77  LYS LYS A . n 
A 1 78  ARG 78  78  78  ARG ARG A . n 
A 1 79  ILE 79  79  79  ILE ILE A . n 
A 1 80  ASP 80  80  80  ASP ASP A . n 
A 1 81  ASP 81  81  81  ASP ASP A . n 
A 1 82  ASN 82  82  82  ASN ASN A . n 
A 1 83  PHE 83  83  83  PHE PHE A . n 
A 1 84  TYR 84  84  84  TYR TYR A . n 
A 1 85  SER 85  85  85  SER SER A . n 
A 1 86  ASP 86  86  86  ASP ASP A . n 
A 1 87  LEU 87  87  87  LEU LEU A . n 
A 1 88  LYS 88  88  88  LYS LYS A . n 
A 1 89  GLY 89  89  89  GLY GLY A . n 
A 1 90  ILE 90  90  90  ILE ILE A . n 
A 1 91  CYS 91  91  91  CYS CYS A . n 
A 1 92  HIS 92  92  92  HIS HIS A . n 
A 1 93  GLY 93  93  93  GLY GLY A . n 
A 1 94  ASN 94  94  94  ASN ASN A . n 
A 1 95  GLY 95  95  95  GLY GLY A . n 
A 1 96  SER 96  96  96  SER SER A . n 
A 1 97  CYS 97  97  97  CYS CYS A . n 
A 1 98  ASN 98  98  98  ASN ASN A . n 
A 1 99  ALA 99  99  99  ALA ALA A . n 
A 1 100 LEU 100 100 100 LEU LEU A . n 
A 1 101 ALA 101 101 101 ALA ALA A . n 
A 1 102 TRP 102 102 102 TRP TRP A . n 
A 1 103 THR 103 103 103 THR THR A . n 
A 1 104 TYR 104 104 104 TYR TYR A . n 
A 1 105 TYR 105 105 105 TYR TYR A . n 
A 1 106 GLN 106 106 106 GLN GLN A . n 
A 1 107 ALA 107 107 107 ALA ALA A . n 
A 1 108 VAL 108 108 108 VAL VAL A . n 
A 1 109 ARG 109 109 109 ARG ARG A . n 
A 1 110 LYS 110 110 110 LYS LYS A . n 
A 1 111 PHE 111 111 111 PHE PHE A . n 
A 1 112 GLY 112 112 112 GLY GLY A . n 
A 1 113 SER 113 113 ?   ?   ?   A . n 
# 
loop_
_pdbx_nonpoly_scheme.asym_id 
_pdbx_nonpoly_scheme.entity_id 
_pdbx_nonpoly_scheme.mon_id 
_pdbx_nonpoly_scheme.ndb_seq_num 
_pdbx_nonpoly_scheme.pdb_seq_num 
_pdbx_nonpoly_scheme.auth_seq_num 
_pdbx_nonpoly_scheme.pdb_mon_id 
_pdbx_nonpoly_scheme.auth_mon_id 
_pdbx_nonpoly_scheme.pdb_strand_id 
_pdbx_nonpoly_scheme.pdb_ins_code 
B 2 HOH 1  201 228 HOH HOH A . 
B 2 HOH 2  202 294 HOH HOH A . 
B 2 HOH 3  203 255 HOH HOH A . 
B 2 HOH 4  204 281 HOH HOH A . 
B 2 HOH 5  205 284 HOH HOH A . 
B 2 HOH 6  206 273 HOH HOH A . 
B 2 HOH 7  207 260 HOH HOH A . 
B 2 HOH 8  208 235 HOH HOH A . 
B 2 HOH 9  209 256 HOH HOH A . 
B 2 HOH 10 210 269 HOH HOH A . 
B 2 HOH 11 211 220 HOH HOH A . 
B 2 HOH 12 212 254 HOH HOH A . 
B 2 HOH 13 213 234 HOH HOH A . 
B 2 HOH 14 214 233 HOH HOH A . 
B 2 HOH 15 215 238 HOH HOH A . 
B 2 HOH 16 216 243 HOH HOH A . 
B 2 HOH 17 217 237 HOH HOH A . 
B 2 HOH 18 218 218 HOH HOH A . 
B 2 HOH 19 219 242 HOH HOH A . 
B 2 HOH 20 220 276 HOH HOH A . 
B 2 HOH 21 221 231 HOH HOH A . 
B 2 HOH 22 222 201 HOH HOH A . 
B 2 HOH 23 223 209 HOH HOH A . 
B 2 HOH 24 224 200 HOH HOH A . 
B 2 HOH 25 225 253 HOH HOH A . 
B 2 HOH 26 226 208 HOH HOH A . 
B 2 HOH 27 227 224 HOH HOH A . 
B 2 HOH 28 228 262 HOH HOH A . 
B 2 HOH 29 229 214 HOH HOH A . 
B 2 HOH 30 230 259 HOH HOH A . 
B 2 HOH 31 231 288 HOH HOH A . 
B 2 HOH 32 232 251 HOH HOH A . 
B 2 HOH 33 233 293 HOH HOH A . 
B 2 HOH 34 234 248 HOH HOH A . 
B 2 HOH 35 235 211 HOH HOH A . 
B 2 HOH 36 236 216 HOH HOH A . 
B 2 HOH 37 237 287 HOH HOH A . 
B 2 HOH 38 238 203 HOH HOH A . 
B 2 HOH 39 239 245 HOH HOH A . 
B 2 HOH 40 240 266 HOH HOH A . 
B 2 HOH 41 241 207 HOH HOH A . 
B 2 HOH 42 242 246 HOH HOH A . 
B 2 HOH 43 243 241 HOH HOH A . 
B 2 HOH 44 244 286 HOH HOH A . 
B 2 HOH 45 245 223 HOH HOH A . 
B 2 HOH 46 246 270 HOH HOH A . 
B 2 HOH 47 247 247 HOH HOH A . 
B 2 HOH 48 248 217 HOH HOH A . 
B 2 HOH 49 249 289 HOH HOH A . 
B 2 HOH 50 250 249 HOH HOH A . 
B 2 HOH 51 251 263 HOH HOH A . 
B 2 HOH 52 252 264 HOH HOH A . 
B 2 HOH 53 253 268 HOH HOH A . 
B 2 HOH 54 254 230 HOH HOH A . 
B 2 HOH 55 255 275 HOH HOH A . 
B 2 HOH 56 256 285 HOH HOH A . 
B 2 HOH 57 257 213 HOH HOH A . 
B 2 HOH 58 258 210 HOH HOH A . 
B 2 HOH 59 259 252 HOH HOH A . 
B 2 HOH 60 260 236 HOH HOH A . 
B 2 HOH 61 261 239 HOH HOH A . 
B 2 HOH 62 262 202 HOH HOH A . 
B 2 HOH 63 263 204 HOH HOH A . 
B 2 HOH 64 264 227 HOH HOH A . 
B 2 HOH 65 265 250 HOH HOH A . 
B 2 HOH 66 266 222 HOH HOH A . 
B 2 HOH 67 267 278 HOH HOH A . 
B 2 HOH 68 268 291 HOH HOH A . 
B 2 HOH 69 269 267 HOH HOH A . 
B 2 HOH 70 270 240 HOH HOH A . 
B 2 HOH 71 271 274 HOH HOH A . 
B 2 HOH 72 272 205 HOH HOH A . 
B 2 HOH 73 273 212 HOH HOH A . 
B 2 HOH 74 274 229 HOH HOH A . 
B 2 HOH 75 275 206 HOH HOH A . 
B 2 HOH 76 276 232 HOH HOH A . 
B 2 HOH 77 277 271 HOH HOH A . 
B 2 HOH 78 278 279 HOH HOH A . 
B 2 HOH 79 279 282 HOH HOH A . 
B 2 HOH 80 280 244 HOH HOH A . 
B 2 HOH 81 281 283 HOH HOH A . 
B 2 HOH 82 282 226 HOH HOH A . 
B 2 HOH 83 283 258 HOH HOH A . 
B 2 HOH 84 284 221 HOH HOH A . 
B 2 HOH 85 285 290 HOH HOH A . 
B 2 HOH 86 286 257 HOH HOH A . 
B 2 HOH 87 287 219 HOH HOH A . 
B 2 HOH 88 288 261 HOH HOH A . 
B 2 HOH 89 289 225 HOH HOH A . 
B 2 HOH 90 290 215 HOH HOH A . 
B 2 HOH 91 291 280 HOH HOH A . 
B 2 HOH 92 292 272 HOH HOH A . 
B 2 HOH 93 293 265 HOH HOH A . 
B 2 HOH 94 294 277 HOH HOH A . 
B 2 HOH 95 295 292 HOH HOH A . 
# 
loop_
_software.citation_id 
_software.classification 
_software.compiler_name 
_software.compiler_version 
_software.contact_author 
_software.contact_author_email 
_software.date 
_software.description 
_software.dependencies 
_software.hardware 
_software.language 
_software.location 
_software.mods 
_software.name 
_software.os 
_software.os_version 
_software.type 
_software.version 
_software.pdbx_ordinal 
? 'model building' ? ? ? ? ? ? ? ? ? ? ? Coot   ? ? ? 1.10.1_2155 1 
? refinement       ? ? ? ? ? ? ? ? ? ? ? PHENIX ? ? ? 1.10.1_2155 2 
? 'data reduction' ? ? ? ? ? ? ? ? ? ? ? XDS    ? ? ? .           3 
? 'data scaling'   ? ? ? ? ? ? ? ? ? ? ? XSCALE ? ? ? .           4 
? phasing          ? ? ? ? ? ? ? ? ? ? ? PHASER ? ? ? .           5 
# 
_cell.angle_alpha                  90.000 
_cell.angle_alpha_esd              ? 
_cell.angle_beta                   91.546 
_cell.angle_beta_esd               ? 
_cell.angle_gamma                  90.000 
_cell.angle_gamma_esd              ? 
_cell.entry_id                     7YGK 
_cell.details                      ? 
_cell.formula_units_Z              ? 
_cell.length_a                     47.380 
_cell.length_a_esd                 ? 
_cell.length_b                     39.680 
_cell.length_b_esd                 ? 
_cell.length_c                     54.300 
_cell.length_c_esd                 ? 
_cell.volume                       102048.924 
_cell.volume_esd                   ? 
_cell.Z_PDB                        4 
_cell.reciprocal_angle_alpha       ? 
_cell.reciprocal_angle_beta        ? 
_cell.reciprocal_angle_gamma       ? 
_cell.reciprocal_angle_alpha_esd   ? 
_cell.reciprocal_angle_beta_esd    ? 
_cell.reciprocal_angle_gamma_esd   ? 
_cell.reciprocal_length_a          ? 
_cell.reciprocal_length_b          ? 
_cell.reciprocal_length_c          ? 
_cell.reciprocal_length_a_esd      ? 
_cell.reciprocal_length_b_esd      ? 
_cell.reciprocal_length_c_esd      ? 
_cell.pdbx_unique_axis             ? 
_cell.pdbx_esd_method              ? 
# 
_symmetry.entry_id                         7YGK 
_symmetry.cell_setting                     ? 
_symmetry.Int_Tables_number                5 
_symmetry.space_group_name_Hall            'C 2y' 
_symmetry.space_group_name_H-M             'C 1 2 1' 
_symmetry.pdbx_full_space_group_name_H-M   ? 
# 
_exptl.absorpt_coefficient_mu     ? 
_exptl.absorpt_correction_T_max   ? 
_exptl.absorpt_correction_T_min   ? 
_exptl.absorpt_correction_type    ? 
_exptl.absorpt_process_details    ? 
_exptl.entry_id                   7YGK 
_exptl.crystals_number            1 
_exptl.details                    ? 
_exptl.method                     'X-RAY DIFFRACTION' 
_exptl.method_details             ? 
# 
_exptl_crystal.colour                       ? 
_exptl_crystal.density_diffrn               ? 
_exptl_crystal.density_Matthews             1.94 
_exptl_crystal.density_method               ? 
_exptl_crystal.density_percent_sol          36.72 
_exptl_crystal.description                  ? 
_exptl_crystal.F_000                        ? 
_exptl_crystal.id                           1 
_exptl_crystal.preparation                  ? 
_exptl_crystal.size_max                     ? 
_exptl_crystal.size_mid                     ? 
_exptl_crystal.size_min                     ? 
_exptl_crystal.size_rad                     ? 
_exptl_crystal.colour_lustre                ? 
_exptl_crystal.colour_modifier              ? 
_exptl_crystal.colour_primary               ? 
_exptl_crystal.density_meas                 ? 
_exptl_crystal.density_meas_esd             ? 
_exptl_crystal.density_meas_gt              ? 
_exptl_crystal.density_meas_lt              ? 
_exptl_crystal.density_meas_temp            ? 
_exptl_crystal.density_meas_temp_esd        ? 
_exptl_crystal.density_meas_temp_gt         ? 
_exptl_crystal.density_meas_temp_lt         ? 
_exptl_crystal.pdbx_crystal_image_url       ? 
_exptl_crystal.pdbx_crystal_image_format    ? 
_exptl_crystal.pdbx_mosaicity               ? 
_exptl_crystal.pdbx_mosaicity_esd           ? 
_exptl_crystal.pdbx_mosaic_method           ? 
_exptl_crystal.pdbx_mosaic_block_size       ? 
_exptl_crystal.pdbx_mosaic_block_size_esd   ? 
# 
_exptl_crystal_grow.apparatus       ? 
_exptl_crystal_grow.atmosphere      ? 
_exptl_crystal_grow.crystal_id      1 
_exptl_crystal_grow.details         ? 
_exptl_crystal_grow.method          MICROBATCH 
_exptl_crystal_grow.method_ref      ? 
_exptl_crystal_grow.pH              5.5 
_exptl_crystal_grow.pressure        ? 
_exptl_crystal_grow.pressure_esd    ? 
_exptl_crystal_grow.seeding         ? 
_exptl_crystal_grow.seeding_ref     ? 
_exptl_crystal_grow.temp            295.15 
_exptl_crystal_grow.temp_details    ? 
_exptl_crystal_grow.temp_esd        ? 
_exptl_crystal_grow.time            ? 
_exptl_crystal_grow.pdbx_details    '100 mM citrate pH 5.5, 40% (v/v) PEG 600' 
_exptl_crystal_grow.pdbx_pH_range   ? 
# 
_diffrn.ambient_environment              ? 
_diffrn.ambient_temp                     100 
_diffrn.ambient_temp_details             ? 
_diffrn.ambient_temp_esd                 ? 
_diffrn.crystal_id                       1 
_diffrn.crystal_support                  ? 
_diffrn.crystal_treatment                ? 
_diffrn.details                          ? 
_diffrn.id                               1 
_diffrn.ambient_pressure                 ? 
_diffrn.ambient_pressure_esd             ? 
_diffrn.ambient_pressure_gt              ? 
_diffrn.ambient_pressure_lt              ? 
_diffrn.ambient_temp_gt                  ? 
_diffrn.ambient_temp_lt                  ? 
_diffrn.pdbx_serial_crystal_experiment   N 
# 
_diffrn_detector.details                      ? 
_diffrn_detector.detector                     PIXEL 
_diffrn_detector.diffrn_id                    1 
_diffrn_detector.type                         'DECTRIS EIGER X 9M' 
_diffrn_detector.area_resol_mean              ? 
_diffrn_detector.dtime                        ? 
_diffrn_detector.pdbx_frames_total            ? 
_diffrn_detector.pdbx_collection_time_total   ? 
_diffrn_detector.pdbx_collection_date         2020-07-15 
_diffrn_detector.pdbx_frequency               ? 
# 
_diffrn_radiation.collimation                      ? 
_diffrn_radiation.diffrn_id                        1 
_diffrn_radiation.filter_edge                      ? 
_diffrn_radiation.inhomogeneity                    ? 
_diffrn_radiation.monochromator                    ? 
_diffrn_radiation.polarisn_norm                    ? 
_diffrn_radiation.polarisn_ratio                   ? 
_diffrn_radiation.probe                            ? 
_diffrn_radiation.type                             ? 
_diffrn_radiation.xray_symbol                      ? 
_diffrn_radiation.wavelength_id                    1 
_diffrn_radiation.pdbx_monochromatic_or_laue_m_l   M 
_diffrn_radiation.pdbx_wavelength_list             ? 
_diffrn_radiation.pdbx_wavelength                  ? 
_diffrn_radiation.pdbx_diffrn_protocol             'SINGLE WAVELENGTH' 
_diffrn_radiation.pdbx_analyzer                    ? 
_diffrn_radiation.pdbx_scattering_type             x-ray 
# 
_diffrn_radiation_wavelength.id           1 
_diffrn_radiation_wavelength.wavelength   1 
_diffrn_radiation_wavelength.wt           1.0 
# 
_diffrn_source.current                     ? 
_diffrn_source.details                     ? 
_diffrn_source.diffrn_id                   1 
_diffrn_source.power                       ? 
_diffrn_source.size                        ? 
_diffrn_source.source                      SYNCHROTRON 
_diffrn_source.target                      ? 
_diffrn_source.type                        'PAL/PLS BEAMLINE 5C (4A)' 
_diffrn_source.voltage                     ? 
_diffrn_source.take-off_angle              ? 
_diffrn_source.pdbx_wavelength_list        1 
_diffrn_source.pdbx_wavelength             ? 
_diffrn_source.pdbx_synchrotron_beamline   '5C (4A)' 
_diffrn_source.pdbx_synchrotron_site       PAL/PLS 
# 
_reflns.B_iso_Wilson_estimate                          12.0635467259 
_reflns.entry_id                                       7YGK 
_reflns.data_reduction_details                         ? 
_reflns.data_reduction_method                          ? 
_reflns.d_resolution_high                              1.24 
_reflns.d_resolution_low                               50 
_reflns.details                                        ? 
_reflns.limit_h_max                                    ? 
_reflns.limit_h_min                                    ? 
_reflns.limit_k_max                                    ? 
_reflns.limit_k_min                                    ? 
_reflns.limit_l_max                                    ? 
_reflns.limit_l_min                                    ? 
_reflns.number_all                                     ? 
_reflns.number_obs                                     28410 
_reflns.observed_criterion                             ? 
_reflns.observed_criterion_F_max                       ? 
_reflns.observed_criterion_F_min                       ? 
_reflns.observed_criterion_I_max                       ? 
_reflns.observed_criterion_I_min                       ? 
_reflns.observed_criterion_sigma_F                     ? 
_reflns.observed_criterion_sigma_I                     ? 
_reflns.percent_possible_obs                           99.1 
_reflns.R_free_details                                 ? 
_reflns.Rmerge_F_all                                   ? 
_reflns.Rmerge_F_obs                                   ? 
_reflns.Friedel_coverage                               ? 
_reflns.number_gt                                      ? 
_reflns.threshold_expression                           ? 
_reflns.pdbx_redundancy                                6.4 
_reflns.pdbx_Rmerge_I_obs                              ? 
_reflns.pdbx_Rmerge_I_all                              ? 
_reflns.pdbx_Rsym_value                                ? 
_reflns.pdbx_netI_over_av_sigmaI                       ? 
_reflns.pdbx_netI_over_sigmaI                          15.7 
_reflns.pdbx_res_netI_over_av_sigmaI_2                 ? 
_reflns.pdbx_res_netI_over_sigmaI_2                    ? 
_reflns.pdbx_chi_squared                               ? 
_reflns.pdbx_scaling_rejects                           ? 
_reflns.pdbx_d_res_high_opt                            ? 
_reflns.pdbx_d_res_low_opt                             ? 
_reflns.pdbx_d_res_opt_method                          ? 
_reflns.phase_calculation_details                      ? 
_reflns.pdbx_Rrim_I_all                                ? 
_reflns.pdbx_Rpim_I_all                                ? 
_reflns.pdbx_d_opt                                     ? 
_reflns.pdbx_number_measured_all                       ? 
_reflns.pdbx_diffrn_id                                 1 
_reflns.pdbx_ordinal                                   1 
_reflns.pdbx_CC_half                                   0.995 
_reflns.pdbx_CC_star                                   ? 
_reflns.pdbx_R_split                                   ? 
_reflns.pdbx_aniso_diffraction_limit_axis_1_ortho[1]   ? 
_reflns.pdbx_aniso_diffraction_limit_axis_1_ortho[2]   ? 
_reflns.pdbx_aniso_diffraction_limit_axis_1_ortho[3]   ? 
_reflns.pdbx_aniso_diffraction_limit_axis_2_ortho[1]   ? 
_reflns.pdbx_aniso_diffraction_limit_axis_2_ortho[2]   ? 
_reflns.pdbx_aniso_diffraction_limit_axis_2_ortho[3]   ? 
_reflns.pdbx_aniso_diffraction_limit_axis_3_ortho[1]   ? 
_reflns.pdbx_aniso_diffraction_limit_axis_3_ortho[2]   ? 
_reflns.pdbx_aniso_diffraction_limit_axis_3_ortho[3]   ? 
_reflns.pdbx_aniso_diffraction_limit_1                 ? 
_reflns.pdbx_aniso_diffraction_limit_2                 ? 
_reflns.pdbx_aniso_diffraction_limit_3                 ? 
_reflns.pdbx_aniso_B_tensor_eigenvector_1_ortho[1]     ? 
_reflns.pdbx_aniso_B_tensor_eigenvector_1_ortho[2]     ? 
_reflns.pdbx_aniso_B_tensor_eigenvector_1_ortho[3]     ? 
_reflns.pdbx_aniso_B_tensor_eigenvector_2_ortho[1]     ? 
_reflns.pdbx_aniso_B_tensor_eigenvector_2_ortho[2]     ? 
_reflns.pdbx_aniso_B_tensor_eigenvector_2_ortho[3]     ? 
_reflns.pdbx_aniso_B_tensor_eigenvector_3_ortho[1]     ? 
_reflns.pdbx_aniso_B_tensor_eigenvector_3_ortho[2]     ? 
_reflns.pdbx_aniso_B_tensor_eigenvector_3_ortho[3]     ? 
_reflns.pdbx_aniso_B_tensor_eigenvalue_1               ? 
_reflns.pdbx_aniso_B_tensor_eigenvalue_2               ? 
_reflns.pdbx_aniso_B_tensor_eigenvalue_3               ? 
_reflns.pdbx_orthogonalization_convention              ? 
_reflns.pdbx_percent_possible_ellipsoidal              ? 
_reflns.pdbx_percent_possible_spherical                ? 
_reflns.pdbx_percent_possible_ellipsoidal_anomalous    ? 
_reflns.pdbx_percent_possible_spherical_anomalous      ? 
_reflns.pdbx_redundancy_anomalous                      ? 
_reflns.pdbx_CC_half_anomalous                         ? 
_reflns.pdbx_absDiff_over_sigma_anomalous              ? 
_reflns.pdbx_percent_possible_anomalous                ? 
_reflns.pdbx_observed_signal_threshold                 ? 
_reflns.pdbx_signal_type                               ? 
_reflns.pdbx_signal_details                            ? 
_reflns.pdbx_signal_software_id                        ? 
_reflns.pdbx_CC_split_method                           ? 
# 
_reflns_shell.d_res_high                                    1.24 
_reflns_shell.d_res_low                                     1.29 
_reflns_shell.meanI_over_sigI_all                           ? 
_reflns_shell.meanI_over_sigI_obs                           ? 
_reflns_shell.number_measured_all                           ? 
_reflns_shell.number_measured_obs                           ? 
_reflns_shell.number_possible                               ? 
_reflns_shell.number_unique_all                             ? 
_reflns_shell.number_unique_obs                             2762 
_reflns_shell.percent_possible_all                          ? 
_reflns_shell.percent_possible_obs                          ? 
_reflns_shell.Rmerge_F_all                                  ? 
_reflns_shell.Rmerge_F_obs                                  ? 
_reflns_shell.Rmerge_I_all                                  ? 
_reflns_shell.Rmerge_I_obs                                  ? 
_reflns_shell.meanI_over_sigI_gt                            ? 
_reflns_shell.meanI_over_uI_all                             ? 
_reflns_shell.meanI_over_uI_gt                              ? 
_reflns_shell.number_measured_gt                            ? 
_reflns_shell.number_unique_gt                              ? 
_reflns_shell.percent_possible_gt                           ? 
_reflns_shell.Rmerge_F_gt                                   ? 
_reflns_shell.Rmerge_I_gt                                   ? 
_reflns_shell.pdbx_redundancy                               ? 
_reflns_shell.pdbx_Rsym_value                               ? 
_reflns_shell.pdbx_chi_squared                              ? 
_reflns_shell.pdbx_netI_over_sigmaI_all                     ? 
_reflns_shell.pdbx_netI_over_sigmaI_obs                     ? 
_reflns_shell.pdbx_Rrim_I_all                               ? 
_reflns_shell.pdbx_Rpim_I_all                               ? 
_reflns_shell.pdbx_rejects                                  ? 
_reflns_shell.pdbx_ordinal                                  1 
_reflns_shell.pdbx_diffrn_id                                1 
_reflns_shell.pdbx_CC_half                                  0.995 
_reflns_shell.pdbx_CC_star                                  ? 
_reflns_shell.pdbx_R_split                                  ? 
_reflns_shell.pdbx_percent_possible_ellipsoidal             ? 
_reflns_shell.pdbx_percent_possible_spherical               ? 
_reflns_shell.pdbx_percent_possible_ellipsoidal_anomalous   ? 
_reflns_shell.pdbx_percent_possible_spherical_anomalous     ? 
_reflns_shell.pdbx_redundancy_anomalous                     ? 
_reflns_shell.pdbx_CC_half_anomalous                        ? 
_reflns_shell.pdbx_absDiff_over_sigma_anomalous             ? 
_reflns_shell.pdbx_percent_possible_anomalous               ? 
# 
_refine.aniso_B[1][1]                            ? 
_refine.aniso_B[1][2]                            ? 
_refine.aniso_B[1][3]                            ? 
_refine.aniso_B[2][2]                            ? 
_refine.aniso_B[2][3]                            ? 
_refine.aniso_B[3][3]                            ? 
_refine.B_iso_max                                ? 
_refine.B_iso_mean                               16.4362721893 
_refine.B_iso_min                                ? 
_refine.correlation_coeff_Fo_to_Fc               ? 
_refine.correlation_coeff_Fo_to_Fc_free          ? 
_refine.details                                  ? 
_refine.diff_density_max                         ? 
_refine.diff_density_max_esd                     ? 
_refine.diff_density_min                         ? 
_refine.diff_density_min_esd                     ? 
_refine.diff_density_rms                         ? 
_refine.diff_density_rms_esd                     ? 
_refine.entry_id                                 7YGK 
_refine.pdbx_refine_id                           'X-RAY DIFFRACTION' 
_refine.ls_abs_structure_details                 ? 
_refine.ls_abs_structure_Flack                   ? 
_refine.ls_abs_structure_Flack_esd               ? 
_refine.ls_abs_structure_Rogers                  ? 
_refine.ls_abs_structure_Rogers_esd              ? 
_refine.ls_d_res_high                            1.24 
_refine.ls_d_res_low                             27.1401170362 
_refine.ls_extinction_coef                       ? 
_refine.ls_extinction_coef_esd                   ? 
_refine.ls_extinction_expression                 ? 
_refine.ls_extinction_method                     ? 
_refine.ls_goodness_of_fit_all                   ? 
_refine.ls_goodness_of_fit_all_esd               ? 
_refine.ls_goodness_of_fit_obs                   ? 
_refine.ls_goodness_of_fit_obs_esd               ? 
_refine.ls_hydrogen_treatment                    ? 
_refine.ls_matrix_type                           ? 
_refine.ls_number_constraints                    ? 
_refine.ls_number_parameters                     ? 
_refine.ls_number_reflns_all                     ? 
_refine.ls_number_reflns_obs                     28409 
_refine.ls_number_reflns_R_free                  1983 
_refine.ls_number_reflns_R_work                  26426 
_refine.ls_number_restraints                     ? 
_refine.ls_percent_reflns_obs                    99.1034675225 
_refine.ls_percent_reflns_R_free                 6.98018233658 
_refine.ls_R_factor_all                          ? 
_refine.ls_R_factor_obs                          0.17661699011 
_refine.ls_R_factor_R_free                       0.19715705092 
_refine.ls_R_factor_R_free_error                 ? 
_refine.ls_R_factor_R_free_error_details         ? 
_refine.ls_R_factor_R_work                       0.175117192055 
_refine.ls_R_Fsqd_factor_obs                     ? 
_refine.ls_R_I_factor_obs                        ? 
_refine.ls_redundancy_reflns_all                 ? 
_refine.ls_redundancy_reflns_obs                 ? 
_refine.ls_restrained_S_all                      ? 
_refine.ls_restrained_S_obs                      ? 
_refine.ls_shift_over_esd_max                    ? 
_refine.ls_shift_over_esd_mean                   ? 
_refine.ls_structure_factor_coef                 ? 
_refine.ls_weighting_details                     ? 
_refine.ls_weighting_scheme                      ? 
_refine.ls_wR_factor_all                         ? 
_refine.ls_wR_factor_obs                         ? 
_refine.ls_wR_factor_R_free                      ? 
_refine.ls_wR_factor_R_work                      ? 
_refine.occupancy_max                            ? 
_refine.occupancy_min                            ? 
_refine.solvent_model_details                    'FLAT BULK SOLVENT MODEL' 
_refine.solvent_model_param_bsol                 ? 
_refine.solvent_model_param_ksol                 ? 
_refine.pdbx_R_complete                          ? 
_refine.ls_R_factor_gt                           ? 
_refine.ls_goodness_of_fit_gt                    ? 
_refine.ls_goodness_of_fit_ref                   ? 
_refine.ls_shift_over_su_max                     ? 
_refine.ls_shift_over_su_max_lt                  ? 
_refine.ls_shift_over_su_mean                    ? 
_refine.ls_shift_over_su_mean_lt                 ? 
_refine.pdbx_ls_sigma_I                          ? 
_refine.pdbx_ls_sigma_F                          1.38832396263 
_refine.pdbx_ls_sigma_Fsqd                       ? 
_refine.pdbx_data_cutoff_high_absF               ? 
_refine.pdbx_data_cutoff_high_rms_absF           ? 
_refine.pdbx_data_cutoff_low_absF                ? 
_refine.pdbx_isotropic_thermal_model             ? 
_refine.pdbx_ls_cross_valid_method               NONE 
_refine.pdbx_method_to_determine_struct          'MOLECULAR REPLACEMENT' 
_refine.pdbx_starting_model                      1FAZ 
_refine.pdbx_stereochemistry_target_values       'GeoStd + Monomer Library + CDL v1.2' 
_refine.pdbx_R_Free_selection_details            ? 
_refine.pdbx_stereochem_target_val_spec_case     ? 
_refine.pdbx_overall_ESU_R                       ? 
_refine.pdbx_overall_ESU_R_Free                  ? 
_refine.pdbx_solvent_vdw_probe_radii             1.11 
_refine.pdbx_solvent_ion_probe_radii             ? 
_refine.pdbx_solvent_shrinkage_radii             0.9 
_refine.pdbx_real_space_R                        ? 
_refine.pdbx_density_correlation                 ? 
_refine.pdbx_pd_number_of_powder_patterns        ? 
_refine.pdbx_pd_number_of_points                 ? 
_refine.pdbx_pd_meas_number_of_points            ? 
_refine.pdbx_pd_proc_ls_prof_R_factor            ? 
_refine.pdbx_pd_proc_ls_prof_wR_factor           ? 
_refine.pdbx_pd_Marquardt_correlation_coeff      ? 
_refine.pdbx_pd_Fsqrd_R_factor                   ? 
_refine.pdbx_pd_ls_matrix_band_width             ? 
_refine.pdbx_overall_phase_error                 19.857953424 
_refine.pdbx_overall_SU_R_free_Cruickshank_DPI   ? 
_refine.pdbx_overall_SU_R_free_Blow_DPI          ? 
_refine.pdbx_overall_SU_R_Blow_DPI               ? 
_refine.pdbx_TLS_residual_ADP_flag               ? 
_refine.pdbx_diffrn_id                           1 
_refine.overall_SU_B                             ? 
_refine.overall_SU_ML                            0.11578879992 
_refine.overall_SU_R_Cruickshank_DPI             ? 
_refine.overall_SU_R_free                        ? 
_refine.overall_FOM_free_R_set                   ? 
_refine.overall_FOM_work_R_set                   ? 
_refine.pdbx_average_fsc_overall                 ? 
_refine.pdbx_average_fsc_work                    ? 
_refine.pdbx_average_fsc_free                    ? 
# 
_refine_hist.pdbx_refine_id                   'X-RAY DIFFRACTION' 
_refine_hist.cycle_id                         LAST 
_refine_hist.details                          ? 
_refine_hist.d_res_high                       1.24 
_refine_hist.d_res_low                        27.1401170362 
_refine_hist.number_atoms_solvent             95 
_refine_hist.number_atoms_total               1014 
_refine_hist.number_reflns_all                ? 
_refine_hist.number_reflns_obs                ? 
_refine_hist.number_reflns_R_free             ? 
_refine_hist.number_reflns_R_work             ? 
_refine_hist.R_factor_all                     ? 
_refine_hist.R_factor_obs                     ? 
_refine_hist.R_factor_R_free                  ? 
_refine_hist.R_factor_R_work                  ? 
_refine_hist.pdbx_number_residues_total       ? 
_refine_hist.pdbx_B_iso_mean_ligand           ? 
_refine_hist.pdbx_B_iso_mean_solvent          ? 
_refine_hist.pdbx_number_atoms_protein        919 
_refine_hist.pdbx_number_atoms_nucleic_acid   0 
_refine_hist.pdbx_number_atoms_ligand         0 
_refine_hist.pdbx_number_atoms_lipid          ? 
_refine_hist.pdbx_number_atoms_carb           ? 
_refine_hist.pdbx_pseudo_atom_details         ? 
# 
loop_
_refine_ls_restr.pdbx_refine_id 
_refine_ls_restr.criterion 
_refine_ls_restr.dev_ideal 
_refine_ls_restr.dev_ideal_target 
_refine_ls_restr.number 
_refine_ls_restr.rejects 
_refine_ls_restr.type 
_refine_ls_restr.weight 
_refine_ls_restr.pdbx_restraint_function 
'X-RAY DIFFRACTION' ? 0.0146660762839 ? 949  ? f_bond_d           ? ? 
'X-RAY DIFFRACTION' ? 1.30150458931   ? 1282 ? f_angle_d          ? ? 
'X-RAY DIFFRACTION' ? 0.0986929600171 ? 121  ? f_chiral_restr     ? ? 
'X-RAY DIFFRACTION' ? 0.0105788361191 ? 170  ? f_plane_restr      ? ? 
'X-RAY DIFFRACTION' ? 18.2769173382   ? 350  ? f_dihedral_angle_d ? ? 
# 
loop_
_refine_ls_shell.pdbx_refine_id 
_refine_ls_shell.d_res_high 
_refine_ls_shell.d_res_low 
_refine_ls_shell.number_reflns_all 
_refine_ls_shell.number_reflns_obs 
_refine_ls_shell.number_reflns_R_free 
_refine_ls_shell.number_reflns_R_work 
_refine_ls_shell.percent_reflns_obs 
_refine_ls_shell.percent_reflns_R_free 
_refine_ls_shell.R_factor_all 
_refine_ls_shell.R_factor_obs 
_refine_ls_shell.R_factor_R_free 
_refine_ls_shell.R_factor_R_free_error 
_refine_ls_shell.R_factor_R_work 
_refine_ls_shell.redundancy_reflns_all 
_refine_ls_shell.redundancy_reflns_obs 
_refine_ls_shell.wR_factor_all 
_refine_ls_shell.wR_factor_obs 
_refine_ls_shell.wR_factor_R_free 
_refine_ls_shell.wR_factor_R_work 
_refine_ls_shell.pdbx_R_complete 
_refine_ls_shell.pdbx_total_number_of_bins_used 
_refine_ls_shell.pdbx_phase_error 
_refine_ls_shell.pdbx_fsc_work 
_refine_ls_shell.pdbx_fsc_free 
'X-RAY DIFFRACTION' 1.24   1.271  . . 142 1806 96.8190854871 . . . 0.255650110067 . 0.227589849072 . . . . . . . . . . . 
'X-RAY DIFFRACTION' 1.271  1.3054 . . 132 1859 98.2239763197 . . . 0.194853817666 . 0.1751         . . . . . . . . . . . 
'X-RAY DIFFRACTION' 1.3054 1.3438 . . 142 1887 98.4473556526 . . . 0.200291331536 . 0.186897792417 . . . . . . . . . . . 
'X-RAY DIFFRACTION' 1.3438 1.3872 . . 143 1848 98.9071038251 . . . 0.216613252268 . 0.195390283674 . . . . . . . . . . . 
'X-RAY DIFFRACTION' 1.3872 1.4367 . . 134 1881 99.0658800393 . . . 0.212829140259 . 0.192279306128 . . . . . . . . . . . 
'X-RAY DIFFRACTION' 1.4367 1.4943 . . 147 1879 99.1193737769 . . . 0.231715067129 . 0.201014274026 . . . . . . . . . . . 
'X-RAY DIFFRACTION' 1.4943 1.5623 . . 139 1899 99.51171875   . . . 0.225800296471 . 0.174410119661 . . . . . . . . . . . 
'X-RAY DIFFRACTION' 1.5623 1.6446 . . 143 1889 99.5590396864 . . . 0.22008681168  . 0.178075969601 . . . . . . . . . . . 
'X-RAY DIFFRACTION' 1.6446 1.7476 . . 145 1893 99.7552618698 . . . 0.201390233162 . 0.178745311567 . . . . . . . . . . . 
'X-RAY DIFFRACTION' 1.7476 1.8825 . . 141 1896 99.7551420176 . . . 0.210553247858 . 0.177660417948 . . . . . . . . . . . 
'X-RAY DIFFRACTION' 1.8825 2.0719 . . 144 1911 99.8057309373 . . . 0.159569349369 . .              . . . . . . . . . . . 
'X-RAY DIFFRACTION' 2.0719 2.3716 . . 145 1924 99.9516908213 . . . 0.180907483026 . 0.163501993307 . . . . . . . . . . . 
'X-RAY DIFFRACTION' 2.3716 2.9873 . . 135 1909 99.4647201946 . . . 0.182113115647 . 0.180545814768 . . . . . . . . . . . 
'X-RAY DIFFRACTION' 2.9873 9.9873 . . 151 1945 99.0080302315 . . . 0.201886119531 . 0.165329613804 . . . . . . . . . . . 
# 
_struct.entry_id                     7YGK 
_struct.title                        'Crystal structure of a secretory phospholipase A2 from Sciscionella marina' 
_struct.pdbx_model_details           ? 
_struct.pdbx_formula_weight          ? 
_struct.pdbx_formula_weight_method   ? 
_struct.pdbx_model_type_details      ? 
_struct.pdbx_CASP_flag               N 
# 
_struct_keywords.entry_id        7YGK 
_struct_keywords.text            'Phospholipase A2, Sciscionella marina, Thermostability, Loop anchoring, HYDROLASE' 
_struct_keywords.pdbx_keywords   HYDROLASE 
# 
loop_
_struct_asym.id 
_struct_asym.pdbx_blank_PDB_chainid_flag 
_struct_asym.pdbx_modified 
_struct_asym.entity_id 
_struct_asym.details 
A N N 1 ? 
B N N 2 ? 
# 
_struct_ref.id                         1 
_struct_ref.db_name                    PDB 
_struct_ref.db_code                    7YGK 
_struct_ref.pdbx_db_accession          7YGK 
_struct_ref.pdbx_db_isoform            ? 
_struct_ref.entity_id                  1 
_struct_ref.pdbx_seq_one_letter_code   ? 
_struct_ref.pdbx_align_begin           1 
# 
_struct_ref_seq.align_id                      1 
_struct_ref_seq.ref_id                        1 
_struct_ref_seq.pdbx_PDB_id_code              7YGK 
_struct_ref_seq.pdbx_strand_id                A 
_struct_ref_seq.seq_align_beg                 1 
_struct_ref_seq.pdbx_seq_align_beg_ins_code   ? 
_struct_ref_seq.seq_align_end                 113 
_struct_ref_seq.pdbx_seq_align_end_ins_code   ? 
_struct_ref_seq.pdbx_db_accession             7YGK 
_struct_ref_seq.db_align_beg                  1 
_struct_ref_seq.pdbx_db_align_beg_ins_code    ? 
_struct_ref_seq.db_align_end                  113 
_struct_ref_seq.pdbx_db_align_end_ins_code    ? 
_struct_ref_seq.pdbx_auth_seq_align_beg       1 
_struct_ref_seq.pdbx_auth_seq_align_end       113 
# 
_pdbx_struct_assembly.id                   1 
_pdbx_struct_assembly.details              author_defined_assembly 
_pdbx_struct_assembly.method_details       ? 
_pdbx_struct_assembly.oligomeric_details   monomeric 
_pdbx_struct_assembly.oligomeric_count     1 
# 
_pdbx_struct_assembly_gen.assembly_id       1 
_pdbx_struct_assembly_gen.oper_expression   1 
_pdbx_struct_assembly_gen.asym_id_list      A,B 
# 
_pdbx_struct_assembly_auth_evidence.id                     1 
_pdbx_struct_assembly_auth_evidence.assembly_id            1 
_pdbx_struct_assembly_auth_evidence.experimental_support   'gel filtration' 
_pdbx_struct_assembly_auth_evidence.details                ? 
# 
_pdbx_struct_oper_list.id                   1 
_pdbx_struct_oper_list.type                 'identity operation' 
_pdbx_struct_oper_list.name                 1_555 
_pdbx_struct_oper_list.symmetry_operation   x,y,z 
_pdbx_struct_oper_list.matrix[1][1]         1.0000000000 
_pdbx_struct_oper_list.matrix[1][2]         0.0000000000 
_pdbx_struct_oper_list.matrix[1][3]         0.0000000000 
_pdbx_struct_oper_list.vector[1]            0.0000000000 
_pdbx_struct_oper_list.matrix[2][1]         0.0000000000 
_pdbx_struct_oper_list.matrix[2][2]         1.0000000000 
_pdbx_struct_oper_list.matrix[2][3]         0.0000000000 
_pdbx_struct_oper_list.vector[2]            0.0000000000 
_pdbx_struct_oper_list.matrix[3][1]         0.0000000000 
_pdbx_struct_oper_list.matrix[3][2]         0.0000000000 
_pdbx_struct_oper_list.matrix[3][3]         1.0000000000 
_pdbx_struct_oper_list.vector[3]            0.0000000000 
# 
loop_
_struct_conf.conf_type_id 
_struct_conf.id 
_struct_conf.pdbx_PDB_helix_id 
_struct_conf.beg_label_comp_id 
_struct_conf.beg_label_asym_id 
_struct_conf.beg_label_seq_id 
_struct_conf.pdbx_beg_PDB_ins_code 
_struct_conf.end_label_comp_id 
_struct_conf.end_label_asym_id 
_struct_conf.end_label_seq_id 
_struct_conf.pdbx_end_PDB_ins_code 
_struct_conf.beg_auth_comp_id 
_struct_conf.beg_auth_asym_id 
_struct_conf.beg_auth_seq_id 
_struct_conf.end_auth_comp_id 
_struct_conf.end_auth_asym_id 
_struct_conf.end_auth_seq_id 
_struct_conf.pdbx_PDB_helix_class 
_struct_conf.details 
_struct_conf.pdbx_PDB_helix_length 
HELX_P HELX_P1 AA1 SER A 2  ? SER A 13  ? SER A 2  SER A 13  1 ? 12 
HELX_P HELX_P2 AA2 SER A 15 ? ASP A 24  ? SER A 15 ASP A 24  1 ? 10 
HELX_P HELX_P3 AA3 PHE A 51 ? GLN A 68  ? PHE A 51 GLN A 68  1 ? 18 
HELX_P HELX_P4 AA4 ASP A 72 ? HIS A 92  ? ASP A 72 HIS A 92  1 ? 21 
HELX_P HELX_P5 AA5 ASN A 94 ? GLY A 112 ? ASN A 94 GLY A 112 1 ? 19 
# 
_struct_conf_type.id          HELX_P 
_struct_conf_type.criteria    ? 
_struct_conf_type.reference   ? 
# 
loop_
_struct_conn.id 
_struct_conn.conn_type_id 
_struct_conn.pdbx_leaving_atom_flag 
_struct_conn.pdbx_PDB_id 
_struct_conn.ptnr1_label_asym_id 
_struct_conn.ptnr1_label_comp_id 
_struct_conn.ptnr1_label_seq_id 
_struct_conn.ptnr1_label_atom_id 
_struct_conn.pdbx_ptnr1_label_alt_id 
_struct_conn.pdbx_ptnr1_PDB_ins_code 
_struct_conn.pdbx_ptnr1_standard_comp_id 
_struct_conn.ptnr1_symmetry 
_struct_conn.ptnr2_label_asym_id 
_struct_conn.ptnr2_label_comp_id 
_struct_conn.ptnr2_label_seq_id 
_struct_conn.ptnr2_label_atom_id 
_struct_conn.pdbx_ptnr2_label_alt_id 
_struct_conn.pdbx_ptnr2_PDB_ins_code 
_struct_conn.ptnr1_auth_asym_id 
_struct_conn.ptnr1_auth_comp_id 
_struct_conn.ptnr1_auth_seq_id 
_struct_conn.ptnr2_auth_asym_id 
_struct_conn.ptnr2_auth_comp_id 
_struct_conn.ptnr2_auth_seq_id 
_struct_conn.ptnr2_symmetry 
_struct_conn.pdbx_ptnr3_label_atom_id 
_struct_conn.pdbx_ptnr3_label_seq_id 
_struct_conn.pdbx_ptnr3_label_comp_id 
_struct_conn.pdbx_ptnr3_label_asym_id 
_struct_conn.pdbx_ptnr3_label_alt_id 
_struct_conn.pdbx_ptnr3_PDB_ins_code 
_struct_conn.details 
_struct_conn.pdbx_dist_value 
_struct_conn.pdbx_value_order 
_struct_conn.pdbx_role 
disulf1 disulf ? ? A CYS 39 SG ? ? ? 1_555 A CYS 55 SG ? ? A CYS 39 A CYS 55 1_555 ? ? ? ? ? ? ? 2.000 ? ? 
disulf2 disulf ? ? A CYS 91 SG ? ? ? 1_555 A CYS 97 SG ? ? A CYS 91 A CYS 97 1_555 ? ? ? ? ? ? ? 2.066 ? ? 
# 
_struct_conn_type.id          disulf 
_struct_conn_type.criteria    ? 
_struct_conn_type.reference   ? 
# 
loop_
_pdbx_modification_feature.ordinal 
_pdbx_modification_feature.label_comp_id 
_pdbx_modification_feature.label_asym_id 
_pdbx_modification_feature.label_seq_id 
_pdbx_modification_feature.label_alt_id 
_pdbx_modification_feature.modified_residue_label_comp_id 
_pdbx_modification_feature.modified_residue_label_asym_id 
_pdbx_modification_feature.modified_residue_label_seq_id 
_pdbx_modification_feature.modified_residue_label_alt_id 
_pdbx_modification_feature.auth_comp_id 
_pdbx_modification_feature.auth_asym_id 
_pdbx_modification_feature.auth_seq_id 
_pdbx_modification_feature.PDB_ins_code 
_pdbx_modification_feature.symmetry 
_pdbx_modification_feature.modified_residue_auth_comp_id 
_pdbx_modification_feature.modified_residue_auth_asym_id 
_pdbx_modification_feature.modified_residue_auth_seq_id 
_pdbx_modification_feature.modified_residue_PDB_ins_code 
_pdbx_modification_feature.modified_residue_symmetry 
_pdbx_modification_feature.comp_id_linking_atom 
_pdbx_modification_feature.modified_residue_id_linking_atom 
_pdbx_modification_feature.modified_residue_id 
_pdbx_modification_feature.ref_pcm_id 
_pdbx_modification_feature.ref_comp_id 
_pdbx_modification_feature.type 
_pdbx_modification_feature.category 
1 CYS A 39 ? CYS A 55 ? CYS A 39 ? 1_555 CYS A 55 ? 1_555 SG SG . . . None 'Disulfide bridge' 
2 CYS A 91 ? CYS A 97 ? CYS A 91 ? 1_555 CYS A 97 ? 1_555 SG SG . . . None 'Disulfide bridge' 
# 
_pdbx_entry_details.entry_id                   7YGK 
_pdbx_entry_details.compound_details           ? 
_pdbx_entry_details.source_details             ? 
_pdbx_entry_details.nonpolymer_details         ? 
_pdbx_entry_details.sequence_details           ? 
_pdbx_entry_details.has_ligand_of_interest     ? 
_pdbx_entry_details.has_protein_modification   Y 
# 
loop_
_pdbx_validate_close_contact.id 
_pdbx_validate_close_contact.PDB_model_num 
_pdbx_validate_close_contact.auth_atom_id_1 
_pdbx_validate_close_contact.auth_asym_id_1 
_pdbx_validate_close_contact.auth_comp_id_1 
_pdbx_validate_close_contact.auth_seq_id_1 
_pdbx_validate_close_contact.PDB_ins_code_1 
_pdbx_validate_close_contact.label_alt_id_1 
_pdbx_validate_close_contact.auth_atom_id_2 
_pdbx_validate_close_contact.auth_asym_id_2 
_pdbx_validate_close_contact.auth_comp_id_2 
_pdbx_validate_close_contact.auth_seq_id_2 
_pdbx_validate_close_contact.PDB_ins_code_2 
_pdbx_validate_close_contact.label_alt_id_2 
_pdbx_validate_close_contact.dist 
1 1 O   A HOH 202 ? ? O A HOH 245 ? ? 1.92 
2 1 O   A HOH 202 ? ? O A HOH 214 ? ? 1.92 
3 1 OE2 A GLU 25  ? ? O A HOH 201 ? ? 2.12 
4 1 O   A HOH 202 ? ? O A HOH 253 ? ? 2.13 
5 1 SG  A CYS 55  ? ? O A HOH 271 ? ? 2.16 
6 1 O   A HOH 267 ? ? O A HOH 270 ? ? 2.16 
# 
_pdbx_validate_symm_contact.id                1 
_pdbx_validate_symm_contact.PDB_model_num     1 
_pdbx_validate_symm_contact.auth_atom_id_1    O 
_pdbx_validate_symm_contact.auth_asym_id_1    A 
_pdbx_validate_symm_contact.auth_comp_id_1    HOH 
_pdbx_validate_symm_contact.auth_seq_id_1     240 
_pdbx_validate_symm_contact.PDB_ins_code_1    ? 
_pdbx_validate_symm_contact.label_alt_id_1    ? 
_pdbx_validate_symm_contact.site_symmetry_1   1_555 
_pdbx_validate_symm_contact.auth_atom_id_2    O 
_pdbx_validate_symm_contact.auth_asym_id_2    A 
_pdbx_validate_symm_contact.auth_comp_id_2    HOH 
_pdbx_validate_symm_contact.auth_seq_id_2     242 
_pdbx_validate_symm_contact.PDB_ins_code_2    ? 
_pdbx_validate_symm_contact.label_alt_id_2    ? 
_pdbx_validate_symm_contact.site_symmetry_2   4_445 
_pdbx_validate_symm_contact.dist              2.05 
# 
loop_
_pdbx_validate_rmsd_angle.id 
_pdbx_validate_rmsd_angle.PDB_model_num 
_pdbx_validate_rmsd_angle.auth_atom_id_1 
_pdbx_validate_rmsd_angle.auth_asym_id_1 
_pdbx_validate_rmsd_angle.auth_comp_id_1 
_pdbx_validate_rmsd_angle.auth_seq_id_1 
_pdbx_validate_rmsd_angle.PDB_ins_code_1 
_pdbx_validate_rmsd_angle.label_alt_id_1 
_pdbx_validate_rmsd_angle.auth_atom_id_2 
_pdbx_validate_rmsd_angle.auth_asym_id_2 
_pdbx_validate_rmsd_angle.auth_comp_id_2 
_pdbx_validate_rmsd_angle.auth_seq_id_2 
_pdbx_validate_rmsd_angle.PDB_ins_code_2 
_pdbx_validate_rmsd_angle.label_alt_id_2 
_pdbx_validate_rmsd_angle.auth_atom_id_3 
_pdbx_validate_rmsd_angle.auth_asym_id_3 
_pdbx_validate_rmsd_angle.auth_comp_id_3 
_pdbx_validate_rmsd_angle.auth_seq_id_3 
_pdbx_validate_rmsd_angle.PDB_ins_code_3 
_pdbx_validate_rmsd_angle.label_alt_id_3 
_pdbx_validate_rmsd_angle.angle_value 
_pdbx_validate_rmsd_angle.angle_target_value 
_pdbx_validate_rmsd_angle.angle_deviation 
_pdbx_validate_rmsd_angle.angle_standard_deviation 
_pdbx_validate_rmsd_angle.linker_flag 
1 1 CB A ASP 30 ? ? CG A ASP 30 ? ? OD1 A ASP 30 ? ? 124.61 118.30 6.31  0.90 N 
2 1 NE A ARG 57 ? ? CZ A ARG 57 ? ? NH1 A ARG 57 ? ? 123.96 120.30 3.66  0.50 N 
3 1 NE A ARG 57 ? ? CZ A ARG 57 ? ? NH2 A ARG 57 ? ? 116.95 120.30 -3.35 0.50 N 
# 
loop_
_pdbx_validate_torsion.id 
_pdbx_validate_torsion.PDB_model_num 
_pdbx_validate_torsion.auth_comp_id 
_pdbx_validate_torsion.auth_asym_id 
_pdbx_validate_torsion.auth_seq_id 
_pdbx_validate_torsion.PDB_ins_code 
_pdbx_validate_torsion.label_alt_id 
_pdbx_validate_torsion.phi 
_pdbx_validate_torsion.psi 
1 1 ARG A 70 ? ? -144.06 29.93 
2 1 HIS A 92 ? ? 36.28   53.99 
# 
loop_
_pdbx_struct_special_symmetry.id 
_pdbx_struct_special_symmetry.PDB_model_num 
_pdbx_struct_special_symmetry.auth_asym_id 
_pdbx_struct_special_symmetry.auth_comp_id 
_pdbx_struct_special_symmetry.auth_seq_id 
_pdbx_struct_special_symmetry.PDB_ins_code 
_pdbx_struct_special_symmetry.label_asym_id 
_pdbx_struct_special_symmetry.label_comp_id 
_pdbx_struct_special_symmetry.label_seq_id 
1 1 A HOH 236 ? B HOH . 
2 1 A HOH 287 ? B HOH . 
# 
loop_
_space_group_symop.id 
_space_group_symop.operation_xyz 
1 x,y,z           
2 -x,y,-z         
3 x+1/2,y+1/2,z   
4 -x+1/2,y+1/2,-z 
# 
_pdbx_distant_solvent_atoms.id                                1 
_pdbx_distant_solvent_atoms.PDB_model_num                     1 
_pdbx_distant_solvent_atoms.auth_atom_id                      O 
_pdbx_distant_solvent_atoms.label_alt_id                      ? 
_pdbx_distant_solvent_atoms.auth_asym_id                      A 
_pdbx_distant_solvent_atoms.auth_comp_id                      HOH 
_pdbx_distant_solvent_atoms.auth_seq_id                       295 
_pdbx_distant_solvent_atoms.PDB_ins_code                      ? 
_pdbx_distant_solvent_atoms.neighbor_macromolecule_distance   7.17 
_pdbx_distant_solvent_atoms.neighbor_ligand_distance          . 
# 
_pdbx_unobs_or_zero_occ_residues.id               1 
_pdbx_unobs_or_zero_occ_residues.PDB_model_num    1 
_pdbx_unobs_or_zero_occ_residues.polymer_flag     Y 
_pdbx_unobs_or_zero_occ_residues.occupancy_flag   1 
_pdbx_unobs_or_zero_occ_residues.auth_asym_id     A 
_pdbx_unobs_or_zero_occ_residues.auth_comp_id     SER 
_pdbx_unobs_or_zero_occ_residues.auth_seq_id      113 
_pdbx_unobs_or_zero_occ_residues.PDB_ins_code     ? 
_pdbx_unobs_or_zero_occ_residues.label_asym_id    A 
_pdbx_unobs_or_zero_occ_residues.label_comp_id    SER 
_pdbx_unobs_or_zero_occ_residues.label_seq_id     113 
# 
loop_
_chem_comp_atom.comp_id 
_chem_comp_atom.atom_id 
_chem_comp_atom.type_symbol 
_chem_comp_atom.pdbx_aromatic_flag 
_chem_comp_atom.pdbx_stereo_config 
_chem_comp_atom.pdbx_ordinal 
ALA N    N N N 1   
ALA CA   C N S 2   
ALA C    C N N 3   
ALA O    O N N 4   
ALA CB   C N N 5   
ALA OXT  O N N 6   
ALA H    H N N 7   
ALA H2   H N N 8   
ALA HA   H N N 9   
ALA HB1  H N N 10  
ALA HB2  H N N 11  
ALA HB3  H N N 12  
ALA HXT  H N N 13  
ARG N    N N N 14  
ARG CA   C N S 15  
ARG C    C N N 16  
ARG O    O N N 17  
ARG CB   C N N 18  
ARG CG   C N N 19  
ARG CD   C N N 20  
ARG NE   N N N 21  
ARG CZ   C N N 22  
ARG NH1  N N N 23  
ARG NH2  N N N 24  
ARG OXT  O N N 25  
ARG H    H N N 26  
ARG H2   H N N 27  
ARG HA   H N N 28  
ARG HB2  H N N 29  
ARG HB3  H N N 30  
ARG HG2  H N N 31  
ARG HG3  H N N 32  
ARG HD2  H N N 33  
ARG HD3  H N N 34  
ARG HE   H N N 35  
ARG HH11 H N N 36  
ARG HH12 H N N 37  
ARG HH21 H N N 38  
ARG HH22 H N N 39  
ARG HXT  H N N 40  
ASN N    N N N 41  
ASN CA   C N S 42  
ASN C    C N N 43  
ASN O    O N N 44  
ASN CB   C N N 45  
ASN CG   C N N 46  
ASN OD1  O N N 47  
ASN ND2  N N N 48  
ASN OXT  O N N 49  
ASN H    H N N 50  
ASN H2   H N N 51  
ASN HA   H N N 52  
ASN HB2  H N N 53  
ASN HB3  H N N 54  
ASN HD21 H N N 55  
ASN HD22 H N N 56  
ASN HXT  H N N 57  
ASP N    N N N 58  
ASP CA   C N S 59  
ASP C    C N N 60  
ASP O    O N N 61  
ASP CB   C N N 62  
ASP CG   C N N 63  
ASP OD1  O N N 64  
ASP OD2  O N N 65  
ASP OXT  O N N 66  
ASP H    H N N 67  
ASP H2   H N N 68  
ASP HA   H N N 69  
ASP HB2  H N N 70  
ASP HB3  H N N 71  
ASP HD2  H N N 72  
ASP HXT  H N N 73  
CYS N    N N N 74  
CYS CA   C N R 75  
CYS C    C N N 76  
CYS O    O N N 77  
CYS CB   C N N 78  
CYS SG   S N N 79  
CYS OXT  O N N 80  
CYS H    H N N 81  
CYS H2   H N N 82  
CYS HA   H N N 83  
CYS HB2  H N N 84  
CYS HB3  H N N 85  
CYS HG   H N N 86  
CYS HXT  H N N 87  
GLN N    N N N 88  
GLN CA   C N S 89  
GLN C    C N N 90  
GLN O    O N N 91  
GLN CB   C N N 92  
GLN CG   C N N 93  
GLN CD   C N N 94  
GLN OE1  O N N 95  
GLN NE2  N N N 96  
GLN OXT  O N N 97  
GLN H    H N N 98  
GLN H2   H N N 99  
GLN HA   H N N 100 
GLN HB2  H N N 101 
GLN HB3  H N N 102 
GLN HG2  H N N 103 
GLN HG3  H N N 104 
GLN HE21 H N N 105 
GLN HE22 H N N 106 
GLN HXT  H N N 107 
GLU N    N N N 108 
GLU CA   C N S 109 
GLU C    C N N 110 
GLU O    O N N 111 
GLU CB   C N N 112 
GLU CG   C N N 113 
GLU CD   C N N 114 
GLU OE1  O N N 115 
GLU OE2  O N N 116 
GLU OXT  O N N 117 
GLU H    H N N 118 
GLU H2   H N N 119 
GLU HA   H N N 120 
GLU HB2  H N N 121 
GLU HB3  H N N 122 
GLU HG2  H N N 123 
GLU HG3  H N N 124 
GLU HE2  H N N 125 
GLU HXT  H N N 126 
GLY N    N N N 127 
GLY CA   C N N 128 
GLY C    C N N 129 
GLY O    O N N 130 
GLY OXT  O N N 131 
GLY H    H N N 132 
GLY H2   H N N 133 
GLY HA2  H N N 134 
GLY HA3  H N N 135 
GLY HXT  H N N 136 
HIS N    N N N 137 
HIS CA   C N S 138 
HIS C    C N N 139 
HIS O    O N N 140 
HIS CB   C N N 141 
HIS CG   C Y N 142 
HIS ND1  N Y N 143 
HIS CD2  C Y N 144 
HIS CE1  C Y N 145 
HIS NE2  N Y N 146 
HIS OXT  O N N 147 
HIS H    H N N 148 
HIS H2   H N N 149 
HIS HA   H N N 150 
HIS HB2  H N N 151 
HIS HB3  H N N 152 
HIS HD1  H N N 153 
HIS HD2  H N N 154 
HIS HE1  H N N 155 
HIS HE2  H N N 156 
HIS HXT  H N N 157 
HOH O    O N N 158 
HOH H1   H N N 159 
HOH H2   H N N 160 
ILE N    N N N 161 
ILE CA   C N S 162 
ILE C    C N N 163 
ILE O    O N N 164 
ILE CB   C N S 165 
ILE CG1  C N N 166 
ILE CG2  C N N 167 
ILE CD1  C N N 168 
ILE OXT  O N N 169 
ILE H    H N N 170 
ILE H2   H N N 171 
ILE HA   H N N 172 
ILE HB   H N N 173 
ILE HG12 H N N 174 
ILE HG13 H N N 175 
ILE HG21 H N N 176 
ILE HG22 H N N 177 
ILE HG23 H N N 178 
ILE HD11 H N N 179 
ILE HD12 H N N 180 
ILE HD13 H N N 181 
ILE HXT  H N N 182 
LEU N    N N N 183 
LEU CA   C N S 184 
LEU C    C N N 185 
LEU O    O N N 186 
LEU CB   C N N 187 
LEU CG   C N N 188 
LEU CD1  C N N 189 
LEU CD2  C N N 190 
LEU OXT  O N N 191 
LEU H    H N N 192 
LEU H2   H N N 193 
LEU HA   H N N 194 
LEU HB2  H N N 195 
LEU HB3  H N N 196 
LEU HG   H N N 197 
LEU HD11 H N N 198 
LEU HD12 H N N 199 
LEU HD13 H N N 200 
LEU HD21 H N N 201 
LEU HD22 H N N 202 
LEU HD23 H N N 203 
LEU HXT  H N N 204 
LYS N    N N N 205 
LYS CA   C N S 206 
LYS C    C N N 207 
LYS O    O N N 208 
LYS CB   C N N 209 
LYS CG   C N N 210 
LYS CD   C N N 211 
LYS CE   C N N 212 
LYS NZ   N N N 213 
LYS OXT  O N N 214 
LYS H    H N N 215 
LYS H2   H N N 216 
LYS HA   H N N 217 
LYS HB2  H N N 218 
LYS HB3  H N N 219 
LYS HG2  H N N 220 
LYS HG3  H N N 221 
LYS HD2  H N N 222 
LYS HD3  H N N 223 
LYS HE2  H N N 224 
LYS HE3  H N N 225 
LYS HZ1  H N N 226 
LYS HZ2  H N N 227 
LYS HZ3  H N N 228 
LYS HXT  H N N 229 
PHE N    N N N 230 
PHE CA   C N S 231 
PHE C    C N N 232 
PHE O    O N N 233 
PHE CB   C N N 234 
PHE CG   C Y N 235 
PHE CD1  C Y N 236 
PHE CD2  C Y N 237 
PHE CE1  C Y N 238 
PHE CE2  C Y N 239 
PHE CZ   C Y N 240 
PHE OXT  O N N 241 
PHE H    H N N 242 
PHE H2   H N N 243 
PHE HA   H N N 244 
PHE HB2  H N N 245 
PHE HB3  H N N 246 
PHE HD1  H N N 247 
PHE HD2  H N N 248 
PHE HE1  H N N 249 
PHE HE2  H N N 250 
PHE HZ   H N N 251 
PHE HXT  H N N 252 
PRO N    N N N 253 
PRO CA   C N S 254 
PRO C    C N N 255 
PRO O    O N N 256 
PRO CB   C N N 257 
PRO CG   C N N 258 
PRO CD   C N N 259 
PRO OXT  O N N 260 
PRO H    H N N 261 
PRO HA   H N N 262 
PRO HB2  H N N 263 
PRO HB3  H N N 264 
PRO HG2  H N N 265 
PRO HG3  H N N 266 
PRO HD2  H N N 267 
PRO HD3  H N N 268 
PRO HXT  H N N 269 
SER N    N N N 270 
SER CA   C N S 271 
SER C    C N N 272 
SER O    O N N 273 
SER CB   C N N 274 
SER OG   O N N 275 
SER OXT  O N N 276 
SER H    H N N 277 
SER H2   H N N 278 
SER HA   H N N 279 
SER HB2  H N N 280 
SER HB3  H N N 281 
SER HG   H N N 282 
SER HXT  H N N 283 
THR N    N N N 284 
THR CA   C N S 285 
THR C    C N N 286 
THR O    O N N 287 
THR CB   C N R 288 
THR OG1  O N N 289 
THR CG2  C N N 290 
THR OXT  O N N 291 
THR H    H N N 292 
THR H2   H N N 293 
THR HA   H N N 294 
THR HB   H N N 295 
THR HG1  H N N 296 
THR HG21 H N N 297 
THR HG22 H N N 298 
THR HG23 H N N 299 
THR HXT  H N N 300 
TRP N    N N N 301 
TRP CA   C N S 302 
TRP C    C N N 303 
TRP O    O N N 304 
TRP CB   C N N 305 
TRP CG   C Y N 306 
TRP CD1  C Y N 307 
TRP CD2  C Y N 308 
TRP NE1  N Y N 309 
TRP CE2  C Y N 310 
TRP CE3  C Y N 311 
TRP CZ2  C Y N 312 
TRP CZ3  C Y N 313 
TRP CH2  C Y N 314 
TRP OXT  O N N 315 
TRP H    H N N 316 
TRP H2   H N N 317 
TRP HA   H N N 318 
TRP HB2  H N N 319 
TRP HB3  H N N 320 
TRP HD1  H N N 321 
TRP HE1  H N N 322 
TRP HE3  H N N 323 
TRP HZ2  H N N 324 
TRP HZ3  H N N 325 
TRP HH2  H N N 326 
TRP HXT  H N N 327 
TYR N    N N N 328 
TYR CA   C N S 329 
TYR C    C N N 330 
TYR O    O N N 331 
TYR CB   C N N 332 
TYR CG   C Y N 333 
TYR CD1  C Y N 334 
TYR CD2  C Y N 335 
TYR CE1  C Y N 336 
TYR CE2  C Y N 337 
TYR CZ   C Y N 338 
TYR OH   O N N 339 
TYR OXT  O N N 340 
TYR H    H N N 341 
TYR H2   H N N 342 
TYR HA   H N N 343 
TYR HB2  H N N 344 
TYR HB3  H N N 345 
TYR HD1  H N N 346 
TYR HD2  H N N 347 
TYR HE1  H N N 348 
TYR HE2  H N N 349 
TYR HH   H N N 350 
TYR HXT  H N N 351 
VAL N    N N N 352 
VAL CA   C N S 353 
VAL C    C N N 354 
VAL O    O N N 355 
VAL CB   C N N 356 
VAL CG1  C N N 357 
VAL CG2  C N N 358 
VAL OXT  O N N 359 
VAL H    H N N 360 
VAL H2   H N N 361 
VAL HA   H N N 362 
VAL HB   H N N 363 
VAL HG11 H N N 364 
VAL HG12 H N N 365 
VAL HG13 H N N 366 
VAL HG21 H N N 367 
VAL HG22 H N N 368 
VAL HG23 H N N 369 
VAL HXT  H N N 370 
# 
loop_
_chem_comp_bond.comp_id 
_chem_comp_bond.atom_id_1 
_chem_comp_bond.atom_id_2 
_chem_comp_bond.value_order 
_chem_comp_bond.pdbx_aromatic_flag 
_chem_comp_bond.pdbx_stereo_config 
_chem_comp_bond.pdbx_ordinal 
ALA N   CA   sing N N 1   
ALA N   H    sing N N 2   
ALA N   H2   sing N N 3   
ALA CA  C    sing N N 4   
ALA CA  CB   sing N N 5   
ALA CA  HA   sing N N 6   
ALA C   O    doub N N 7   
ALA C   OXT  sing N N 8   
ALA CB  HB1  sing N N 9   
ALA CB  HB2  sing N N 10  
ALA CB  HB3  sing N N 11  
ALA OXT HXT  sing N N 12  
ARG N   CA   sing N N 13  
ARG N   H    sing N N 14  
ARG N   H2   sing N N 15  
ARG CA  C    sing N N 16  
ARG CA  CB   sing N N 17  
ARG CA  HA   sing N N 18  
ARG C   O    doub N N 19  
ARG C   OXT  sing N N 20  
ARG CB  CG   sing N N 21  
ARG CB  HB2  sing N N 22  
ARG CB  HB3  sing N N 23  
ARG CG  CD   sing N N 24  
ARG CG  HG2  sing N N 25  
ARG CG  HG3  sing N N 26  
ARG CD  NE   sing N N 27  
ARG CD  HD2  sing N N 28  
ARG CD  HD3  sing N N 29  
ARG NE  CZ   sing N N 30  
ARG NE  HE   sing N N 31  
ARG CZ  NH1  sing N N 32  
ARG CZ  NH2  doub N N 33  
ARG NH1 HH11 sing N N 34  
ARG NH1 HH12 sing N N 35  
ARG NH2 HH21 sing N N 36  
ARG NH2 HH22 sing N N 37  
ARG OXT HXT  sing N N 38  
ASN N   CA   sing N N 39  
ASN N   H    sing N N 40  
ASN N   H2   sing N N 41  
ASN CA  C    sing N N 42  
ASN CA  CB   sing N N 43  
ASN CA  HA   sing N N 44  
ASN C   O    doub N N 45  
ASN C   OXT  sing N N 46  
ASN CB  CG   sing N N 47  
ASN CB  HB2  sing N N 48  
ASN CB  HB3  sing N N 49  
ASN CG  OD1  doub N N 50  
ASN CG  ND2  sing N N 51  
ASN ND2 HD21 sing N N 52  
ASN ND2 HD22 sing N N 53  
ASN OXT HXT  sing N N 54  
ASP N   CA   sing N N 55  
ASP N   H    sing N N 56  
ASP N   H2   sing N N 57  
ASP CA  C    sing N N 58  
ASP CA  CB   sing N N 59  
ASP CA  HA   sing N N 60  
ASP C   O    doub N N 61  
ASP C   OXT  sing N N 62  
ASP CB  CG   sing N N 63  
ASP CB  HB2  sing N N 64  
ASP CB  HB3  sing N N 65  
ASP CG  OD1  doub N N 66  
ASP CG  OD2  sing N N 67  
ASP OD2 HD2  sing N N 68  
ASP OXT HXT  sing N N 69  
CYS N   CA   sing N N 70  
CYS N   H    sing N N 71  
CYS N   H2   sing N N 72  
CYS CA  C    sing N N 73  
CYS CA  CB   sing N N 74  
CYS CA  HA   sing N N 75  
CYS C   O    doub N N 76  
CYS C   OXT  sing N N 77  
CYS CB  SG   sing N N 78  
CYS CB  HB2  sing N N 79  
CYS CB  HB3  sing N N 80  
CYS SG  HG   sing N N 81  
CYS OXT HXT  sing N N 82  
GLN N   CA   sing N N 83  
GLN N   H    sing N N 84  
GLN N   H2   sing N N 85  
GLN CA  C    sing N N 86  
GLN CA  CB   sing N N 87  
GLN CA  HA   sing N N 88  
GLN C   O    doub N N 89  
GLN C   OXT  sing N N 90  
GLN CB  CG   sing N N 91  
GLN CB  HB2  sing N N 92  
GLN CB  HB3  sing N N 93  
GLN CG  CD   sing N N 94  
GLN CG  HG2  sing N N 95  
GLN CG  HG3  sing N N 96  
GLN CD  OE1  doub N N 97  
GLN CD  NE2  sing N N 98  
GLN NE2 HE21 sing N N 99  
GLN NE2 HE22 sing N N 100 
GLN OXT HXT  sing N N 101 
GLU N   CA   sing N N 102 
GLU N   H    sing N N 103 
GLU N   H2   sing N N 104 
GLU CA  C    sing N N 105 
GLU CA  CB   sing N N 106 
GLU CA  HA   sing N N 107 
GLU C   O    doub N N 108 
GLU C   OXT  sing N N 109 
GLU CB  CG   sing N N 110 
GLU CB  HB2  sing N N 111 
GLU CB  HB3  sing N N 112 
GLU CG  CD   sing N N 113 
GLU CG  HG2  sing N N 114 
GLU CG  HG3  sing N N 115 
GLU CD  OE1  doub N N 116 
GLU CD  OE2  sing N N 117 
GLU OE2 HE2  sing N N 118 
GLU OXT HXT  sing N N 119 
GLY N   CA   sing N N 120 
GLY N   H    sing N N 121 
GLY N   H2   sing N N 122 
GLY CA  C    sing N N 123 
GLY CA  HA2  sing N N 124 
GLY CA  HA3  sing N N 125 
GLY C   O    doub N N 126 
GLY C   OXT  sing N N 127 
GLY OXT HXT  sing N N 128 
HIS N   CA   sing N N 129 
HIS N   H    sing N N 130 
HIS N   H2   sing N N 131 
HIS CA  C    sing N N 132 
HIS CA  CB   sing N N 133 
HIS CA  HA   sing N N 134 
HIS C   O    doub N N 135 
HIS C   OXT  sing N N 136 
HIS CB  CG   sing N N 137 
HIS CB  HB2  sing N N 138 
HIS CB  HB3  sing N N 139 
HIS CG  ND1  sing Y N 140 
HIS CG  CD2  doub Y N 141 
HIS ND1 CE1  doub Y N 142 
HIS ND1 HD1  sing N N 143 
HIS CD2 NE2  sing Y N 144 
HIS CD2 HD2  sing N N 145 
HIS CE1 NE2  sing Y N 146 
HIS CE1 HE1  sing N N 147 
HIS NE2 HE2  sing N N 148 
HIS OXT HXT  sing N N 149 
HOH O   H1   sing N N 150 
HOH O   H2   sing N N 151 
ILE N   CA   sing N N 152 
ILE N   H    sing N N 153 
ILE N   H2   sing N N 154 
ILE CA  C    sing N N 155 
ILE CA  CB   sing N N 156 
ILE CA  HA   sing N N 157 
ILE C   O    doub N N 158 
ILE C   OXT  sing N N 159 
ILE CB  CG1  sing N N 160 
ILE CB  CG2  sing N N 161 
ILE CB  HB   sing N N 162 
ILE CG1 CD1  sing N N 163 
ILE CG1 HG12 sing N N 164 
ILE CG1 HG13 sing N N 165 
ILE CG2 HG21 sing N N 166 
ILE CG2 HG22 sing N N 167 
ILE CG2 HG23 sing N N 168 
ILE CD1 HD11 sing N N 169 
ILE CD1 HD12 sing N N 170 
ILE CD1 HD13 sing N N 171 
ILE OXT HXT  sing N N 172 
LEU N   CA   sing N N 173 
LEU N   H    sing N N 174 
LEU N   H2   sing N N 175 
LEU CA  C    sing N N 176 
LEU CA  CB   sing N N 177 
LEU CA  HA   sing N N 178 
LEU C   O    doub N N 179 
LEU C   OXT  sing N N 180 
LEU CB  CG   sing N N 181 
LEU CB  HB2  sing N N 182 
LEU CB  HB3  sing N N 183 
LEU CG  CD1  sing N N 184 
LEU CG  CD2  sing N N 185 
LEU CG  HG   sing N N 186 
LEU CD1 HD11 sing N N 187 
LEU CD1 HD12 sing N N 188 
LEU CD1 HD13 sing N N 189 
LEU CD2 HD21 sing N N 190 
LEU CD2 HD22 sing N N 191 
LEU CD2 HD23 sing N N 192 
LEU OXT HXT  sing N N 193 
LYS N   CA   sing N N 194 
LYS N   H    sing N N 195 
LYS N   H2   sing N N 196 
LYS CA  C    sing N N 197 
LYS CA  CB   sing N N 198 
LYS CA  HA   sing N N 199 
LYS C   O    doub N N 200 
LYS C   OXT  sing N N 201 
LYS CB  CG   sing N N 202 
LYS CB  HB2  sing N N 203 
LYS CB  HB3  sing N N 204 
LYS CG  CD   sing N N 205 
LYS CG  HG2  sing N N 206 
LYS CG  HG3  sing N N 207 
LYS CD  CE   sing N N 208 
LYS CD  HD2  sing N N 209 
LYS CD  HD3  sing N N 210 
LYS CE  NZ   sing N N 211 
LYS CE  HE2  sing N N 212 
LYS CE  HE3  sing N N 213 
LYS NZ  HZ1  sing N N 214 
LYS NZ  HZ2  sing N N 215 
LYS NZ  HZ3  sing N N 216 
LYS OXT HXT  sing N N 217 
PHE N   CA   sing N N 218 
PHE N   H    sing N N 219 
PHE N   H2   sing N N 220 
PHE CA  C    sing N N 221 
PHE CA  CB   sing N N 222 
PHE CA  HA   sing N N 223 
PHE C   O    doub N N 224 
PHE C   OXT  sing N N 225 
PHE CB  CG   sing N N 226 
PHE CB  HB2  sing N N 227 
PHE CB  HB3  sing N N 228 
PHE CG  CD1  doub Y N 229 
PHE CG  CD2  sing Y N 230 
PHE CD1 CE1  sing Y N 231 
PHE CD1 HD1  sing N N 232 
PHE CD2 CE2  doub Y N 233 
PHE CD2 HD2  sing N N 234 
PHE CE1 CZ   doub Y N 235 
PHE CE1 HE1  sing N N 236 
PHE CE2 CZ   sing Y N 237 
PHE CE2 HE2  sing N N 238 
PHE CZ  HZ   sing N N 239 
PHE OXT HXT  sing N N 240 
PRO N   CA   sing N N 241 
PRO N   CD   sing N N 242 
PRO N   H    sing N N 243 
PRO CA  C    sing N N 244 
PRO CA  CB   sing N N 245 
PRO CA  HA   sing N N 246 
PRO C   O    doub N N 247 
PRO C   OXT  sing N N 248 
PRO CB  CG   sing N N 249 
PRO CB  HB2  sing N N 250 
PRO CB  HB3  sing N N 251 
PRO CG  CD   sing N N 252 
PRO CG  HG2  sing N N 253 
PRO CG  HG3  sing N N 254 
PRO CD  HD2  sing N N 255 
PRO CD  HD3  sing N N 256 
PRO OXT HXT  sing N N 257 
SER N   CA   sing N N 258 
SER N   H    sing N N 259 
SER N   H2   sing N N 260 
SER CA  C    sing N N 261 
SER CA  CB   sing N N 262 
SER CA  HA   sing N N 263 
SER C   O    doub N N 264 
SER C   OXT  sing N N 265 
SER CB  OG   sing N N 266 
SER CB  HB2  sing N N 267 
SER CB  HB3  sing N N 268 
SER OG  HG   sing N N 269 
SER OXT HXT  sing N N 270 
THR N   CA   sing N N 271 
THR N   H    sing N N 272 
THR N   H2   sing N N 273 
THR CA  C    sing N N 274 
THR CA  CB   sing N N 275 
THR CA  HA   sing N N 276 
THR C   O    doub N N 277 
THR C   OXT  sing N N 278 
THR CB  OG1  sing N N 279 
THR CB  CG2  sing N N 280 
THR CB  HB   sing N N 281 
THR OG1 HG1  sing N N 282 
THR CG2 HG21 sing N N 283 
THR CG2 HG22 sing N N 284 
THR CG2 HG23 sing N N 285 
THR OXT HXT  sing N N 286 
TRP N   CA   sing N N 287 
TRP N   H    sing N N 288 
TRP N   H2   sing N N 289 
TRP CA  C    sing N N 290 
TRP CA  CB   sing N N 291 
TRP CA  HA   sing N N 292 
TRP C   O    doub N N 293 
TRP C   OXT  sing N N 294 
TRP CB  CG   sing N N 295 
TRP CB  HB2  sing N N 296 
TRP CB  HB3  sing N N 297 
TRP CG  CD1  doub Y N 298 
TRP CG  CD2  sing Y N 299 
TRP CD1 NE1  sing Y N 300 
TRP CD1 HD1  sing N N 301 
TRP CD2 CE2  doub Y N 302 
TRP CD2 CE3  sing Y N 303 
TRP NE1 CE2  sing Y N 304 
TRP NE1 HE1  sing N N 305 
TRP CE2 CZ2  sing Y N 306 
TRP CE3 CZ3  doub Y N 307 
TRP CE3 HE3  sing N N 308 
TRP CZ2 CH2  doub Y N 309 
TRP CZ2 HZ2  sing N N 310 
TRP CZ3 CH2  sing Y N 311 
TRP CZ3 HZ3  sing N N 312 
TRP CH2 HH2  sing N N 313 
TRP OXT HXT  sing N N 314 
TYR N   CA   sing N N 315 
TYR N   H    sing N N 316 
TYR N   H2   sing N N 317 
TYR CA  C    sing N N 318 
TYR CA  CB   sing N N 319 
TYR CA  HA   sing N N 320 
TYR C   O    doub N N 321 
TYR C   OXT  sing N N 322 
TYR CB  CG   sing N N 323 
TYR CB  HB2  sing N N 324 
TYR CB  HB3  sing N N 325 
TYR CG  CD1  doub Y N 326 
TYR CG  CD2  sing Y N 327 
TYR CD1 CE1  sing Y N 328 
TYR CD1 HD1  sing N N 329 
TYR CD2 CE2  doub Y N 330 
TYR CD2 HD2  sing N N 331 
TYR CE1 CZ   doub Y N 332 
TYR CE1 HE1  sing N N 333 
TYR CE2 CZ   sing Y N 334 
TYR CE2 HE2  sing N N 335 
TYR CZ  OH   sing N N 336 
TYR OH  HH   sing N N 337 
TYR OXT HXT  sing N N 338 
VAL N   CA   sing N N 339 
VAL N   H    sing N N 340 
VAL N   H2   sing N N 341 
VAL CA  C    sing N N 342 
VAL CA  CB   sing N N 343 
VAL CA  HA   sing N N 344 
VAL C   O    doub N N 345 
VAL C   OXT  sing N N 346 
VAL CB  CG1  sing N N 347 
VAL CB  CG2  sing N N 348 
VAL CB  HB   sing N N 349 
VAL CG1 HG11 sing N N 350 
VAL CG1 HG12 sing N N 351 
VAL CG1 HG13 sing N N 352 
VAL CG2 HG21 sing N N 353 
VAL CG2 HG22 sing N N 354 
VAL CG2 HG23 sing N N 355 
VAL OXT HXT  sing N N 356 
# 
_pdbx_audit_support.funding_organization   'National Research Foundation (NRF, Korea)' 
_pdbx_audit_support.country                'Korea, Republic Of' 
_pdbx_audit_support.grant_number           ? 
_pdbx_audit_support.ordinal                1 
# 
_pdbx_initial_refinement_model.id               1 
_pdbx_initial_refinement_model.entity_id_list   ? 
_pdbx_initial_refinement_model.type             'experimental model' 
_pdbx_initial_refinement_model.source_name      PDB 
_pdbx_initial_refinement_model.accession_code   1FAZ 
_pdbx_initial_refinement_model.details          ? 
# 
_space_group.name_H-M_alt     'C 1 2 1' 
_space_group.name_Hall        'C 2y' 
_space_group.IT_number        5 
_space_group.crystal_system   monoclinic 
_space_group.id               1 
# 
_atom_sites.entry_id                    7YGK 
_atom_sites.Cartn_transf_matrix[1][1]   ? 
_atom_sites.Cartn_transf_matrix[1][2]   ? 
_atom_sites.Cartn_transf_matrix[1][3]   ? 
_atom_sites.Cartn_transf_matrix[2][1]   ? 
_atom_sites.Cartn_transf_matrix[2][2]   ? 
_atom_sites.Cartn_transf_matrix[2][3]   ? 
_atom_sites.Cartn_transf_matrix[3][1]   ? 
_atom_sites.Cartn_transf_matrix[3][2]   ? 
_atom_sites.Cartn_transf_matrix[3][3]   ? 
_atom_sites.Cartn_transf_vector[1]      ? 
_atom_sites.Cartn_transf_vector[2]      ? 
_atom_sites.Cartn_transf_vector[3]      ? 
_atom_sites.fract_transf_matrix[1][1]   -0.01298845 
_atom_sites.fract_transf_matrix[1][2]   -0.01586910 
_atom_sites.fract_transf_matrix[1][3]   -0.00502593 
_atom_sites.fract_transf_matrix[2][1]   -0.01748843 
_atom_sites.fract_transf_matrix[2][2]   0.00939727 
_atom_sites.fract_transf_matrix[2][3]   0.01552376 
_atom_sites.fract_transf_matrix[3][1]   -0.00719745 
_atom_sites.fract_transf_matrix[3][2]   0.00964668 
_atom_sites.fract_transf_matrix[3][3]   -0.01394795 
_atom_sites.fract_transf_vector[1]      -0.295787 
_atom_sites.fract_transf_vector[2]      0.039615 
_atom_sites.fract_transf_vector[3]      0.277606 
_atom_sites.solution_primary            ? 
_atom_sites.solution_secondary          ? 
_atom_sites.solution_hydrogens          ? 
_atom_sites.special_details             ? 
# 
loop_
_atom_type.symbol 
_atom_type.scat_dispersion_real 
_atom_type.scat_dispersion_imag 
_atom_type.scat_Cromer_Mann_a1 
_atom_type.scat_Cromer_Mann_a2 
_atom_type.scat_Cromer_Mann_b1 
_atom_type.scat_Cromer_Mann_b2 
_atom_type.scat_Cromer_Mann_c 
_atom_type.scat_source 
_atom_type.scat_dispersion_source 
C ? ? 3.54356 2.42580 25.62398 1.50364  0.0 
;2-Gaussian fit: Grosse-Kunstleve RW, Sauter NK, Adams PD: Newsletter of the IUCr Commission on Crystallographic Computing 2004, 3, 22-31.
;
? 
N ? ? 4.01032 2.96436 19.97189 1.75589  0.0 
;2-Gaussian fit: Grosse-Kunstleve RW, Sauter NK, Adams PD: Newsletter of the IUCr Commission on Crystallographic Computing 2004, 3, 22-31.
;
? 
O ? ? 4.49882 3.47563 15.80542 1.70748  0.0 
;2-Gaussian fit: Grosse-Kunstleve RW, Sauter NK, Adams PD: Newsletter of the IUCr Commission on Crystallographic Computing 2004, 3, 22-31.
;
? 
S ? ? 9.55732 6.39887 1.23737  29.19336 0.0 
;2-Gaussian fit: Grosse-Kunstleve RW, Sauter NK, Adams PD: Newsletter of the IUCr Commission on Crystallographic Computing 2004, 3, 22-31.
;
? 
# 
loop_
_atom_site.group_PDB 
_atom_site.id 
_atom_site.type_symbol 
_atom_site.label_atom_id 
_atom_site.label_alt_id 
_atom_site.label_comp_id 
_atom_site.label_asym_id 
_atom_site.label_entity_id 
_atom_site.label_seq_id 
_atom_site.pdbx_PDB_ins_code 
_atom_site.Cartn_x 
_atom_site.Cartn_y 
_atom_site.Cartn_z 
_atom_site.occupancy 
_atom_site.B_iso_or_equiv 
_atom_site.pdbx_formal_charge 
_atom_site.auth_seq_id 
_atom_site.auth_comp_id 
_atom_site.auth_asym_id 
_atom_site.auth_atom_id 
_atom_site.pdbx_PDB_model_num 
ATOM   1    N N   . GLU A 1 1   ? -9.31583  8.92239   -17.29817 1.000 32.21000 ? 1   GLU A N   1 
ATOM   2    C CA  . GLU A 1 1   ? -9.56600  7.77911   -18.16354 1.000 27.03000 ? 1   GLU A CA  1 
ATOM   3    C C   . GLU A 1 1   ? -8.20958  7.16298   -18.49000 1.000 17.99000 ? 1   GLU A C   1 
ATOM   4    O O   . GLU A 1 1   ? -8.13539  5.99069   -18.84621 1.000 24.09000 ? 1   GLU A O   1 
ATOM   5    C CB  . GLU A 1 1   ? -10.34036 8.19003   -19.42795 1.000 32.22000 ? 1   GLU A CB  1 
ATOM   6    C CG  . GLU A 1 1   ? -10.31147 7.19580   -20.57045 1.000 32.04000 ? 1   GLU A CG  1 
ATOM   7    C CD  . GLU A 1 1   ? -11.63756 6.47871   -20.77732 1.000 39.63000 ? 1   GLU A CD  1 
ATOM   8    O OE1 . GLU A 1 1   ? -11.84037 5.35310   -20.24091 1.000 39.70000 ? 1   GLU A OE1 1 
ATOM   9    O OE2 . GLU A 1 1   ? -12.48573 7.04281   -21.50214 1.000 41.98000 ? 1   GLU A OE2 1 
ATOM   10   N N   . SER A 1 2   ? -7.12211  7.94130   -18.36226 1.000 17.00000 ? 2   SER A N   1 
ATOM   11   C CA  . SER A 1 2   ? -5.77872  7.36209   -18.54597 1.000 13.81000 ? 2   SER A CA  1 
ATOM   12   C C   . SER A 1 2   ? -5.52693  6.31415   -17.48382 1.000 11.48000 ? 2   SER A C   1 
ATOM   13   O O   . SER A 1 2   ? -5.94134  6.44704   -16.32513 1.000 12.19000 ? 2   SER A O   1 
ATOM   14   C CB  . SER A 1 2   ? -4.66638  8.40696   -18.52998 1.000 14.63000 ? 2   SER A CB  1 
ATOM   15   O OG  . SER A 1 2   ? -4.34667  8.78689   -17.18314 1.000 16.57000 ? 2   SER A OG  1 
ATOM   16   N N   . ILE A 1 3   ? -4.76671  5.28871   -17.84601 1.000 10.50000 ? 3   ILE A N   1 
ATOM   17   C CA  . ILE A 1 3   ? -4.47701  4.25095   -16.85943 1.000 10.52000 ? 3   ILE A CA  1 
ATOM   18   C C   . ILE A 1 3   ? -3.71872  4.80450   -15.69064 1.000 8.74000  ? 3   ILE A C   1 
ATOM   19   O O   . ILE A 1 3   ? -3.85912  4.30632   -14.58197 1.000 8.99000  ? 3   ILE A O   1 
ATOM   20   C CB  . ILE A 1 3   ? -3.82160  3.03717   -17.53341 1.000 10.58000 ? 3   ILE A CB  1 
ATOM   21   C CG1 . ILE A 1 3   ? -3.78692  1.82108   -16.60647 1.000 10.80000 ? 3   ILE A CG1 1 
ATOM   22   C CG2 . ILE A 1 3   ? -2.40899  3.35944   -18.01586 1.000 12.37000 ? 3   ILE A CG2 1 
ATOM   23   C CD1 . ILE A 1 3   ? -5.14601  1.30722   -16.13663 1.000 12.28000 ? 3   ILE A CD1 1 
ATOM   24   N N   . GLU A 1 4   ? -2.86314  5.82155   -15.90466 1.000 8.94000  ? 4   GLU A N   1 
ATOM   25   C CA  . GLU A 1 4   ? -2.13350  6.40210   -14.77604 1.000 8.54000  ? 4   GLU A CA  1 
ATOM   26   C C   . GLU A 1 4   ? -3.07557  7.12467   -13.82582 1.000 8.53000  ? 4   GLU A C   1 
ATOM   27   O O   . GLU A 1 4   ? -2.93234  7.01253   -12.61066 1.000 9.13000  ? 4   GLU A O   1 
ATOM   28   C CB  . GLU A 1 4   ? -1.00943  7.33386   -15.25948 1.000 10.01000 ? 4   GLU A CB  1 
ATOM   29   C CG  . GLU A 1 4   ? 0.03448   6.65011   -16.12212 1.000 10.96000 ? 4   GLU A CG  1 
ATOM   30   C CD  . GLU A 1 4   ? -0.37102  6.47028   -17.57150 1.000 11.29000 ? 4   GLU A CD  1 
ATOM   31   O OE1 . GLU A 1 4   ? -1.29013  7.13630   -18.04710 1.000 11.23000 ? 4   GLU A OE1 1 
ATOM   32   O OE2 . GLU A 1 4   ? 0.28485   5.65009   -18.24737 1.000 11.87000 ? 4   GLU A OE2 1 
ATOM   33   N N   . SER A 1 5   ? -4.04010  7.84385   -14.35231 1.000 9.75000  ? 5   SER A N   1 
ATOM   34   C CA  . SER A 1 5   ? -5.02705  8.49545   -13.47828 1.000 11.63000 ? 5   SER A CA  1 
ATOM   35   C C   . SER A 1 5   ? -5.84995  7.48695   -12.70030 1.000 10.43000 ? 5   SER A C   1 
ATOM   36   O O   . SER A 1 5   ? -6.12875  7.70641   -11.50388 1.000 11.04000 ? 5   SER A O   1 
ATOM   37   C CB  . SER A 1 5   ? -5.94790  9.36401   -14.32959 1.000 13.12000 ? 5   SER A CB  1 
ATOM   38   O OG  . SER A 1 5   ? -5.20211  10.47708  -14.74838 1.000 24.43000 ? 5   SER A OG  1 
ATOM   39   N N   . ILE A 1 6   ? -6.24840  6.40582   -13.34799 1.000 9.62000  ? 6   ILE A N   1 
ATOM   40   C CA  . ILE A 1 6   ? -6.98881  5.32927   -12.65712 1.000 10.04000 ? 6   ILE A CA  1 
ATOM   41   C C   . ILE A 1 6   ? -6.16908  4.74062   -11.54131 1.000 8.49000  ? 6   ILE A C   1 
ATOM   42   O O   . ILE A 1 6   ? -6.64469  4.60170   -10.39762 1.000 8.92000  ? 6   ILE A O   1 
ATOM   43   C CB  . ILE A 1 6   ? -7.35487  4.25404   -13.68403 1.000 11.63000 ? 6   ILE A CB  1 
ATOM   44   C CG1 . ILE A 1 6   ? -8.43143  4.77875   -14.64806 1.000 12.93000 ? 6   ILE A CG1 1 
ATOM   45   C CG2 . ILE A 1 6   ? -7.88429  3.01115   -12.97944 1.000 13.70000 ? 6   ILE A CG2 1 
ATOM   46   C CD1 . ILE A 1 6   ? -8.62629  3.88688   -15.88656 1.000 15.74000 ? 6   ILE A CD1 1 
ATOM   47   N N   . THR A 1 7   ? -4.88072  4.46729   -11.82285 1.000 8.50000  ? 7   THR A N   1 
ATOM   48   C CA  . THR A 1 7   ? -3.94954  3.94436   -10.82146 1.000 7.88000  ? 7   THR A CA  1 
ATOM   49   C C   . THR A 1 7   ? -3.92561  4.86648   -9.60828  1.000 7.58000  ? 7   THR A C   1 
ATOM   50   O O   . THR A 1 7   ? -3.94503  4.44496   -8.45325  1.000 7.71000  ? 7   THR A O   1 
ATOM   51   C CB  . THR A 1 7   ? -2.53550  3.82219   -11.43589 1.000 8.29000  ? 7   THR A CB  1 
ATOM   52   O OG1 . THR A 1 7   ? -2.58570  2.89699   -12.54843 1.000 8.41000  ? 7   THR A OG1 1 
ATOM   53   C CG2 . THR A 1 7   ? -1.52422  3.31513   -10.46901 1.000 8.27000  ? 7   THR A CG2 1 
ATOM   54   N N   . ASP A 1 8   ? -3.79596  6.18075   -9.89324  1.000 7.66000  ? 8   ASP A N   1 
ATOM   55   C CA  . ASP A 1 8   ? -3.71291  7.16701   -8.80984  1.000 8.67000  ? 8   ASP A CA  1 
ATOM   56   C C   . ASP A 1 8   ? -5.00066  7.28995   -8.01447  1.000 8.25000  ? 8   ASP A C   1 
ATOM   57   O O   . ASP A 1 8   ? -4.95714  7.51300   -6.79389  1.000 8.72000  ? 8   ASP A O   1 
ATOM   58   C CB  . ASP A 1 8   ? -3.26730  8.51590   -9.34266  1.000 10.55000 ? 8   ASP A CB  1 
ATOM   59   C CG  . ASP A 1 8   ? -1.84298  8.50675   -9.77769  1.000 10.83000 ? 8   ASP A CG  1 
ATOM   60   O OD1 . ASP A 1 8   ? -1.10010  7.51962   -9.58017  1.000 10.99000 ? 8   ASP A OD1 1 
ATOM   61   O OD2 . ASP A 1 8   ? -1.47317  9.55293   -10.35726 1.000 15.57000 ? 8   ASP A OD2 1 
ATOM   62   N N   . ASN A 1 9   ? -6.14536  7.10136   -8.64470  1.000 8.24000  ? 9   ASN A N   1 
ATOM   63   C CA  . ASN A 1 9   ? -7.39028  7.08317   -7.88802  1.000 8.77000  ? 9   ASN A CA  1 
ATOM   64   C C   . ASN A 1 9   ? -7.41643  5.89545   -6.94139  1.000 8.34000  ? 9   ASN A C   1 
ATOM   65   O O   . ASN A 1 9   ? -7.78098  6.05301   -5.76338  1.000 8.88000  ? 9   ASN A O   1 
ATOM   66   C CB  . ASN A 1 9   ? -8.56747  6.99982   -8.83719  1.000 10.25000 ? 9   ASN A CB  1 
ATOM   67   C CG  . ASN A 1 9   ? -8.84177  8.28638   -9.57405  1.000 11.71000 ? 9   ASN A CG  1 
ATOM   68   O OD1 . ASN A 1 9   ? -8.52734  9.34864   -9.07112  1.000 14.79000 ? 9   ASN A OD1 1 
ATOM   69   N ND2 . ASN A 1 9   ? -9.45029  8.16088   -10.71895 1.000 15.16000 ? 9   ASN A ND2 1 
ATOM   70   N N   . TYR A 1 10  ? -7.00361  4.71890   -7.40633  1.000 8.20000  ? 10  TYR A N   1 
ATOM   71   C CA  . TYR A 1 10  ? -7.01154  3.58683   -6.49421  1.000 8.79000  ? 10  TYR A CA  1 
ATOM   72   C C   . TYR A 1 10  ? -6.07705  3.82326   -5.32914  1.000 10.50000 ? 10  TYR A C   1 
ATOM   73   O O   . TYR A 1 10  ? -6.33662  3.39275   -4.20090  1.000 9.98000  ? 10  TYR A O   1 
ATOM   74   C CB  . TYR A 1 10  ? -6.60260  2.33297   -7.23310  1.000 10.39000 ? 10  TYR A CB  1 
ATOM   75   C CG  . TYR A 1 10  ? -7.49051  1.88893   -8.31647  1.000 10.74000 ? 10  TYR A CG  1 
ATOM   76   C CD1 . TYR A 1 10  ? -8.80344  2.34443   -8.45818  1.000 12.09000 ? 10  TYR A CD1 1 
ATOM   77   C CD2 . TYR A 1 10  ? -7.01072  1.01977   -9.28476  1.000 11.62000 ? 10  TYR A CD2 1 
ATOM   78   C CE1 . TYR A 1 10  ? -9.59343  1.89999   -9.56742  1.000 14.96000 ? 10  TYR A CE1 1 
ATOM   79   C CE2 . TYR A 1 10  ? -7.82881  0.55993   -10.31295 1.000 13.63000 ? 10  TYR A CE2 1 
ATOM   80   C CZ  . TYR A 1 10  ? -9.06872  1.03524   -10.45113 1.000 11.72000 ? 10  TYR A CZ  1 
ATOM   81   O OH  . TYR A 1 10  ? -9.82410  0.53814   -11.51689 1.000 14.74000 ? 10  TYR A OH  1 
ATOM   82   N N   . LEU A 1 11  ? -4.90670  4.42581   -5.59377  1.000 8.99000  ? 11  LEU A N   1 
ATOM   83   C CA  . LEU A 1 11  ? -3.91806  4.65487   -4.54115  1.000 9.70000  ? 11  LEU A CA  1 
ATOM   84   C C   . LEU A 1 11  ? -4.33495  5.69981   -3.52232  1.000 10.69000 ? 11  LEU A C   1 
ATOM   85   O O   . LEU A 1 11  ? -4.06966  5.53780   -2.32488  1.000 11.68000 ? 11  LEU A O   1 
ATOM   86   C CB  . LEU A 1 11  ? -2.60296  5.11425   -5.15421  1.000 11.12000 ? 11  LEU A CB  1 
ATOM   87   C CG  . LEU A 1 11  ? -1.77816  3.97524   -5.72611  1.000 10.52000 ? 11  LEU A CG  1 
ATOM   88   C CD1 . LEU A 1 11  ? -0.72803  4.59733   -6.63868  1.000 11.51000 ? 11  LEU A CD1 1 
ATOM   89   C CD2 . LEU A 1 11  ? -1.14308  3.13163   -4.65651  1.000 11.21000 ? 11  LEU A CD2 1 
ATOM   90   N N   . PHE A 1 12  ? -4.88383  6.80249   -3.97968  1.000 8.87000  ? 12  PHE A N   1 
ATOM   91   C CA  . PHE A 1 12  ? -4.98519  8.01218   -3.17866  1.000 11.10000 ? 12  PHE A CA  1 
ATOM   92   C C   . PHE A 1 12  ? -6.38361  8.50864   -2.90061  1.000 10.58000 ? 12  PHE A C   1 
ATOM   93   O O   . PHE A 1 12  ? -6.53471  9.43927   -2.09335  1.000 12.86000 ? 12  PHE A O   1 
ATOM   94   C CB  . PHE A 1 12  ? -4.17555  9.11869   -3.84169  1.000 11.92000 ? 12  PHE A CB  1 
ATOM   95   C CG  . PHE A 1 12  ? -2.71121  8.75221   -3.98944  1.000 12.47000 ? 12  PHE A CG  1 
ATOM   96   C CD1 . PHE A 1 12  ? -1.96885  8.41809   -2.87659  1.000 15.69000 ? 12  PHE A CD1 1 
ATOM   97   C CD2 . PHE A 1 12  ? -2.11307  8.74293   -5.22150  1.000 13.24000 ? 12  PHE A CD2 1 
ATOM   98   C CE1 . PHE A 1 12  ? -0.61829  8.09291   -2.99503  1.000 17.26000 ? 12  PHE A CE1 1 
ATOM   99   C CE2 . PHE A 1 12  ? -0.71886  8.42753   -5.32770  1.000 13.66000 ? 12  PHE A CE2 1 
ATOM   100  C CZ  . PHE A 1 12  ? -0.06464  8.07139   -4.23515  1.000 13.64000 ? 12  PHE A CZ  1 
ATOM   101  N N   . SER A 1 13  ? -7.40903  7.90152   -3.48807  1.000 9.49000  ? 13  SER A N   1 
ATOM   102  C CA  . SER A 1 13  ? -8.76551  8.37305   -3.27713  1.000 9.26000  ? 13  SER A CA  1 
ATOM   103  C C   . SER A 1 13  ? -9.60526  7.34431   -2.55439  1.000 11.14000 ? 13  SER A C   1 
ATOM   104  O O   . SER A 1 13  ? -10.82549 7.57165   -2.39152  1.000 15.21000 ? 13  SER A O   1 
ATOM   105  C CB  . SER A 1 13  ? -9.43093  8.82855   -4.59183  1.000 11.20000 ? 13  SER A CB  1 
ATOM   106  O OG  . SER A 1 13  ? -8.76309  9.98986   -5.07633  1.000 13.24000 ? 13  SER A OG  1 
ATOM   107  N N   . THR A 1 14  ? -9.05325  6.18235   -2.16468  1.000 10.67000 ? 14  THR A N   1 
ATOM   108  C CA  . THR A 1 14  ? -9.82585  5.13819   -1.47165  1.000 13.01000 ? 14  THR A CA  1 
ATOM   109  C C   . THR A 1 14  ? -9.25807  4.86580   -0.08624  1.000 11.28000 ? 14  THR A C   1 
ATOM   110  O O   . THR A 1 14  ? -8.03669  5.04693   0.13552   1.000 11.61000 ? 14  THR A O   1 
ATOM   111  C CB  . THR A 1 14  ? -9.81107  3.79155   -2.24125  1.000 13.16000 ? 14  THR A CB  1 
ATOM   112  O OG1 . THR A 1 14  ? -8.47920  3.27652   -2.39201  1.000 12.05000 ? 14  THR A OG1 1 
ATOM   113  C CG2 . THR A 1 14  ? -10.43722 3.96771   -3.68195  1.000 14.35000 ? 14  THR A CG2 1 
ATOM   114  N N   . SER A 1 15  ? -10.08495 4.45183   0.87808   1.000 10.79000 ? 15  SER A N   1 
ATOM   115  C CA  . SER A 1 15  ? -9.59976  3.87297   2.11682   1.000 11.25000 ? 15  SER A CA  1 
ATOM   116  C C   . SER A 1 15  ? -8.97343  2.51255   1.81758   1.000 9.20000  ? 15  SER A C   1 
ATOM   117  O O   . SER A 1 15  ? -9.24719  1.89710   0.78269   1.000 9.14000  ? 15  SER A O   1 
ATOM   118  C CB  . SER A 1 15  ? -10.74714 3.74928   3.13073   1.000 12.38000 ? 15  SER A CB  1 
ATOM   119  O OG  . SER A 1 15  ? -11.75138 2.86481   2.63714   1.000 11.70000 ? 15  SER A OG  1 
ATOM   120  N N   . PRO A 1 16  ? -8.16313  1.98765   2.73253   1.000 8.94000  ? 16  PRO A N   1 
ATOM   121  C CA  . PRO A 1 16  ? -7.51291  0.71719   2.41360   1.000 10.37000 ? 16  PRO A CA  1 
ATOM   122  C C   . PRO A 1 16  ? -8.51435  -0.41488  2.30116   1.000 9.46000  ? 16  PRO A C   1 
ATOM   123  O O   . PRO A 1 16  ? -8.34261  -1.31262  1.48375   1.000 9.71000  ? 16  PRO A O   1 
ATOM   124  C CB  . PRO A 1 16  ? -6.47306  0.51637   3.53207   1.000 13.48000 ? 16  PRO A CB  1 
ATOM   125  C CG  . PRO A 1 16  ? -6.70578  1.57482   4.49541   1.000 14.35000 ? 16  PRO A CG  1 
ATOM   126  C CD  . PRO A 1 16  ? -7.54874  2.65553   3.91125   1.000 11.46000 ? 16  PRO A CD  1 
ATOM   127  N N   . SER A 1 17  ? -9.56088  -0.41529  3.10998   1.000 11.84000 ? 17  SER A N   1 
ATOM   128  C CA  . SER A 1 17  ? -10.54168 -1.47961  2.96084   1.000 11.83000 ? 17  SER A CA  1 
ATOM   129  C C   . SER A 1 17  ? -11.35160 -1.34241  1.68061   1.000 10.36000 ? 17  SER A C   1 
ATOM   130  O O   . SER A 1 17  ? -11.76218 -2.37716  1.14023   1.000 11.73000 ? 17  SER A O   1 
ATOM   131  C CB  . SER A 1 17  ? -11.41230 -1.65377  4.20065   1.000 14.79000 ? 17  SER A CB  1 
ATOM   132  O OG  . SER A 1 17  ? -10.60522 -2.11360  5.30830   1.000 18.04000 ? 17  SER A OG  1 
ATOM   133  N N   . GLN A 1 18  ? -11.59128 -0.13181  1.19012   1.000 10.70000 ? 18  GLN A N   1 
ATOM   134  C CA  . GLN A 1 18  ? -12.17670 0.01462   -0.14238  1.000 9.69000  ? 18  GLN A CA  1 
ATOM   135  C C   . GLN A 1 18  ? -11.21173 -0.44573  -1.24868  1.000 8.60000  ? 18  GLN A C   1 
ATOM   136  O O   . GLN A 1 18  ? -11.60276 -1.14465  -2.16547  1.000 9.10000  ? 18  GLN A O   1 
ATOM   137  C CB  . GLN A 1 18  ? -12.66753 1.43987   -0.38113  1.000 11.06000 ? 18  GLN A CB  1 
ATOM   138  C CG  . GLN A 1 18  ? -13.13627 1.72429   -1.82637  1.000 10.69000 ? 18  GLN A CG  1 
ATOM   139  C CD  . GLN A 1 18  ? -14.32212 0.82987   -2.28648  1.000 10.59000 ? 18  GLN A CD  1 
ATOM   140  O OE1 . GLN A 1 18  ? -14.90718 0.04786   -1.49106  1.000 12.41000 ? 18  GLN A OE1 1 
ATOM   141  N NE2 . GLN A 1 18  ? -14.64025 0.89862   -3.51994  1.000 9.18000  ? 18  GLN A NE2 1 
ATOM   142  N N   . PHE A 1 19  ? -9.93318  -0.06301  -1.13607  1.000 8.23000  ? 19  PHE A N   1 
ATOM   143  C CA  . PHE A 1 19  ? -8.94769  -0.57378  -2.08697  1.000 7.87000  ? 19  PHE A CA  1 
ATOM   144  C C   . PHE A 1 19  ? -9.02733  -2.09676  -2.17566  1.000 7.43000  ? 19  PHE A C   1 
ATOM   145  O O   . PHE A 1 19  ? -8.93596  -2.66582  -3.25283  1.000 8.69000  ? 19  PHE A O   1 
ATOM   146  C CB  . PHE A 1 19  ? -7.54320  -0.12499  -1.66866  1.000 8.63000  ? 19  PHE A CB  1 
ATOM   147  C CG  . PHE A 1 19  ? -6.48986  -0.71438  -2.53422  1.000 7.60000  ? 19  PHE A CG  1 
ATOM   148  C CD1 . PHE A 1 19  ? -6.17577  -0.11760  -3.76193  1.000 9.10000  ? 19  PHE A CD1 1 
ATOM   149  C CD2 . PHE A 1 19  ? -5.85454  -1.88353  -2.21179  1.000 8.46000  ? 19  PHE A CD2 1 
ATOM   150  C CE1 . PHE A 1 19  ? -5.24580  -0.67558  -4.59934  1.000 9.40000  ? 19  PHE A CE1 1 
ATOM   151  C CE2 . PHE A 1 19  ? -4.91836  -2.44256  -3.07638  1.000 9.18000  ? 19  PHE A CE2 1 
ATOM   152  C CZ  . PHE A 1 19  ? -4.59872  -1.80176  -4.23334  1.000 9.91000  ? 19  PHE A CZ  1 
ATOM   153  N N   . GLU A 1 20  ? -9.12694  -2.76447  -1.03757  1.000 9.23000  ? 20  GLU A N   1 
ATOM   154  C CA  . GLU A 1 20  ? -9.13648  -4.21691  -1.05766  1.000 9.90000  ? 20  GLU A CA  1 
ATOM   155  C C   . GLU A 1 20  ? -10.34281 -4.75391  -1.84326  1.000 9.95000  ? 20  GLU A C   1 
ATOM   156  O O   . GLU A 1 20  ? -10.21292 -5.72579  -2.60954  1.000 10.91000 ? 20  GLU A O   1 
ATOM   157  C CB  . GLU A 1 20  ? -9.18194  -4.70458  0.38678   1.000 13.99000 ? 20  GLU A CB  1 
ATOM   158  C CG  . GLU A 1 20  ? -9.02867  -6.19118  0.61628   1.000 16.81000 ? 20  GLU A CG  1 
ATOM   159  C CD  . GLU A 1 20  ? -7.61858  -6.67866  0.40672   1.000 18.74000 ? 20  GLU A CD  1 
ATOM   160  O OE1 . GLU A 1 20  ? -6.65747  -5.89630  0.07157   1.000 18.04000 ? 20  GLU A OE1 1 
ATOM   161  O OE2 . GLU A 1 20  ? -7.41814  -7.90755  0.55897   1.000 25.37000 ? 20  GLU A OE2 1 
ATOM   162  N N   . LYS A 1 21  ? -11.49438 -4.08829  -1.73288  1.000 8.95000  ? 21  LYS A N   1 
ATOM   163  C CA  . LYS A 1 21  ? -12.67794 -4.52175  -2.46408  1.000 10.87000 ? 21  LYS A CA  1 
ATOM   164  C C   . LYS A 1 21  ? -12.56335 -4.21255  -3.94812  1.000 10.42000 ? 21  LYS A C   1 
ATOM   165  O O   . LYS A 1 21  ? -13.14873 -4.93448  -4.76462  1.000 12.35000 ? 21  LYS A O   1 
ATOM   166  C CB  . LYS A 1 21  ? -13.93832 -3.85566  -1.86635  1.000 12.15000 ? 21  LYS A CB  1 
ATOM   167  C CG  . LYS A 1 21  ? -14.19506 -4.34014  -0.40964  1.000 14.37000 ? 21  LYS A CG  1 
ATOM   168  C CD  . LYS A 1 21  ? -14.51807 -5.78071  -0.29234  1.000 20.35000 ? 21  LYS A CD  1 
ATOM   169  C CE  . LYS A 1 21  ? -14.74701 -6.11550  1.20999   1.000 23.40000 ? 21  LYS A CE  1 
ATOM   170  N NZ  . LYS A 1 21  ? -13.62264 -6.90635  1.77176   1.000 26.45000 ? 21  LYS A NZ  1 
ATOM   171  N N   . VAL A 1 22  ? -11.83118 -3.16044  -4.32359  1.000 9.59000  ? 22  VAL A N   1 
ATOM   172  C CA  . VAL A 1 22  ? -11.49372 -2.90356  -5.71786  1.000 9.65000  ? 22  VAL A CA  1 
ATOM   173  C C   . VAL A 1 22  ? -10.57186 -3.99985  -6.23822  1.000 9.17000  ? 22  VAL A C   1 
ATOM   174  O O   . VAL A 1 22  ? -10.80143 -4.60970  -7.30503  1.000 9.93000  ? 22  VAL A O   1 
ATOM   175  C CB  . VAL A 1 22  ? -10.85237 -1.51038  -5.85534  1.000 9.20000  ? 22  VAL A CB  1 
ATOM   176  C CG1 . VAL A 1 22  ? -10.39498 -1.27277  -7.25548  1.000 11.89000 ? 22  VAL A CG1 1 
ATOM   177  C CG2 . VAL A 1 22  ? -11.80663 -0.44688  -5.44622  1.000 12.38000 ? 22  VAL A CG2 1 
ATOM   178  N N   . ARG A 1 23  ? -9.52292  -4.29807  -5.47209  1.000 9.02000  ? 23  ARG A N   1 
ATOM   179  C CA  . ARG A 1 23  ? -8.53996  -5.28358  -5.87062  1.000 10.05000 ? 23  ARG A CA  1 
ATOM   180  C C   . ARG A 1 23  ? -9.20550  -6.62426  -6.14010  1.000 10.23000 ? 23  ARG A C   1 
ATOM   181  O O   . ARG A 1 23  ? -8.79912  -7.35702  -7.05439  1.000 10.89000 ? 23  ARG A O   1 
ATOM   182  C CB  . ARG A 1 23  ? -7.51587  -5.42269  -4.75601  1.000 10.16000 ? 23  ARG A CB  1 
ATOM   183  C CG  . ARG A 1 23  ? -6.44950  -6.45868  -5.04031  1.000 10.47000 ? 23  ARG A CG  1 
ATOM   184  C CD  . ARG A 1 23  ? -5.32065  -6.31799  -3.98940  1.000 11.96000 ? 23  ARG A CD  1 
ATOM   185  N NE  . ARG A 1 23  ? -4.21554  -7.19573  -4.30385  1.000 11.41000 ? 23  ARG A NE  1 
ATOM   186  C CZ  . ARG A 1 23  ? -4.13902  -8.46046  -3.92866  1.000 14.08000 ? 23  ARG A CZ  1 
ATOM   187  N NH1 . ARG A 1 23  ? -3.10286  -9.17432  -4.32985  1.000 13.84000 ? 23  ARG A NH1 1 
ATOM   188  N NH2 . ARG A 1 23  ? -5.08849  -9.00570  -3.16103  1.000 15.37000 ? 23  ARG A NH2 1 
ATOM   189  N N   . ASP A 1 24  ? -10.22744 -6.97736  -5.35322  1.000 10.43000 ? 24  ASP A N   1 
ATOM   190  C CA  . ASP A 1 24  ? -10.92025 -8.26240  -5.55794  1.000 11.90000 ? 24  ASP A CA  1 
ATOM   191  C C   . ASP A 1 24  ? -11.45521 -8.41017  -6.97732  1.000 12.34000 ? 24  ASP A C   1 
ATOM   192  O O   . ASP A 1 24  ? -11.63631 -9.55424  -7.44212  1.000 14.71000 ? 24  ASP A O   1 
ATOM   193  C CB  . ASP A 1 24  ? -12.04626 -8.40285  -4.52142  1.000 14.83000 ? 24  ASP A CB  1 
ATOM   194  C CG  . ASP A 1 24  ? -11.53933 -8.72830  -3.11895  1.000 17.43000 ? 24  ASP A CG  1 
ATOM   195  O OD1 . ASP A 1 24  ? -10.38173 -9.16262  -2.93856  1.000 17.33000 ? 24  ASP A OD1 1 
ATOM   196  O OD2 . ASP A 1 24  ? -12.34472 -8.54658  -2.16154  1.000 21.38000 ? 24  ASP A OD2 1 
ATOM   197  N N   . GLU A 1 25  ? -11.82510 -7.34885  -7.63135  1.000 11.77000 ? 25  GLU A N   1 
ATOM   198  C CA  . GLU A 1 25  ? -12.36942 -7.41989  -8.98594  1.000 13.01000 ? 25  GLU A CA  1 
ATOM   199  C C   . GLU A 1 25  ? -11.31348 -7.26741  -10.06676 1.000 12.75000 ? 25  GLU A C   1 
ATOM   200  O O   . GLU A 1 25  ? -11.63626 -7.38825  -11.26424 1.000 12.11000 ? 25  GLU A O   1 
ATOM   201  C CB  . GLU A 1 25  ? -13.40941 -6.32107  -9.16800  1.000 15.35000 ? 25  GLU A CB  1 
ATOM   202  C CG  . GLU A 1 25  ? -14.78945 -6.59761  -8.55252  1.000 24.82000 ? 25  GLU A CG  1 
ATOM   203  C CD  . GLU A 1 25  ? -15.51242 -7.78169  -9.24159  1.000 25.99000 ? 25  GLU A CD  1 
ATOM   204  O OE1 . GLU A 1 25  ? -16.19284 -7.66961  -10.34037 1.000 30.11000 ? 25  GLU A OE1 1 
ATOM   205  O OE2 . GLU A 1 25  ? -15.34660 -8.87309  -8.67502  1.000 31.58000 ? 25  GLU A OE2 1 
ATOM   206  N N   . ARG A 1 26  ? -10.06555 -7.00467  -9.70375  1.000 12.03000 ? 26  ARG A N   1 
ATOM   207  C CA  . ARG A 1 26  ? -8.96776  -6.87320  -10.65839 1.000 11.74000 ? 26  ARG A CA  1 
ATOM   208  C C   . ARG A 1 26  ? -9.30426  -5.97490  -11.85903 1.000 10.77000 ? 26  ARG A C   1 
ATOM   209  O O   . ARG A 1 26  ? -9.13055  -6.38515  -13.01190 1.000 11.89000 ? 26  ARG A O   1 
ATOM   210  C CB  . ARG A 1 26  ? -8.48839  -8.24555  -11.12472 1.000 13.94000 ? 26  ARG A CB  1 
ATOM   211  C CG  . ARG A 1 26  ? -8.19359  -9.22229  -9.99688  1.000 16.51000 ? 26  ARG A CG  1 
ATOM   212  C CD  . ARG A 1 26  ? -6.89271  -8.87259  -9.35973  1.000 16.35000 ? 26  ARG A CD  1 
ATOM   213  N NE  . ARG A 1 26  ? -6.23023  -9.99184  -8.65949  1.000 22.03000 ? 26  ARG A NE  1 
ATOM   214  C CZ  . ARG A 1 26  ? -6.48377  -10.36677 -7.41024  1.000 23.25000 ? 26  ARG A CZ  1 
ATOM   215  N NH1 . ARG A 1 26  ? -7.41645  -9.77023  -6.67534  1.000 18.33000 ? 26  ARG A NH1 1 
ATOM   216  N NH2 . ARG A 1 26  ? -5.82754  -11.38670 -6.88834  1.000 24.96000 ? 26  ARG A NH2 1 
ATOM   217  N N   . PRO A 1 27  ? -9.80501  -4.78289  -11.62717 1.000 10.85000 ? 27  PRO A N   1 
ATOM   218  C CA  . PRO A 1 27  ? -10.07923 -3.87584  -12.75459 1.000 10.44000 ? 27  PRO A CA  1 
ATOM   219  C C   . PRO A 1 27  ? -8.84984  -3.58145  -13.59085 1.000 10.44000 ? 27  PRO A C   1 
ATOM   220  O O   . PRO A 1 27  ? -7.72908  -3.46583  -13.07546 1.000 9.78000  ? 27  PRO A O   1 
ATOM   221  C CB  . PRO A 1 27  ? -10.64433 -2.62857  -12.09290 1.000 12.71000 ? 27  PRO A CB  1 
ATOM   222  C CG  . PRO A 1 27  ? -10.13489 -2.69654  -10.68148 1.000 13.39000 ? 27  PRO A CG  1 
ATOM   223  C CD  . PRO A 1 27  ? -10.02993 -4.13361  -10.31863 1.000 10.78000 ? 27  PRO A CD  1 
ATOM   224  N N   . HIS A 1 28  ? -9.03595  -3.52112  -14.90970 1.000 9.23000  ? 28  HIS A N   1 
ATOM   225  C CA  . HIS A 1 28  ? -7.96284  -3.11646  -15.80131 1.000 10.25000 ? 28  HIS A CA  1 
ATOM   226  C C   . HIS A 1 28  ? -6.76435  -4.02076  -15.65549 1.000 9.58000  ? 28  HIS A C   1 
ATOM   227  O O   . HIS A 1 28  ? -5.61196  -3.59345  -15.82005 1.000 9.68000  ? 28  HIS A O   1 
ATOM   228  C CB  . HIS A 1 28  ? -7.54652  -1.65011  -15.60474 1.000 10.81000 ? 28  HIS A CB  1 
ATOM   229  C CG  . HIS A 1 28  ? -8.68011  -0.71166  -15.76613 1.000 10.14000 ? 28  HIS A CG  1 
ATOM   230  N ND1 . HIS A 1 28  ? -9.24714  -0.44191  -16.99620 1.000 12.15000 ? 28  HIS A ND1 1 
ATOM   231  C CD2 . HIS A 1 28  ? -9.39668  -0.00582  -14.86643 1.000 11.63000 ? 28  HIS A CD2 1 
ATOM   232  C CE1 . HIS A 1 28  ? -10.25153 0.40075   -16.83782 1.000 11.88000 ? 28  HIS A CE1 1 
ATOM   233  N NE2 . HIS A 1 28  ? -10.36313 0.68772   -15.55630 1.000 12.81000 ? 28  HIS A NE2 1 
ATOM   234  N N   . ALA A 1 29  ? -6.99171  -5.32931  -15.42183 1.000 11.59000 ? 29  ALA A N   1 
ATOM   235  C CA  . ALA A 1 29  ? -5.91782  -6.26580  -15.21288 1.000 11.49000 ? 29  ALA A CA  1 
ATOM   236  C C   . ALA A 1 29  ? -5.12864  -6.59612  -16.48081 1.000 11.31000 ? 29  ALA A C   1 
ATOM   237  O O   . ALA A 1 29  ? -4.08759  -7.24191  -16.39138 1.000 13.06000 ? 29  ALA A O   1 
ATOM   238  C CB  . ALA A 1 29  ? -6.40928  -7.57941  -14.55316 1.000 13.71000 ? 29  ALA A CB  1 
ATOM   239  N N   . ASP A 1 30  ? -5.57840  -6.09052  -17.61950 1.000 11.56000 ? 30  ASP A N   1 
ATOM   240  C CA  . ASP A 1 30  ? -4.77927  -6.08563  -18.84249 1.000 12.26000 ? 30  ASP A CA  1 
ATOM   241  C C   . ASP A 1 30  ? -3.60397  -5.13050  -18.80378 1.000 11.15000 ? 30  ASP A C   1 
ATOM   242  O O   . ASP A 1 30  ? -2.65555  -5.29549  -19.58489 1.000 13.51000 ? 30  ASP A O   1 
ATOM   243  C CB  . ASP A 1 30  ? -5.65018  -5.80329  -20.06437 1.000 13.91000 ? 30  ASP A CB  1 
ATOM   244  C CG  . ASP A 1 30  ? -6.35302  -4.53490  -20.00775 1.000 14.80000 ? 30  ASP A CG  1 
ATOM   245  O OD1 . ASP A 1 30  ? -6.78833  -4.01973  -18.97310 1.000 12.61000 ? 30  ASP A OD1 1 
ATOM   246  O OD2 . ASP A 1 30  ? -6.54828  -3.94544  -21.09239 1.000 22.07000 ? 30  ASP A OD2 1 
ATOM   247  N N   . LYS A 1 31  ? -3.65051  -4.10766  -17.94065 1.000 10.23000 ? 31  LYS A N   1 
ATOM   248  C CA  . LYS A 1 31  ? -2.62571  -3.09871  -17.81720 1.000 9.18000  ? 31  LYS A CA  1 
ATOM   249  C C   . LYS A 1 31  ? -2.00883  -3.05792  -16.44477 1.000 9.48000  ? 31  LYS A C   1 
ATOM   250  O O   . LYS A 1 31  ? -0.86362  -2.59951  -16.35151 1.000 10.50000 ? 31  LYS A O   1 
ATOM   251  C CB  . LYS A 1 31  ? -3.20344  -1.74034  -18.15423 1.000 10.96000 ? 31  LYS A CB  1 
ATOM   252  C CG  . LYS A 1 31  ? -3.83902  -1.71093  -19.53536 1.000 11.76000 ? 31  LYS A CG  1 
ATOM   253  C CD  . LYS A 1 31  ? -4.27202  -0.31721  -19.88030 1.000 16.10000 ? 31  LYS A CD  1 
ATOM   254  C CE  . LYS A 1 31  ? -4.87455  -0.29377  -21.26913 1.000 18.73000 ? 31  LYS A CE  1 
ATOM   255  N NZ  . LYS A 1 31  ? -6.22072  -0.87956  -21.19265 1.000 24.83000 ? 31  LYS A NZ  1 
ATOM   256  N N   . LEU A 1 32  ? -2.71222  -3.45099  -15.38425 1.000 9.88000  ? 32  LEU A N   1 
ATOM   257  C CA  . LEU A 1 32  ? -2.27466  -3.30179  -13.99946 1.000 9.76000  ? 32  LEU A CA  1 
ATOM   258  C C   . LEU A 1 32  ? -1.84341  -4.61951  -13.41741 1.000 10.36000 ? 32  LEU A C   1 
ATOM   259  O O   . LEU A 1 32  ? -2.50114  -5.64840  -13.66951 1.000 10.97000 ? 32  LEU A O   1 
ATOM   260  C CB  . LEU A 1 32  ? -3.43750  -2.74550  -13.15739 1.000 10.40000 ? 32  LEU A CB  1 
ATOM   261  C CG  . LEU A 1 32  ? -3.96242  -1.36069  -13.55958 1.000 9.34000  ? 32  LEU A CG  1 
ATOM   262  C CD1 . LEU A 1 32  ? -5.16350  -1.01347  -12.67141 1.000 10.16000 ? 32  LEU A CD1 1 
ATOM   263  C CD2 . LEU A 1 32  ? -2.85112  -0.28545  -13.41552 1.000 11.52000 ? 32  LEU A CD2 1 
ATOM   264  N N   . ASP A 1 33  ? -0.82038  -4.57448  -12.57504 1.000 10.32000 ? 33  ASP A N   1 
ATOM   265  C CA  . ASP A 1 33  ? -0.36578  -5.70512  -11.80516 1.000 10.51000 ? 33  ASP A CA  1 
ATOM   266  C C   . ASP A 1 33  ? -1.02491  -5.63668  -10.43346 1.000 10.89000 ? 33  ASP A C   1 
ATOM   267  O O   . ASP A 1 33  ? -0.78781  -4.68668  -9.66090  1.000 10.40000 ? 33  ASP A O   1 
ATOM   268  C CB  . ASP A 1 33  ? 1.16257   -5.61825  -11.70511 1.000 12.81000 ? 33  ASP A CB  1 
ATOM   269  C CG  . ASP A 1 33  ? 1.80738   -6.72874  -10.85518 1.000 15.87000 ? 33  ASP A CG  1 
ATOM   270  O OD1 . ASP A 1 33  ? 1.10282   -7.64075  -10.40941 1.000 17.15000 ? 33  ASP A OD1 1 
ATOM   271  O OD2 . ASP A 1 33  ? 3.07024   -6.66928  -10.71199 1.000 17.70000 ? 33  ASP A OD2 1 
ATOM   272  N N   . TRP A 1 34  ? -1.85312  -6.62310  -10.12545 1.000 10.76000 ? 34  TRP A N   1 
ATOM   273  C CA  . TRP A 1 34  ? -2.56334  -6.71625  -8.85885  1.000 11.08000 ? 34  TRP A CA  1 
ATOM   274  C C   . TRP A 1 34  ? -1.89146  -7.64583  -7.86694  1.000 11.18000 ? 34  TRP A C   1 
ATOM   275  O O   . TRP A 1 34  ? -2.44251  -7.86816  -6.79136  1.000 12.44000 ? 34  TRP A O   1 
ATOM   276  C CB  . TRP A 1 34  ? -4.00153  -7.12351  -9.12259  1.000 11.46000 ? 34  TRP A CB  1 
ATOM   277  C CG  . TRP A 1 34  ? -4.83101  -6.06365  -9.71726  1.000 9.98000  ? 34  TRP A CG  1 
ATOM   278  C CD1 . TRP A 1 34  ? -5.24465  -5.94953  -11.02866 1.000 10.11000 ? 34  TRP A CD1 1 
ATOM   279  C CD2 . TRP A 1 34  ? -5.32133  -4.88679  -9.04535  1.000 9.95000  ? 34  TRP A CD2 1 
ATOM   280  N NE1 . TRP A 1 34  ? -6.02987  -4.82562  -11.17744 1.000 10.85000 ? 34  TRP A NE1 1 
ATOM   281  C CE2 . TRP A 1 34  ? -6.04538  -4.13639  -9.99104  1.000 10.50000 ? 34  TRP A CE2 1 
ATOM   282  C CE3 . TRP A 1 34  ? -5.23095  -4.37650  -7.72956  1.000 10.84000 ? 34  TRP A CE3 1 
ATOM   283  C CZ2 . TRP A 1 34  ? -6.68747  -2.96125  -9.67733  1.000 11.62000 ? 34  TRP A CZ2 1 
ATOM   284  C CZ3 . TRP A 1 34  ? -5.88262  -3.19975  -7.44014  1.000 11.38000 ? 34  TRP A CZ3 1 
ATOM   285  C CH2 . TRP A 1 34  ? -6.61112  -2.52224  -8.39735  1.000 10.61000 ? 34  TRP A CH2 1 
ATOM   286  N N   . SER A 1 35  ? -0.68940  -8.13473  -8.15611  1.000 11.79000 ? 35  SER A N   1 
ATOM   287  C CA  . SER A 1 35  ? 0.00253   -9.06079  -7.24960  1.000 13.32000 ? 35  SER A CA  1 
ATOM   288  C C   . SER A 1 35  ? 0.58306   -8.33568  -6.04974  1.000 12.28000 ? 35  SER A C   1 
ATOM   289  O O   . SER A 1 35  ? 0.94810   -7.16643  -6.10535  1.000 12.64000 ? 35  SER A O   1 
ATOM   290  C CB  . SER A 1 35  ? 1.15949   -9.77690  -7.94723  1.000 17.26000 ? 35  SER A CB  1 
ATOM   291  O OG  . SER A 1 35  ? 2.13522   -8.84081  -8.37805  1.000 19.48000 ? 35  SER A OG  1 
ATOM   292  N N   . SER A 1 36  ? 0.70961   -9.07611  -4.95827  1.000 12.88000 ? 36  SER A N   1 
ATOM   293  C CA  . SER A 1 36  ? 1.22939   -8.48322  -3.73190  1.000 14.28000 ? 36  SER A CA  1 
ATOM   294  C C   . SER A 1 36  ? 1.78602   -9.57617  -2.84585  1.000 16.86000 ? 36  SER A C   1 
ATOM   295  O O   . SER A 1 36  ? 1.27719   -10.69146 -2.83499  1.000 18.93000 ? 36  SER A O   1 
ATOM   296  C CB  . SER A 1 36  ? 0.11075   -7.81322  -2.96292  1.000 11.81000 ? 36  SER A CB  1 
ATOM   297  O OG  . SER A 1 36  ? 0.55166   -7.30211  -1.71247  1.000 12.66000 ? 36  SER A OG  1 
ATOM   298  N N   . ASP A 1 37  ? 2.83367   -9.23937  -2.11110  1.000 16.69000 ? 37  ASP A N   1 
ATOM   299  C CA  . ASP A 1 37  ? 3.43555   -10.11622 -1.10639  1.000 18.07000 ? 37  ASP A CA  1 
ATOM   300  C C   . ASP A 1 37  ? 2.73536   -10.03784 0.25409   1.000 18.97000 ? 37  ASP A C   1 
ATOM   301  O O   . ASP A 1 37  ? 3.08908   -10.80601 1.15975   1.000 18.79000 ? 37  ASP A O   1 
ATOM   302  C CB  . ASP A 1 37  ? 4.90473   -9.74260  -0.95192  1.000 25.39000 ? 37  ASP A CB  1 
ATOM   303  C CG  . ASP A 1 37  ? 5.68119   -9.99663  -2.22936  1.000 26.87000 ? 37  ASP A CG  1 
ATOM   304  O OD1 . ASP A 1 37  ? 5.31074   -10.93769 -2.96226  1.000 34.50000 ? 37  ASP A OD1 1 
ATOM   305  O OD2 . ASP A 1 37  ? 6.63651   -9.25135  -2.49131  1.000 32.68000 ? 37  ASP A OD2 1 
ATOM   306  N N   . SER A 1 38  ? 1.72926   -9.15141  0.43716   1.000 17.13000 ? 38  SER A N   1 
ATOM   307  C CA  . SER A 1 38  ? 1.04076   -9.01185  1.72956   1.000 16.70000 ? 38  SER A CA  1 
ATOM   308  C C   . SER A 1 38  ? 2.02717   -8.80681  2.89658   1.000 16.71000 ? 38  SER A C   1 
ATOM   309  O O   . SER A 1 38  ? 1.84757   -9.33794  4.00520   1.000 19.26000 ? 38  SER A O   1 
ATOM   310  C CB  . SER A 1 38  ? 0.09721   -10.18941 1.98511   1.000 19.01000 ? 38  SER A CB  1 
ATOM   311  O OG  . SER A 1 38  ? -0.77416  -10.35049 0.87833   1.000 19.81000 ? 38  SER A OG  1 
ATOM   312  N N   . CYS A 1 39  ? 3.05942   -8.02466  2.66223   1.000 15.82000 ? 39  CYS A N   1 
ATOM   313  C CA  . CYS A 1 39  ? 4.11834   -7.75282  3.66965   1.000 19.35000 ? 39  CYS A CA  1 
ATOM   314  C C   . CYS A 1 39  ? 4.73135   -9.02973  4.22352   1.000 19.68000 ? 39  CYS A C   1 
ATOM   315  O O   . CYS A 1 39  ? 5.04720   -9.11829  5.43101   1.000 19.24000 ? 39  CYS A O   1 
ATOM   316  C CB  . CYS A 1 39  ? 3.64424   -6.87058  4.84248   1.000 18.80000 ? 39  CYS A CB  1 
ATOM   317  S SG  . CYS A 1 39  ? 3.15542   -5.17256  4.43647   1.000 17.86000 ? 39  CYS A SG  1 
ATOM   318  N N   . SER A 1 40  ? 4.88231   -10.04264 3.35311   1.000 18.90000 ? 40  SER A N   1 
ATOM   319  C CA  . SER A 1 40  ? 5.51277   -11.29181 3.79559   1.000 20.35000 ? 40  SER A CA  1 
ATOM   320  C C   . SER A 1 40  ? 6.94706   -11.05582 4.22684   1.000 20.97000 ? 40  SER A C   1 
ATOM   321  O O   . SER A 1 40  ? 7.52925   -11.90538 4.91294   1.000 23.05000 ? 40  SER A O   1 
ATOM   322  C CB  . SER A 1 40  ? 5.45443   -12.32514 2.67025   1.000 25.18000 ? 40  SER A CB  1 
ATOM   323  O OG  . SER A 1 40  ? 6.22471   -11.88920 1.56043   1.000 24.92000 ? 40  SER A OG  1 
ATOM   324  N N   . TRP A 1 41  ? 7.52322   -9.89758  3.86776   1.000 19.89000 ? 41  TRP A N   1 
ATOM   325  C CA  . TRP A 1 41  ? 8.86172   -9.47218  4.24970   1.000 20.84000 ? 41  TRP A CA  1 
ATOM   326  C C   . TRP A 1 41  ? 8.96733   -9.01250  5.69735   1.000 21.78000 ? 41  TRP A C   1 
ATOM   327  O O   . TRP A 1 41  ? 10.09072  -8.76406  6.16988   1.000 20.80000 ? 41  TRP A O   1 
ATOM   328  C CB  . TRP A 1 41  ? 9.30470   -8.32979  3.32570   1.000 20.58000 ? 41  TRP A CB  1 
ATOM   329  C CG  . TRP A 1 41  ? 8.27593   -7.21338  3.11325   1.000 19.73000 ? 41  TRP A CG  1 
ATOM   330  C CD1 . TRP A 1 41  ? 7.45136   -7.05181  2.01340   1.000 22.03000 ? 41  TRP A CD1 1 
ATOM   331  C CD2 . TRP A 1 41  ? 7.98520   -6.09840  3.99159   1.000 20.47000 ? 41  TRP A CD2 1 
ATOM   332  N NE1 . TRP A 1 41  ? 6.69147   -5.91459  2.16755   1.000 21.14000 ? 41  TRP A NE1 1 
ATOM   333  C CE2 . TRP A 1 41  ? 6.98470   -5.32194  3.36585   1.000 17.86000 ? 41  TRP A CE2 1 
ATOM   334  C CE3 . TRP A 1 41  ? 8.47329   -5.67663  5.23715   1.000 21.43000 ? 41  TRP A CE3 1 
ATOM   335  C CZ2 . TRP A 1 41  ? 6.44955   -4.15319  3.95076   1.000 19.71000 ? 41  TRP A CZ2 1 
ATOM   336  C CZ3 . TRP A 1 41  ? 7.95012   -4.49845  5.80488   1.000 19.42000 ? 41  TRP A CZ3 1 
ATOM   337  C CH2 . TRP A 1 41  ? 6.92755   -3.77044  5.15935   1.000 20.41000 ? 41  TRP A CH2 1 
ATOM   338  N N   . ALA A 1 42  ? 7.82829   -8.85578  6.40904   1.000 18.54000 ? 42  ALA A N   1 
ATOM   339  C CA  . ALA A 1 42  ? 7.80913   -8.36255  7.78589   1.000 20.65000 ? 42  ALA A CA  1 
ATOM   340  C C   . ALA A 1 42  ? 7.79156   -9.54985  8.73390   1.000 23.42000 ? 42  ALA A C   1 
ATOM   341  O O   . ALA A 1 42  ? 6.81758   -10.30726 8.72650   1.000 24.22000 ? 42  ALA A O   1 
ATOM   342  C CB  . ALA A 1 42  ? 6.55187   -7.51229  7.99874   1.000 19.33000 ? 42  ALA A CB  1 
ATOM   343  N N   . PRO A 1 43  ? 8.80781   -9.75936  9.57582   1.000 22.66000 ? 43  PRO A N   1 
ATOM   344  C CA  . PRO A 1 43  ? 8.74631   -10.92687 10.47351  1.000 26.92000 ? 43  PRO A CA  1 
ATOM   345  C C   . PRO A 1 43  ? 7.67620   -10.81860 11.55067  1.000 27.88000 ? 43  PRO A C   1 
ATOM   346  O O   . PRO A 1 43  ? 7.10298   -11.84971 11.92794  1.000 34.46000 ? 43  PRO A O   1 
ATOM   347  C CB  . PRO A 1 43  ? 10.17191  -11.03618 11.03574  1.000 27.06000 ? 43  PRO A CB  1 
ATOM   348  C CG  . PRO A 1 43  ? 10.80318  -9.68105  10.78348  1.000 27.32000 ? 43  PRO A CG  1 
ATOM   349  C CD  . PRO A 1 43  ? 10.14060  -9.13669  9.54428   1.000 26.51000 ? 43  PRO A CD  1 
ATOM   350  N N   . ASP A 1 44  ? 7.35271   -9.61070  12.01785  1.000 25.92000 ? 44  ASP A N   1 
ATOM   351  C CA  . ASP A 1 44  ? 6.38530   -9.39557  13.09356  1.000 26.59000 ? 44  ASP A CA  1 
ATOM   352  C C   . ASP A 1 44  ? 5.09926   -8.82410  12.50094  1.000 29.00000 ? 44  ASP A C   1 
ATOM   353  O O   . ASP A 1 44  ? 5.13254   -7.82245  11.76733  1.000 27.77000 ? 44  ASP A O   1 
ATOM   354  C CB  . ASP A 1 44  ? 6.93181   -8.43824  14.16718  1.000 30.74000 ? 44  ASP A CB  1 
ATOM   355  C CG  . ASP A 1 44  ? 8.39154   -8.74528  14.59351  1.000 34.35000 ? 44  ASP A CG  1 
ATOM   356  O OD1 . ASP A 1 44  ? 8.66093   -9.83265  15.16805  1.000 37.64000 ? 44  ASP A OD1 1 
ATOM   357  O OD2 . ASP A 1 44  ? 9.26737   -7.86549  14.38132  1.000 35.25000 ? 44  ASP A OD2 1 
ATOM   358  N N   . LYS A 1 45  ? 3.97745   -9.46212  12.79762  1.000 27.24000 ? 45  LYS A N   1 
ATOM   359  C CA  . LYS A 1 45  ? 2.65501   -8.99523  12.41645  1.000 27.10000 ? 45  LYS A CA  1 
ATOM   360  C C   . LYS A 1 45  ? 1.88962   -8.57075  13.65692  1.000 24.96000 ? 45  LYS A C   1 
ATOM   361  O O   . LYS A 1 45  ? 2.13895   -9.07278  14.75865  1.000 27.12000 ? 45  LYS A O   1 
ATOM   362  C CB  . LYS A 1 45  ? 1.85218   -10.12340 11.76728  1.000 28.31000 ? 45  LYS A CB  1 
ATOM   363  C CG  . LYS A 1 45  ? 2.66234   -11.08572 10.93380  1.000 30.99000 ? 45  LYS A CG  1 
ATOM   364  C CD  . LYS A 1 45  ? 3.17448   -10.43607 9.66348   1.000 31.28000 ? 45  LYS A CD  1 
ATOM   365  C CE  . LYS A 1 45  ? 3.59601   -11.52209 8.65837   1.000 32.95000 ? 45  LYS A CE  1 
ATOM   366  N NZ  . LYS A 1 45  ? 4.40556   -11.00262 7.51842   1.000 26.03000 ? 45  LYS A NZ  1 
ATOM   367  N N   . PRO A 1 46  ? 0.93174   -7.66158  13.52151  1.000 20.28000 ? 46  PRO A N   1 
ATOM   368  C CA  . PRO A 1 46  ? 0.13478   -7.26539  14.68956  1.000 22.08000 ? 46  PRO A CA  1 
ATOM   369  C C   . PRO A 1 46  ? -0.91794  -8.32036  14.99197  1.000 23.72000 ? 46  PRO A C   1 
ATOM   370  O O   . PRO A 1 46  ? -1.59512  -8.83624  14.09912  1.000 26.70000 ? 46  PRO A O   1 
ATOM   371  C CB  . PRO A 1 46  ? -0.51164  -5.95035  14.24381  1.000 22.62000 ? 46  PRO A CB  1 
ATOM   372  C CG  . PRO A 1 46  ? -0.60352  -6.09689  12.71834  1.000 22.53000 ? 46  PRO A CG  1 
ATOM   373  C CD  . PRO A 1 46  ? 0.65566   -6.82781  12.33351  1.000 21.24000 ? 46  PRO A CD  1 
ATOM   374  N N   . VAL A 1 47  ? -1.06461  -8.64131  16.26347  1.000 24.33000 ? 47  VAL A N   1 
ATOM   375  C CA  . VAL A 1 47  ? -2.11692  -9.56434  16.65490  1.000 24.06000 ? 47  VAL A CA  1 
ATOM   376  C C   . VAL A 1 47  ? -3.38884  -8.75364  16.83299  1.000 21.87000 ? 47  VAL A C   1 
ATOM   377  O O   . VAL A 1 47  ? -3.38659  -7.72368  17.51809  1.000 24.31000 ? 47  VAL A O   1 
ATOM   378  C CB  . VAL A 1 47  ? -1.72713  -10.31345 17.94472  1.000 25.61000 ? 47  VAL A CB  1 
ATOM   379  C CG1 . VAL A 1 47  ? -2.83757  -11.27591 18.36457  1.000 25.02000 ? 47  VAL A CG1 1 
ATOM   380  C CG2 . VAL A 1 47  ? -0.38158  -11.06224 17.73570  1.000 25.17000 ? 47  VAL A CG2 1 
ATOM   381  N N   . GLY A 1 48  ? -4.46146  -9.19235  16.21538  1.000 22.85000 ? 48  GLY A N   1 
ATOM   382  C CA  . GLY A 1 48  ? -5.70714  -8.46901  16.38018  1.000 21.29000 ? 48  GLY A CA  1 
ATOM   383  C C   . GLY A 1 48  ? -5.99423  -7.42540  15.31626  1.000 22.02000 ? 48  GLY A C   1 
ATOM   384  O O   . GLY A 1 48  ? -7.07579  -6.82632  15.33471  1.000 22.43000 ? 48  GLY A O   1 
ATOM   385  N N   . PHE A 1 49  ? -5.05642  -7.18477  14.39705  1.000 19.44000 ? 49  PHE A N   1 
ATOM   386  C CA  . PHE A 1 49  ? -5.26000  -6.21885  13.33198  1.000 18.15000 ? 49  PHE A CA  1 
ATOM   387  C C   . PHE A 1 49  ? -4.79344  -6.85081  12.03385  1.000 18.57000 ? 49  PHE A C   1 
ATOM   388  O O   . PHE A 1 49  ? -3.93111  -7.71391  12.03908  1.000 20.66000 ? 49  PHE A O   1 
ATOM   389  C CB  . PHE A 1 49  ? -4.40930  -4.98681  13.59615  1.000 18.20000 ? 49  PHE A CB  1 
ATOM   390  C CG  . PHE A 1 49  ? -4.79893  -4.24801  14.84871  1.000 17.06000 ? 49  PHE A CG  1 
ATOM   391  C CD1 . PHE A 1 49  ? -4.22436  -4.56691  16.05232  1.000 20.06000 ? 49  PHE A CD1 1 
ATOM   392  C CD2 . PHE A 1 49  ? -5.73794  -3.24197  14.80543  1.000 17.95000 ? 49  PHE A CD2 1 
ATOM   393  C CE1 . PHE A 1 49  ? -4.59888  -3.90279  17.23493  1.000 20.78000 ? 49  PHE A CE1 1 
ATOM   394  C CE2 . PHE A 1 49  ? -6.09685  -2.55681  15.96373  1.000 21.74000 ? 49  PHE A CE2 1 
ATOM   395  C CZ  . PHE A 1 49  ? -5.52491  -2.90061  17.17182  1.000 20.53000 ? 49  PHE A CZ  1 
ATOM   396  N N   . ASP A 1 50  ? -5.34736  -6.39218  10.91405  1.000 16.47000 ? 50  ASP A N   1 
ATOM   397  C CA  . ASP A 1 50  ? -5.00473  -6.93321  9.59710   1.000 14.98000 ? 50  ASP A CA  1 
ATOM   398  C C   . ASP A 1 50  ? -4.40791  -5.80449  8.75753   1.000 13.97000 ? 50  ASP A C   1 
ATOM   399  O O   . ASP A 1 50  ? -5.12172  -4.89079  8.32583   1.000 13.71000 ? 50  ASP A O   1 
ATOM   400  C CB  . ASP A 1 50  ? -6.25711  -7.53856  8.95521   1.000 19.65000 ? 50  ASP A CB  1 
ATOM   401  C CG  . ASP A 1 50  ? -6.05776  -7.97848  7.53075   1.000 20.20000 ? 50  ASP A CG  1 
ATOM   402  O OD1 . ASP A 1 50  ? -4.90470  -8.23052  7.17770   1.000 19.14000 ? 50  ASP A OD1 1 
ATOM   403  O OD2 . ASP A 1 50  ? -7.08618  -8.10983  6.79896   1.000 27.49000 ? 50  ASP A OD2 1 
ATOM   404  N N   . PHE A 1 51  ? -3.10097  -5.85787  8.57205   1.000 14.20000 ? 51  PHE A N   1 
ATOM   405  C CA  . PHE A 1 51  ? -2.40597  -4.88387  7.72783   1.000 12.74000 ? 51  PHE A CA  1 
ATOM   406  C C   . PHE A 1 51  ? -2.49811  -5.23260  6.24376   1.000 12.67000 ? 51  PHE A C   1 
ATOM   407  O O   . PHE A 1 51  ? -2.02534  -4.44940  5.40832   1.000 12.46000 ? 51  PHE A O   1 
ATOM   408  C CB  . PHE A 1 51  ? -0.94361  -4.82536  8.14076   1.000 12.56000 ? 51  PHE A CB  1 
ATOM   409  C CG  . PHE A 1 51  ? -0.64810  -4.04147  9.39859   1.000 12.53000 ? 51  PHE A CG  1 
ATOM   410  C CD1 . PHE A 1 51  ? -1.61563  -3.31930  10.08461  1.000 13.71000 ? 51  PHE A CD1 1 
ATOM   411  C CD2 . PHE A 1 51  ? 0.64833   -4.04613  9.88338   1.000 13.51000 ? 51  PHE A CD2 1 
ATOM   412  C CE1 . PHE A 1 51  ? -1.23850  -2.55045  11.19812  1.000 14.75000 ? 51  PHE A CE1 1 
ATOM   413  C CE2 . PHE A 1 51  ? 1.03082   -3.32384  10.97853  1.000 13.80000 ? 51  PHE A CE2 1 
ATOM   414  C CZ  . PHE A 1 51  ? 0.08879   -2.55939  11.64020  1.000 15.40000 ? 51  PHE A CZ  1 
ATOM   415  N N   . ASP A 1 52  ? -3.06163  -6.35855  5.87483   1.000 12.09000 ? 52  ASP A N   1 
ATOM   416  C CA  . ASP A 1 52  ? -2.99939  -6.76496  4.46801   1.000 12.76000 ? 52  ASP A CA  1 
ATOM   417  C C   . ASP A 1 52  ? -3.54508  -5.74946  3.48537   1.000 11.46000 ? 52  ASP A C   1 
ATOM   418  O O   . ASP A 1 52  ? -2.89529  -5.56768  2.43647   1.000 12.07000 ? 52  ASP A O   1 
ATOM   419  C CB  . ASP A 1 52  ? -3.71161  -8.10252  4.24107   1.000 15.95000 ? 52  ASP A CB  1 
ATOM   420  C CG  . ASP A 1 52  ? -2.92402  -9.31851  4.73881   1.000 20.65000 ? 52  ASP A CG  1 
ATOM   421  O OD1 . ASP A 1 52  ? -1.86326  -9.21435  5.36749   1.000 24.02000 ? 52  ASP A OD1 1 
ATOM   422  O OD2 . ASP A 1 52  ? -3.43288  -10.43982 4.48014   1.000 27.74000 ? 52  ASP A OD2 1 
ATOM   423  N N   . PRO A 1 53  ? -4.65506  -5.05275  3.71589   1.000 10.83000 ? 53  PRO A N   1 
ATOM   424  C CA  . PRO A 1 53  ? -5.07762  -4.06110  2.73419   1.000 12.41000 ? 53  PRO A CA  1 
ATOM   425  C C   . PRO A 1 53  ? -4.04036  -2.98574  2.47913   1.000 10.51000 ? 53  PRO A C   1 
ATOM   426  O O   . PRO A 1 53  ? -3.82576  -2.55616  1.32287   1.000 10.44000 ? 53  PRO A O   1 
ATOM   427  C CB  . PRO A 1 53  ? -6.35569  -3.48420  3.34669   1.000 11.98000 ? 53  PRO A CB  1 
ATOM   428  C CG  . PRO A 1 53  ? -6.89618  -4.65818  4.16680   1.000 15.05000 ? 53  PRO A CG  1 
ATOM   429  C CD  . PRO A 1 53  ? -5.68704  -5.26460  4.77387   1.000 13.20000 ? 53  PRO A CD  1 
ATOM   430  N N   . ALA A 1 54  ? -3.37881  -2.54193  3.53254   1.000 9.85000  ? 54  ALA A N   1 
ATOM   431  C CA  . ALA A 1 54  ? -2.34561  -1.52887  3.37548   1.000 10.21000 ? 54  ALA A CA  1 
ATOM   432  C C   . ALA A 1 54  ? -1.16319  -2.06076  2.58727   1.000 9.47000  ? 54  ALA A C   1 
ATOM   433  O O   . ALA A 1 54  ? -0.61886  -1.36611  1.71179   1.000 9.40000  ? 54  ALA A O   1 
ATOM   434  C CB  . ALA A 1 54  ? -1.86969  -1.06590  4.75868   1.000 11.74000 ? 54  ALA A CB  1 
ATOM   435  N N   . CYS A 1 55  ? -0.74764  -3.28855  2.87722   1.000 8.98000  ? 55  CYS A N   1 
ATOM   436  C CA  . CYS A 1 55  ? 0.34324   -3.90938  2.14112   1.000 9.87000  ? 55  CYS A CA  1 
ATOM   437  C C   . CYS A 1 55  ? -0.00595  -4.08381  0.68481   1.000 8.89000  ? 55  CYS A C   1 
ATOM   438  O O   . CYS A 1 55  ? 0.84102   -3.85196  -0.19777  1.000 9.82000  ? 55  CYS A O   1 
ATOM   439  C CB  . CYS A 1 55  ? 0.63308   -5.28179  2.75284   1.000 11.40000 ? 55  CYS A CB  1 
ATOM   440  S SG  . CYS A 1 55  ? 1.15641   -5.18467  4.48394   1.000 15.76000 ? 55  CYS A SG  1 
ATOM   441  N N   . HIS A 1 56  ? -1.22464  -4.54411  0.41554   1.000 9.08000  ? 56  HIS A N   1 
ATOM   442  C CA  . HIS A 1 56  ? -1.63163  -4.72355  -0.97005  1.000 9.46000  ? 56  HIS A CA  1 
ATOM   443  C C   . HIS A 1 56  ? -1.56731  -3.39792  -1.70474  1.000 8.47000  ? 56  HIS A C   1 
ATOM   444  O O   . HIS A 1 56  ? -1.18437  -3.35182  -2.89787  1.000 8.90000  ? 56  HIS A O   1 
ATOM   445  C CB  . HIS A 1 56  ? -3.05646  -5.25891  -1.03095  1.000 10.21000 ? 56  HIS A CB  1 
ATOM   446  C CG  . HIS A 1 56  ? -3.19566  -6.66279  -0.50633  1.000 10.50000 ? 56  HIS A CG  1 
ATOM   447  N ND1 . HIS A 1 56  ? -4.40809  -7.19120  -0.11751  1.000 11.69000 ? 56  HIS A ND1 1 
ATOM   448  C CD2 . HIS A 1 56  ? -2.26744  -7.62320  -0.28978  1.000 12.76000 ? 56  HIS A CD2 1 
ATOM   449  C CE1 . HIS A 1 56  ? -4.22251  -8.43871  0.29262   1.000 13.27000 ? 56  HIS A CE1 1 
ATOM   450  N NE2 . HIS A 1 56  ? -2.93514  -8.71856  0.21720   1.000 14.85000 ? 56  HIS A NE2 1 
ATOM   451  N N   . ARG A 1 57  ? -1.99602  -2.30833  -1.06042  1.000 8.80000  ? 57  ARG A N   1 
ATOM   452  C CA  . ARG A 1 57  ? -2.00560  -1.02474  -1.73968  1.000 8.38000  ? 57  ARG A CA  1 
ATOM   453  C C   . ARG A 1 57  ? -0.58579  -0.51322  -1.96711  1.000 8.61000  ? 57  ARG A C   1 
ATOM   454  O O   . ARG A 1 57  ? -0.30588  0.08694   -3.01822  1.000 9.00000  ? 57  ARG A O   1 
ATOM   455  C CB  . ARG A 1 57  ? -2.84188  0.00526   -0.96587  1.000 8.52000  ? 57  ARG A CB  1 
ATOM   456  C CG  . ARG A 1 57  ? -3.22292  1.19992   -1.84067  1.000 11.49000 ? 57  ARG A CG  1 
ATOM   457  C CD  . ARG A 1 57  ? -3.03743  2.53498   -1.19277  1.000 12.56000 ? 57  ARG A CD  1 
ATOM   458  N NE  . ARG A 1 57  ? -3.91540  2.77179   -0.02016  1.000 11.13000 ? 57  ARG A NE  1 
ATOM   459  C CZ  . ARG A 1 57  ? -5.20599  3.16740   -0.07292  1.000 10.48000 ? 57  ARG A CZ  1 
ATOM   460  N NH1 . ARG A 1 57  ? -5.88367  3.28623   -1.17388  1.000 10.93000 ? 57  ARG A NH1 1 
ATOM   461  N NH2 . ARG A 1 57  ? -5.79855  3.48426   1.10103   1.000 11.42000 ? 57  ARG A NH2 1 
ATOM   462  N N   . HIS A 1 58  ? 0.31583   -0.75306  -1.02158  1.000 9.05000  ? 58  HIS A N   1 
ATOM   463  C CA  . HIS A 1 58  ? 1.69818   -0.31133  -1.16545  1.000 8.56000  ? 58  HIS A CA  1 
ATOM   464  C C   . HIS A 1 58  ? 2.36814   -1.02245  -2.33077  1.000 8.71000  ? 58  HIS A C   1 
ATOM   465  O O   . HIS A 1 58  ? 3.02778   -0.36887  -3.17430  1.000 9.14000  ? 58  HIS A O   1 
ATOM   466  C CB  . HIS A 1 58  ? 2.42312   -0.57771  0.16256   1.000 10.32000 ? 58  HIS A CB  1 
ATOM   467  C CG  . HIS A 1 58  ? 3.82142   -0.03664  0.19682   1.000 9.97000  ? 58  HIS A CG  1 
ATOM   468  N ND1 . HIS A 1 58  ? 4.93708   -0.82984  -0.01162  1.000 12.11000 ? 58  HIS A ND1 1 
ATOM   469  C CD2 . HIS A 1 58  ? 4.26097   1.22729   0.40194   1.000 10.54000 ? 58  HIS A CD2 1 
ATOM   470  C CE1 . HIS A 1 58  ? 6.01234   -0.05059  0.06273   1.000 13.64000 ? 58  HIS A CE1 1 
ATOM   471  N NE2 . HIS A 1 58  ? 5.63880   1.19223   0.28492   1.000 11.37000 ? 58  HIS A NE2 1 
ATOM   472  N N   . ASP A 1 59  ? 2.19127   -2.32273  -2.42978  1.000 9.10000  ? 59  ASP A N   1 
ATOM   473  C CA  . ASP A 1 59  ? 2.71504   -3.09550  -3.55704  1.000 9.10000  ? 59  ASP A CA  1 
ATOM   474  C C   . ASP A 1 59  ? 2.10216   -2.65082  -4.84790  1.000 8.50000  ? 59  ASP A C   1 
ATOM   475  O O   . ASP A 1 59  ? 2.80347   -2.56284  -5.87306  1.000 8.91000  ? 59  ASP A O   1 
ATOM   476  C CB  . ASP A 1 59  ? 2.42075   -4.58945  -3.36684  1.000 10.68000 ? 59  ASP A CB  1 
ATOM   477  C CG  . ASP A 1 59  ? 3.33474   -5.26208  -2.33446  1.000 13.21000 ? 59  ASP A CG  1 
ATOM   478  O OD1 . ASP A 1 59  ? 4.43659   -4.74728  -2.05619  1.000 16.32000 ? 59  ASP A OD1 1 
ATOM   479  O OD2 . ASP A 1 59  ? 2.96908   -6.33855  -1.83551  1.000 13.96000 ? 59  ASP A OD2 1 
ATOM   480  N N   . PHE A 1 60  ? 0.80812   -2.36294  -4.85114  1.000 8.67000  ? 60  PHE A N   1 
ATOM   481  C CA  . PHE A 1 60  ? 0.16031   -1.85556  -6.05476  1.000 8.04000  ? 60  PHE A CA  1 
ATOM   482  C C   . PHE A 1 60  ? 0.82369   -0.57971  -6.54853  1.000 7.83000  ? 60  PHE A C   1 
ATOM   483  O O   . PHE A 1 60  ? 1.07104   -0.41262  -7.75559  1.000 8.21000  ? 60  PHE A O   1 
ATOM   484  C CB  . PHE A 1 60  ? -1.33110  -1.63360  -5.77502  1.000 7.74000  ? 60  PHE A CB  1 
ATOM   485  C CG  . PHE A 1 60  ? -2.06770  -1.08742  -6.94528  1.000 7.78000  ? 60  PHE A CG  1 
ATOM   486  C CD1 . PHE A 1 60  ? -2.58729  -1.96342  -7.91404  1.000 8.84000  ? 60  PHE A CD1 1 
ATOM   487  C CD2 . PHE A 1 60  ? -2.30166  0.27249   -7.06626  1.000 8.97000  ? 60  PHE A CD2 1 
ATOM   488  C CE1 . PHE A 1 60  ? -3.23911  -1.40498  -9.04794  1.000 9.74000  ? 60  PHE A CE1 1 
ATOM   489  C CE2 . PHE A 1 60  ? -2.96025  0.80174   -8.15514  1.000 9.14000  ? 60  PHE A CE2 1 
ATOM   490  C CZ  . PHE A 1 60  ? -3.43248  -0.04896  -9.15136  1.000 9.93000  ? 60  PHE A CZ  1 
ATOM   491  N N   . GLY A 1 61  ? 1.14474   0.32591   -5.62285  1.000 7.11000  ? 61  GLY A N   1 
ATOM   492  C CA  . GLY A 1 61  ? 1.78782   1.57549   -6.01122  1.000 8.38000  ? 61  GLY A CA  1 
ATOM   493  C C   . GLY A 1 61  ? 3.18397   1.36605   -6.55192  1.000 6.94000  ? 61  GLY A C   1 
ATOM   494  O O   . GLY A 1 61  ? 3.51923   1.84711   -7.64455  1.000 8.34000  ? 61  GLY A O   1 
ATOM   495  N N   . TYR A 1 62  ? 4.00787   0.64241   -5.82999  1.000 8.20000  ? 62  TYR A N   1 
ATOM   496  C CA  . TYR A 1 62  ? 5.36442   0.37974   -6.35006  1.000 8.80000  ? 62  TYR A CA  1 
ATOM   497  C C   . TYR A 1 62  ? 5.31655   -0.34083  -7.67431  1.000 8.87000  ? 62  TYR A C   1 
ATOM   498  O O   . TYR A 1 62  ? 6.00441   0.07031   -8.63555  1.000 9.27000  ? 62  TYR A O   1 
ATOM   499  C CB  . TYR A 1 62  ? 6.15622   -0.50638  -5.39550  1.000 9.94000  ? 62  TYR A CB  1 
ATOM   500  C CG  . TYR A 1 62  ? 6.82944   0.22823   -4.23917  1.000 10.68000 ? 62  TYR A CG  1 
ATOM   501  C CD1 . TYR A 1 62  ? 6.29492   1.35516   -3.63667  1.000 10.44000 ? 62  TYR A CD1 1 
ATOM   502  C CD2 . TYR A 1 62  ? 8.03321   -0.26415  -3.74695  1.000 13.17000 ? 62  TYR A CD2 1 
ATOM   503  C CE1 . TYR A 1 62  ? 6.92321   1.96487   -2.54592  1.000 11.34000 ? 62  TYR A CE1 1 
ATOM   504  C CE2 . TYR A 1 62  ? 8.67067   0.36380   -2.69247  1.000 13.85000 ? 62  TYR A CE2 1 
ATOM   505  C CZ  . TYR A 1 62  ? 8.12485   1.43531   -2.10422  1.000 11.36000 ? 62  TYR A CZ  1 
ATOM   506  O OH  . TYR A 1 62  ? 8.77514   1.96484   -0.98605  1.000 13.01000 ? 62  TYR A OH  1 
ATOM   507  N N   . ARG A 1 63  ? 4.54947   -1.41930  -7.75962  1.000 8.87000  ? 63  ARG A N   1 
ATOM   508  C CA  . ARG A 1 63  ? 4.64776   -2.26096  -8.94737  1.000 9.22000  ? 63  ARG A CA  1 
ATOM   509  C C   . ARG A 1 63  ? 4.13055   -1.54437  -10.16422 1.000 8.99000  ? 63  ARG A C   1 
ATOM   510  O O   . ARG A 1 63  ? 4.74398   -1.60745  -11.26783 1.000 9.94000  ? 63  ARG A O   1 
ATOM   511  C CB  . ARG A 1 63  ? 3.87165   -3.54854  -8.73875  1.000 9.73000  ? 63  ARG A CB  1 
ATOM   512  C CG  . ARG A 1 63  ? 4.65312   -4.44422  -7.76975  1.000 12.26000 ? 63  ARG A CG  1 
ATOM   513  C CD  . ARG A 1 63  ? 3.91769   -5.64259  -7.30396  1.000 15.78000 ? 63  ARG A CD  1 
ATOM   514  N NE  . ARG A 1 63  ? 4.64244   -6.18221  -6.12303  1.000 18.85000 ? 63  ARG A NE  1 
ATOM   515  C CZ  . ARG A 1 63  ? 4.62846   -7.43071  -5.63676  1.000 19.29000 ? 63  ARG A CZ  1 
ATOM   516  N NH1 . ARG A 1 63  ? 3.98161   -8.39941  -6.24648  1.000 21.23000 ? 63  ARG A NH1 1 
ATOM   517  N NH2 . ARG A 1 63  ? 5.34988   -7.72138  -4.53396  1.000 22.53000 ? 63  ARG A NH2 1 
ATOM   518  N N   . ASN A 1 64  ? 3.03274   -0.79374  -10.03067 1.000 8.52000  ? 64  ASN A N   1 
ATOM   519  C CA  . ASN A 1 64  ? 2.46159   -0.11553  -11.17662 1.000 8.04000  ? 64  ASN A CA  1 
ATOM   520  C C   . ASN A 1 64  ? 3.16936   1.17439   -11.53263 1.000 7.39000  ? 64  ASN A C   1 
ATOM   521  O O   . ASN A 1 64  ? 3.24015   1.50325   -12.72083 1.000 7.82000  ? 64  ASN A O   1 
ATOM   522  C CB  . ASN A 1 64  ? 0.95407   0.02703   -11.03037 1.000 8.03000  ? 64  ASN A CB  1 
ATOM   523  C CG  . ASN A 1 64  ? 0.34071   -1.33402  -11.09467 1.000 8.82000  ? 64  ASN A CG  1 
ATOM   524  O OD1 . ASN A 1 64  ? 0.26163   -1.92710  -12.19276 1.000 9.52000  ? 64  ASN A OD1 1 
ATOM   525  N ND2 . ASN A 1 64  ? -0.03234  -1.90893  -9.95878  1.000 9.60000  ? 64  ASN A ND2 1 
ATOM   526  N N   . TYR A 1 65  ? 3.68809   1.90924   -10.56169 1.000 7.45000  ? 65  TYR A N   1 
ATOM   527  C CA  . TYR A 1 65  ? 4.50228   3.06753   -10.91576 1.000 7.44000  ? 65  TYR A CA  1 
ATOM   528  C C   . TYR A 1 65  ? 5.74513   2.62802   -11.68978 1.000 8.42000  ? 65  TYR A C   1 
ATOM   529  O O   . TYR A 1 65  ? 6.16887   3.31208   -12.64772 1.000 8.74000  ? 65  TYR A O   1 
ATOM   530  C CB  . TYR A 1 65  ? 4.85906   3.90813   -9.69309  1.000 7.97000  ? 65  TYR A CB  1 
ATOM   531  C CG  . TYR A 1 65  ? 3.87763   4.96936   -9.37200  1.000 8.56000  ? 65  TYR A CG  1 
ATOM   532  C CD1 . TYR A 1 65  ? 2.50172   4.69290   -9.22916  1.000 8.75000  ? 65  TYR A CD1 1 
ATOM   533  C CD2 . TYR A 1 65  ? 4.30553   6.27785   -9.12759  1.000 10.64000 ? 65  TYR A CD2 1 
ATOM   534  C CE1 . TYR A 1 65  ? 1.60415   5.67808   -8.92699  1.000 10.86000 ? 65  TYR A CE1 1 
ATOM   535  C CE2 . TYR A 1 65  ? 3.39883   7.28755   -8.85441  1.000 10.70000 ? 65  TYR A CE2 1 
ATOM   536  C CZ  . TYR A 1 65  ? 2.05570   6.97181   -8.73862  1.000 9.75000  ? 65  TYR A CZ  1 
ATOM   537  O OH  . TYR A 1 65  ? 1.17362   7.98827   -8.43659  1.000 11.40000 ? 65  TYR A OH  1 
ATOM   538  N N   . LYS A 1 66  ? 6.29994   1.47706   -11.32610 1.000 8.06000  ? 66  LYS A N   1 
ATOM   539  C CA  . LYS A 1 66  ? 7.46733   0.98203   -12.03874 1.000 10.13000 ? 66  LYS A CA  1 
ATOM   540  C C   . LYS A 1 66  ? 7.06530   0.53241   -13.43512 1.000 8.98000  ? 66  LYS A C   1 
ATOM   541  O O   . LYS A 1 66  ? 7.77689   0.84560   -14.41408 1.000 10.64000 ? 66  LYS A O   1 
ATOM   542  C CB  . LYS A 1 66  ? 8.11427   -0.15929  -11.27317 1.000 10.83000 ? 66  LYS A CB  1 
ATOM   543  C CG  . LYS A 1 66  ? 8.92897   0.33003   -10.10529 1.000 12.89000 ? 66  LYS A CG  1 
ATOM   544  C CD  . LYS A 1 66  ? 9.41368   -0.81854  -9.26138  1.000 18.40000 ? 66  LYS A CD  1 
ATOM   545  C CE  . LYS A 1 66  ? 9.96473   -0.33998  -7.90314  1.000 21.49000 ? 66  LYS A CE  1 
ATOM   546  N NZ  . LYS A 1 66  ? 10.45761  -1.53231  -7.11477  1.000 25.66000 ? 66  LYS A NZ  1 
ATOM   547  N N   . LYS A 1 67  ? 5.95802   -0.18119  -13.58746 1.000 9.29000  ? 67  LYS A N   1 
ATOM   548  C CA  . LYS A 1 67  ? 5.52807   -0.58751  -14.91919 1.000 10.85000 ? 67  LYS A CA  1 
ATOM   549  C C   . LYS A 1 67  ? 5.21928   0.61362   -15.79634 1.000 9.16000  ? 67  LYS A C   1 
ATOM   550  O O   . LYS A 1 67  ? 5.37051   0.54651   -17.02947 1.000 11.04000 ? 67  LYS A O   1 
ATOM   551  C CB  . LYS A 1 67  ? 4.29579   -1.46605  -14.82084 1.000 10.41000 ? 67  LYS A CB  1 
ATOM   552  C CG  . LYS A 1 67  ? 4.56213   -2.86004  -14.26696 1.000 11.94000 ? 67  LYS A CG  1 
ATOM   553  C CD  . LYS A 1 67  ? 3.26513   -3.60178  -13.87092 1.000 14.27000 ? 67  LYS A CD  1 
ATOM   554  C CE  . LYS A 1 67  ? 2.33923   -3.90118  -15.05681 1.000 14.21000 ? 67  LYS A CE  1 
ATOM   555  N NZ  . LYS A 1 67  ? 2.96586   -4.92903  -15.96885 1.000 15.00000 ? 67  LYS A NZ  1 
ATOM   556  N N   . GLN A 1 68  ? 4.69230   1.69061   -15.21499 1.000 8.89000  ? 68  GLN A N   1 
ATOM   557  C CA  . GLN A 1 68  ? 4.33088   2.89067   -15.93563 1.000 8.66000  ? 68  GLN A CA  1 
ATOM   558  C C   . GLN A 1 68  ? 5.50486   3.84728   -16.08572 1.000 9.39000  ? 68  GLN A C   1 
ATOM   559  O O   . GLN A 1 68  ? 5.30855   4.91659   -16.64342 1.000 10.12000 ? 68  GLN A O   1 
ATOM   560  C CB  . GLN A 1 68  ? 3.14411   3.57585   -15.24648 1.000 8.05000  ? 68  GLN A CB  1 
ATOM   561  C CG  . GLN A 1 68  ? 1.90258   2.67132   -15.26960 1.000 9.46000  ? 68  GLN A CG  1 
ATOM   562  C CD  . GLN A 1 68  ? 0.81876   3.05506   -14.25535 1.000 8.31000  ? 68  GLN A CD  1 
ATOM   563  O OE1 . GLN A 1 68  ? 0.83235   4.15904   -13.71559 1.000 10.63000 ? 68  GLN A OE1 1 
ATOM   564  N NE2 . GLN A 1 68  ? -0.13736  2.16994   -14.01405 1.000 8.65000  ? 68  GLN A NE2 1 
ATOM   565  N N   . SER A 1 69  ? 6.67492   3.44430   -15.64292 1.000 9.45000  ? 69  SER A N   1 
ATOM   566  C CA  . SER A 1 69  ? 7.88027   4.25468   -15.77446 1.000 9.62000  ? 69  SER A CA  1 
ATOM   567  C C   . SER A 1 69  ? 7.72811   5.63121   -15.17521 1.000 10.94000 ? 69  SER A C   1 
ATOM   568  O O   . SER A 1 69  ? 8.17613   6.63518   -15.76713 1.000 12.66000 ? 69  SER A O   1 
ATOM   569  C CB  . SER A 1 69  ? 8.34269   4.31397   -17.25581 1.000 13.02000 ? 69  SER A CB  1 
ATOM   570  O OG  . SER A 1 69  ? 9.69416   4.76497   -17.37685 1.000 19.73000 ? 69  SER A OG  1 
ATOM   571  N N   . ARG A 1 70  ? 7.21040   5.68866   -13.92956 1.000 9.75000  ? 70  ARG A N   1 
ATOM   572  C CA  . ARG A 1 70  ? 7.09120   6.96354   -13.24829 1.000 10.20000 ? 70  ARG A CA  1 
ATOM   573  C C   . ARG A 1 70  ? 7.35175   6.82499   -11.75593 1.000 8.53000  ? 70  ARG A C   1 
ATOM   574  O O   . ARG A 1 70  ? 6.83488   7.60822   -10.94353 1.000 10.57000 ? 70  ARG A O   1 
ATOM   575  C CB  . ARG A 1 70  ? 5.74206   7.58944   -13.53679 1.000 11.58000 ? 70  ARG A CB  1 
ATOM   576  C CG  . ARG A 1 70  ? 4.51306   6.75477   -13.05552 1.000 10.09000 ? 70  ARG A CG  1 
ATOM   577  C CD  . ARG A 1 70  ? 3.21917   7.39554   -13.56862 1.000 11.76000 ? 70  ARG A CD  1 
ATOM   578  N NE  . ARG A 1 70  ? 2.02695   6.64441   -13.10019 1.000 10.63000 ? 70  ARG A NE  1 
ATOM   579  C CZ  . ARG A 1 70  ? 1.09792   7.10954   -12.26916 1.000 9.87000  ? 70  ARG A CZ  1 
ATOM   580  N NH1 . ARG A 1 70  ? 1.13394   8.36915   -11.80286 1.000 12.46000 ? 70  ARG A NH1 1 
ATOM   581  N NH2 . ARG A 1 70  ? 0.09641   6.32993   -11.96083 1.000 9.44000  ? 70  ARG A NH2 1 
ATOM   582  N N   . PHE A 1 71  ? 8.17911   5.87552   -11.40221 1.000 9.46000  ? 71  PHE A N   1 
ATOM   583  C CA  . PHE A 1 71  ? 8.56605   5.64803   -10.00782 1.000 9.08000  ? 71  PHE A CA  1 
ATOM   584  C C   . PHE A 1 71  ? 9.73880   6.54178   -9.59322  1.000 10.21000 ? 71  PHE A C   1 
ATOM   585  O O   . PHE A 1 71  ? 10.87992  6.10346   -9.41126  1.000 12.06000 ? 71  PHE A O   1 
ATOM   586  C CB  . PHE A 1 71  ? 8.90490   4.19468   -9.78711  1.000 10.69000 ? 71  PHE A CB  1 
ATOM   587  C CG  . PHE A 1 71  ? 8.93330   3.76400   -8.33875  1.000 12.71000 ? 71  PHE A CG  1 
ATOM   588  C CD1 . PHE A 1 71  ? 7.84436   3.99329   -7.47943  1.000 11.00000 ? 71  PHE A CD1 1 
ATOM   589  C CD2 . PHE A 1 71  ? 10.04585  3.11246   -7.83052  1.000 15.83000 ? 71  PHE A CD2 1 
ATOM   590  C CE1 . PHE A 1 71  ? 7.89561   3.59217   -6.12138  1.000 13.10000 ? 71  PHE A CE1 1 
ATOM   591  C CE2 . PHE A 1 71  ? 10.08587  2.70864   -6.48627  1.000 18.11000 ? 71  PHE A CE2 1 
ATOM   592  C CZ  . PHE A 1 71  ? 8.98660   2.94741   -5.64839  1.000 17.13000 ? 71  PHE A CZ  1 
ATOM   593  N N   . ASP A 1 72  ? 9.42550   7.79573   -9.43939  1.000 9.96000  ? 72  ASP A N   1 
ATOM   594  C CA  . ASP A 1 72  ? 10.41304  8.78253   -8.97828  1.000 11.42000 ? 72  ASP A CA  1 
ATOM   595  C C   . ASP A 1 72  ? 10.42899  8.79138   -7.44488  1.000 13.11000 ? 72  ASP A C   1 
ATOM   596  O O   . ASP A 1 72  ? 9.53574   8.25865   -6.78058  1.000 12.72000 ? 72  ASP A O   1 
ATOM   597  C CB  . ASP A 1 72  ? 10.08520  10.15071  -9.54290  1.000 11.73000 ? 72  ASP A CB  1 
ATOM   598  C CG  . ASP A 1 72  ? 8.82460   10.66637  -9.02892  1.000 16.36000 ? 72  ASP A CG  1 
ATOM   599  O OD1 . ASP A 1 72  ? 7.80121   10.23851  -9.58383  1.000 18.62000 ? 72  ASP A OD1 1 
ATOM   600  O OD2 . ASP A 1 72  ? 8.78463   11.46160  -8.07385  1.000 16.89000 ? 72  ASP A OD2 1 
ATOM   601  N N   . ASP A 1 73  ? 11.41701  9.45106   -6.85724  1.000 13.12000 ? 73  ASP A N   1 
ATOM   602  C CA  . ASP A 1 73  ? 11.59053  9.38386   -5.40656  1.000 14.05000 ? 73  ASP A CA  1 
ATOM   603  C C   . ASP A 1 73  ? 10.46743  10.08944  -4.65681  1.000 15.15000 ? 73  ASP A C   1 
ATOM   604  O O   . ASP A 1 73  ? 10.07989  9.64951   -3.57184  1.000 14.18000 ? 73  ASP A O   1 
ATOM   605  C CB  . ASP A 1 73  ? 12.95838  9.98735   -5.04264  1.000 13.56000 ? 73  ASP A CB  1 
ATOM   606  C CG  . ASP A 1 73  ? 13.22087  9.96199   -3.56489  1.000 15.30000 ? 73  ASP A CG  1 
ATOM   607  O OD1 . ASP A 1 73  ? 13.38997  8.82828   -3.10431  1.000 18.66000 ? 73  ASP A OD1 1 
ATOM   608  O OD2 . ASP A 1 73  ? 13.27618  11.05279  -2.93570  1.000 17.14000 ? 73  ASP A OD2 1 
ATOM   609  N N   . THR A 1 74  ? 9.91086   11.14599  -5.18964  1.000 12.94000 ? 74  THR A N   1 
ATOM   610  C CA  . THR A 1 74  ? 8.79231   11.83002  -4.55235  1.000 15.42000 ? 74  THR A CA  1 
ATOM   611  C C   . THR A 1 74  ? 7.52616   10.96340  -4.56987  1.000 12.96000 ? 74  THR A C   1 
ATOM   612  O O   . THR A 1 74  ? 6.76163   10.91987  -3.58662  1.000 14.23000 ? 74  THR A O   1 
ATOM   613  C CB  . THR A 1 74  ? 8.56234   13.14428  -5.26867  1.000 16.76000 ? 74  THR A CB  1 
ATOM   614  O OG1 . THR A 1 74  ? 9.73174   13.93564  -5.06223  1.000 23.88000 ? 74  THR A OG1 1 
ATOM   615  C CG2 . THR A 1 74  ? 7.45784   13.88702  -4.70658  1.000 20.18000 ? 74  THR A CG2 1 
ATOM   616  N N   . SER A 1 75  ? 7.25609   10.28749  -5.68874  1.000 11.36000 ? 75  SER A N   1 
ATOM   617  C CA  . SER A 1 75  ? 6.14191   9.35024   -5.72977  1.000 10.37000 ? 75  SER A CA  1 
ATOM   618  C C   . SER A 1 75  ? 6.36319   8.21918   -4.75298  1.000 11.55000 ? 75  SER A C   1 
ATOM   619  O O   . SER A 1 75  ? 5.40253   7.76712   -4.09433  1.000 10.62000 ? 75  SER A O   1 
ATOM   620  C CB  . SER A 1 75  ? 5.97755   8.78923   -7.12634  1.000 13.30000 ? 75  SER A CB  1 
ATOM   621  O OG  . SER A 1 75  ? 5.58726   9.80917   -7.98407  1.000 16.04000 ? 75  SER A OG  1 
ATOM   622  N N   . LYS A 1 76  ? 7.58083   7.68998   -4.65931  1.000 11.16000 ? 76  LYS A N   1 
ATOM   623  C CA  . LYS A 1 76  ? 7.85871   6.66304   -3.66899  1.000 12.52000 ? 76  LYS A CA  1 
ATOM   624  C C   . LYS A 1 76  ? 7.52934   7.16503   -2.28097  1.000 12.76000 ? 76  LYS A C   1 
ATOM   625  O O   . LYS A 1 76  ? 6.87519   6.46668   -1.48639  1.000 12.78000 ? 76  LYS A O   1 
ATOM   626  C CB  . LYS A 1 76  ? 9.32685   6.20848   -3.71174  1.000 14.39000 ? 76  LYS A CB  1 
ATOM   627  C CG  . LYS A 1 76  ? 9.62057   5.01370   -2.74484  1.000 13.25000 ? 76  LYS A CG  1 
ATOM   628  C CD  . LYS A 1 76  ? 11.06661  4.62116   -2.78252  1.000 14.64000 ? 76  LYS A CD  1 
ATOM   629  C CE  . LYS A 1 76  ? 11.35422  3.54444   -1.81548  1.000 18.00000 ? 76  LYS A CE  1 
ATOM   630  N NZ  . LYS A 1 76  ? 11.15513  3.99548   -0.42041  1.000 16.53000 ? 76  LYS A NZ  1 
ATOM   631  N N   . LYS A 1 77  ? 7.94225   8.37435   -1.96345  1.000 12.49000 ? 77  LYS A N   1 
ATOM   632  C CA  . LYS A 1 77  ? 7.63387   8.90775   -0.65740  1.000 13.75000 ? 77  LYS A CA  1 
ATOM   633  C C   . LYS A 1 77  ? 6.13790   9.05428   -0.46674  1.000 12.75000 ? 77  LYS A C   1 
ATOM   634  O O   . LYS A 1 77  ? 5.63964   8.80487   0.63531   1.000 13.32000 ? 77  LYS A O   1 
ATOM   635  C CB  . LYS A 1 77  ? 8.35130   10.24043  -0.47872  1.000 16.75000 ? 77  LYS A CB  1 
ATOM   636  C CG  . LYS A 1 77  ? 8.00660   10.92726  0.82691   1.000 24.55000 ? 77  LYS A CG  1 
ATOM   637  C CD  . LYS A 1 77  ? 8.99784   10.55189  1.89661   1.000 28.34000 ? 77  LYS A CD  1 
ATOM   638  C CE  . LYS A 1 77  ? 9.13518   11.58703  3.01689   1.000 28.18000 ? 77  LYS A CE  1 
ATOM   639  N NZ  . LYS A 1 77  ? 7.88554   12.28842  3.34557   1.000 25.97000 ? 77  LYS A NZ  1 
ATOM   640  N N   . ARG A 1 78  ? 5.42487   9.49341   -1.48379  1.000 12.70000 ? 78  ARG A N   1 
ATOM   641  C CA  . ARG A 1 78  ? 3.97602   9.61840   -1.35344  1.000 13.06000 ? 78  ARG A CA  1 
ATOM   642  C C   . ARG A 1 78  ? 3.35049   8.25909   -1.05224  1.000 11.09000 ? 78  ARG A C   1 
ATOM   643  O O   . ARG A 1 78  ? 2.43168   8.16275   -0.21307  1.000 11.41000 ? 78  ARG A O   1 
ATOM   644  C CB  . ARG A 1 78  ? 3.38645   10.23508  -2.62665  1.000 13.92000 ? 78  ARG A CB  1 
ATOM   645  C CG  . ARG A 1 78  ? 1.92296   10.55487  -2.59735  1.000 21.49000 ? 78  ARG A CG  1 
ATOM   646  C CD  . ARG A 1 78  ? 1.43076   11.15260  -3.93906  1.000 22.24000 ? 78  ARG A CD  1 
ATOM   647  N NE  . ARG A 1 78  ? 0.01328   11.54160  -3.90991  1.000 26.93000 ? 78  ARG A NE  1 
ATOM   648  C CZ  . ARG A 1 78  ? -0.65574  12.15063  -4.88849  1.000 27.91000 ? 78  ARG A CZ  1 
ATOM   649  N NH1 . ARG A 1 78  ? -0.06950  12.46972  -6.03659  1.000 36.04000 ? 78  ARG A NH1 1 
ATOM   650  N NH2 . ARG A 1 78  ? -1.93491  12.43424  -4.71159  1.000 30.86000 ? 78  ARG A NH2 1 
ATOM   651  N N   . ILE A 1 79  ? 3.76653   7.23682   -1.75887  1.000 9.65000  ? 79  ILE A N   1 
ATOM   652  C CA  . ILE A 1 79  ? 3.21407   5.88857   -1.57234  1.000 9.81000  ? 79  ILE A CA  1 
ATOM   653  C C   . ILE A 1 79  ? 3.60021   5.34759   -0.21168  1.000 9.55000  ? 79  ILE A C   1 
ATOM   654  O O   . ILE A 1 79  ? 2.78160   4.71342   0.49298   1.000 10.17000 ? 79  ILE A O   1 
ATOM   655  C CB  . ILE A 1 79  ? 3.71855   4.98176   -2.70439  1.000 9.72000  ? 79  ILE A CB  1 
ATOM   656  C CG1 . ILE A 1 79  ? 3.09474   5.41873   -4.04437  1.000 10.84000 ? 79  ILE A CG1 1 
ATOM   657  C CG2 . ILE A 1 79  ? 3.37053   3.48807   -2.43002  1.000 10.52000 ? 79  ILE A CG2 1 
ATOM   658  C CD1 . ILE A 1 79  ? 3.84364   4.83055   -5.26013  1.000 11.28000 ? 79  ILE A CD1 1 
ATOM   659  N N   . ASP A 1 80  ? 4.85121   5.59677   0.23133   1.000 9.99000  ? 80  ASP A N   1 
ATOM   660  C CA  . ASP A 1 80  ? 5.26778   5.13398   1.55139   1.000 10.36000 ? 80  ASP A CA  1 
ATOM   661  C C   . ASP A 1 80  ? 4.49983   5.85622   2.64406   1.000 10.06000 ? 80  ASP A C   1 
ATOM   662  O O   . ASP A 1 80  ? 4.10331   5.23233   3.65136   1.000 10.74000 ? 80  ASP A O   1 
ATOM   663  C CB  . ASP A 1 80  ? 6.76273   5.39144   1.75725   1.000 10.93000 ? 80  ASP A CB  1 
ATOM   664  C CG  . ASP A 1 80  ? 7.62118   4.55715   0.89055   1.000 11.27000 ? 80  ASP A CG  1 
ATOM   665  O OD1 . ASP A 1 80  ? 7.19315   3.54559   0.33908   1.000 11.84000 ? 80  ASP A OD1 1 
ATOM   666  O OD2 . ASP A 1 80  ? 8.86017   4.91421   0.80446   1.000 12.90000 ? 80  ASP A OD2 1 
ATOM   667  N N   . ASP A 1 81  ? 4.28670   7.14454   2.49674   1.000 10.30000 ? 81  ASP A N   1 
ATOM   668  C CA  . ASP A 1 81  ? 3.59517   7.89960   3.52327   1.000 11.97000 ? 81  ASP A CA  1 
ATOM   669  C C   . ASP A 1 81  ? 2.14168   7.49892   3.56042   1.000 11.74000 ? 81  ASP A C   1 
ATOM   670  O O   . ASP A 1 81  ? 1.53735   7.46713   4.65464   1.000 11.92000 ? 81  ASP A O   1 
ATOM   671  C CB  . ASP A 1 81  ? 3.68170   9.41066   3.25211   1.000 13.79000 ? 81  ASP A CB  1 
ATOM   672  C CG  . ASP A 1 81  ? 5.06829   9.97333   3.45556   1.000 18.34000 ? 81  ASP A CG  1 
ATOM   673  O OD1 . ASP A 1 81  ? 5.96652   9.27726   3.95060   1.000 18.04000 ? 81  ASP A OD1 1 
ATOM   674  O OD2 . ASP A 1 81  ? 5.24637   11.17424  3.07580   1.000 21.50000 ? 81  ASP A OD2 1 
ATOM   675  N N   . ASN A 1 82  ? 1.54227   7.26402   2.40623   1.000 11.09000 ? 82  ASN A N   1 
ATOM   676  C CA  . ASN A 1 82  ? 0.16279   6.76618   2.34217   1.000 12.37000 ? 82  ASN A CA  1 
ATOM   677  C C   . ASN A 1 82  ? 0.03498   5.40524   3.02121   1.000 11.33000 ? 82  ASN A C   1 
ATOM   678  O O   . ASN A 1 82  ? -0.98305  5.13235   3.69323   1.000 11.48000 ? 82  ASN A O   1 
ATOM   679  C CB  . ASN A 1 82  ? -0.18411  6.68437   0.84209   1.000 13.15000 ? 82  ASN A CB  1 
ATOM   680  C CG  . ASN A 1 82  ? -1.61806  6.33961   0.51768   1.000 15.46000 ? 82  ASN A CG  1 
ATOM   681  O OD1 . ASN A 1 82  ? -1.87982  5.34831   -0.15382  1.000 19.22000 ? 82  ASN A OD1 1 
ATOM   682  N ND2 . ASN A 1 82  ? -2.49803  7.20269   0.84998   1.000 15.94000 ? 82  ASN A ND2 1 
ATOM   683  N N   . PHE A 1 83  ? 1.04082   4.55652   2.88554   1.000 9.96000  ? 83  PHE A N   1 
ATOM   684  C CA  . PHE A 1 83  ? 1.08653   3.27725   3.58520   1.000 10.09000 ? 83  PHE A CA  1 
ATOM   685  C C   . PHE A 1 83  ? 1.11333   3.47054   5.08380   1.000 10.03000 ? 83  PHE A C   1 
ATOM   686  O O   . PHE A 1 83  ? 0.33943   2.82702   5.79909   1.000 10.07000 ? 83  PHE A O   1 
ATOM   687  C CB  . PHE A 1 83  ? 2.30499   2.51619   3.05326   1.000 10.01000 ? 83  PHE A CB  1 
ATOM   688  C CG  . PHE A 1 83  ? 2.63953   1.19820   3.71253   1.000 9.96000  ? 83  PHE A CG  1 
ATOM   689  C CD1 . PHE A 1 83  ? 1.75109   0.11726   3.74370   1.000 10.50000 ? 83  PHE A CD1 1 
ATOM   690  C CD2 . PHE A 1 83  ? 3.92494   0.98204   4.19614   1.000 12.46000 ? 83  PHE A CD2 1 
ATOM   691  C CE1 . PHE A 1 83  ? 2.12203   -1.05623  4.26788   1.000 11.31000 ? 83  PHE A CE1 1 
ATOM   692  C CE2 . PHE A 1 83  ? 4.31174   -0.23197  4.68197   1.000 12.56000 ? 83  PHE A CE2 1 
ATOM   693  C CZ  . PHE A 1 83  ? 3.39269   -1.25690  4.72492   1.000 13.61000 ? 83  PHE A CZ  1 
ATOM   694  N N   . TYR A 1 84  ? 1.95192   4.37761   5.58389   1.000 10.42000 ? 84  TYR A N   1 
ATOM   695  C CA  . TYR A 1 84  ? 1.94061   4.63743   7.02298   1.000 11.79000 ? 84  TYR A CA  1 
ATOM   696  C C   . TYR A 1 84  ? 0.58526   5.16403   7.47583   1.000 11.35000 ? 84  TYR A C   1 
ATOM   697  O O   . TYR A 1 84  ? 0.07517   4.75365   8.52798   1.000 12.06000 ? 84  TYR A O   1 
ATOM   698  C CB  . TYR A 1 84  ? 3.04856   5.62566   7.33716   1.000 12.50000 ? 84  TYR A CB  1 
ATOM   699  C CG  . TYR A 1 84  ? 3.30352   5.81313   8.80211   1.000 14.31000 ? 84  TYR A CG  1 
ATOM   700  C CD1 . TYR A 1 84  ? 3.26996   4.76812   9.72866   1.000 15.83000 ? 84  TYR A CD1 1 
ATOM   701  C CD2 . TYR A 1 84  ? 3.69630   7.04236   9.23852   1.000 20.59000 ? 84  TYR A CD2 1 
ATOM   702  C CE1 . TYR A 1 84  ? 3.53986   5.01565   11.10513  1.000 17.06000 ? 84  TYR A CE1 1 
ATOM   703  C CE2 . TYR A 1 84  ? 3.98234   7.27287   10.59451  1.000 23.33000 ? 84  TYR A CE2 1 
ATOM   704  C CZ  . TYR A 1 84  ? 3.90108   6.25056   11.48950  1.000 20.56000 ? 84  TYR A CZ  1 
ATOM   705  O OH  . TYR A 1 84  ? 4.15015   6.47989   12.84294  1.000 23.31000 ? 84  TYR A OH  1 
ATOM   706  N N   . SER A 1 85  ? -0.03407  6.05068   6.70807   1.000 11.09000 ? 85  SER A N   1 
ATOM   707  C CA  . SER A 1 85  ? -1.35565  6.53876   7.05871   1.000 13.12000 ? 85  SER A CA  1 
ATOM   708  C C   . SER A 1 85  ? -2.34949  5.40060   7.11699   1.000 12.75000 ? 85  SER A C   1 
ATOM   709  O O   . SER A 1 85  ? -3.18998  5.35464   8.05058   1.000 12.95000 ? 85  SER A O   1 
ATOM   710  C CB  . SER A 1 85  ? -1.81638  7.59605   6.06059   1.000 16.25000 ? 85  SER A CB  1 
ATOM   711  O OG  . SER A 1 85  ? -1.00084  8.73518   6.21329   1.000 22.26000 ? 85  SER A OG  1 
ATOM   712  N N   . ASP A 1 86  ? -2.33108  4.50328   6.12285   1.000 11.26000 ? 86  ASP A N   1 
ATOM   713  C CA  . ASP A 1 86  ? -3.20574  3.34090   6.11676   1.000 11.59000 ? 86  ASP A CA  1 
ATOM   714  C C   . ASP A 1 86  ? -3.00874  2.52831   7.38578   1.000 11.75000 ? 86  ASP A C   1 
ATOM   715  O O   . ASP A 1 86  ? -3.99098  2.10328   8.01532   1.000 12.26000 ? 86  ASP A O   1 
ATOM   716  C CB  . ASP A 1 86  ? -2.90663  2.45126   4.91435   1.000 11.28000 ? 86  ASP A CB  1 
ATOM   717  C CG  . ASP A 1 86  ? -3.38711  2.99571   3.56611   1.000 11.48000 ? 86  ASP A CG  1 
ATOM   718  O OD1 . ASP A 1 86  ? -4.20278  3.93028   3.53045   1.000 12.84000 ? 86  ASP A OD1 1 
ATOM   719  O OD2 . ASP A 1 86  ? -2.96124  2.44936   2.53143   1.000 11.67000 ? 86  ASP A OD2 1 
ATOM   720  N N   . LEU A 1 87  ? -1.75569  2.24538   7.73433   1.000 10.42000 ? 87  LEU A N   1 
ATOM   721  C CA  . LEU A 1 87  ? -1.48281  1.40693   8.90657   1.000 12.53000 ? 87  LEU A CA  1 
ATOM   722  C C   . LEU A 1 87  ? -1.95340  2.07350   10.18701  1.000 12.75000 ? 87  LEU A C   1 
ATOM   723  O O   . LEU A 1 87  ? -2.57758  1.43389   11.04207  1.000 12.74000 ? 87  LEU A O   1 
ATOM   724  C CB  . LEU A 1 87  ? 0.01625   1.09868   8.98825   1.000 11.52000 ? 87  LEU A CB  1 
ATOM   725  C CG  . LEU A 1 87  ? 0.63411   0.29515   7.83125   1.000 11.26000 ? 87  LEU A CG  1 
ATOM   726  C CD1 . LEU A 1 87  ? 2.14060   0.27188   7.98346   1.000 13.14000 ? 87  LEU A CD1 1 
ATOM   727  C CD2 . LEU A 1 87  ? 0.13167   -1.14615  7.79746   1.000 14.69000 ? 87  LEU A CD2 1 
ATOM   728  N N   . LYS A 1 88  ? -1.65629  3.35227   10.34621  1.000 12.25000 ? 88  LYS A N   1 
ATOM   729  C CA  . LYS A 1 88  ? -2.12114  4.08127   11.53377  1.000 14.36000 ? 88  LYS A CA  1 
ATOM   730  C C   . LYS A 1 88  ? -3.63498  4.04897   11.63977  1.000 14.66000 ? 88  LYS A C   1 
ATOM   731  O O   . LYS A 1 88  ? -4.20042  3.91992   12.74908  1.000 15.39000 ? 88  LYS A O   1 
ATOM   732  C CB  . LYS A 1 88  ? -1.60601  5.51261   11.49974  1.000 16.27000 ? 88  LYS A CB  1 
ATOM   733  C CG  . LYS A 1 88  ? -0.17049  5.60243   11.93286  1.000 19.00000 ? 88  LYS A CG  1 
ATOM   734  C CD  . LYS A 1 88  ? 0.23496   7.05823   12.06515  1.000 26.01000 ? 88  LYS A CD  1 
ATOM   735  C CE  . LYS A 1 88  ? 0.55987   7.59067   10.68544  1.000 26.66000 ? 88  LYS A CE  1 
ATOM   736  N NZ  . LYS A 1 88  ? -0.21003  8.81507   10.34183  1.000 32.18000 ? 88  LYS A NZ  1 
ATOM   737  N N   . GLY A 1 89  ? -4.32144  4.18465   10.52197  1.000 13.99000 ? 89  GLY A N   1 
ATOM   738  C CA  . GLY A 1 89  ? -5.76463  4.11692   10.54712  1.000 15.13000 ? 89  GLY A CA  1 
ATOM   739  C C   . GLY A 1 89  ? -6.27543  2.75528   10.96937  1.000 15.43000 ? 89  GLY A C   1 
ATOM   740  O O   . GLY A 1 89  ? -7.29364  2.66660   11.67952  1.000 17.30000 ? 89  GLY A O   1 
ATOM   741  N N   . ILE A 1 90  ? -5.61073  1.67799   10.55010  1.000 13.69000 ? 90  ILE A N   1 
ATOM   742  C CA  . ILE A 1 90  ? -5.98826  0.33051   10.97615  1.000 13.24000 ? 90  ILE A CA  1 
ATOM   743  C C   . ILE A 1 90  ? -5.74438  0.15754   12.47086  1.000 14.70000 ? 90  ILE A C   1 
ATOM   744  O O   . ILE A 1 90  ? -6.57030  -0.45210  13.19173  1.000 16.04000 ? 90  ILE A O   1 
ATOM   745  C CB  . ILE A 1 90  ? -5.21656  -0.68837  10.12253  1.000 13.28000 ? 90  ILE A CB  1 
ATOM   746  C CG1 . ILE A 1 90  ? -5.75279  -0.64494  8.71186   1.000 14.01000 ? 90  ILE A CG1 1 
ATOM   747  C CG2 . ILE A 1 90  ? -5.24895  -2.11325  10.70479  1.000 13.84000 ? 90  ILE A CG2 1 
ATOM   748  C CD1 . ILE A 1 90  ? -4.81123  -1.32241  7.68269   1.000 13.64000 ? 90  ILE A CD1 1 
ATOM   749  N N   . CYS A 1 91  ? -4.66931  0.72224   12.97649  1.000 14.96000 ? 91  CYS A N   1 
ATOM   750  C CA  . CYS A 1 91  ? -4.33715  0.54404   14.38714  1.000 15.39000 ? 91  CYS A CA  1 
ATOM   751  C C   . CYS A 1 91  ? -5.29111  1.29081   15.30099  1.000 19.21000 ? 91  CYS A C   1 
ATOM   752  O O   . CYS A 1 91  ? -5.41810  0.91080   16.47358  1.000 19.27000 ? 91  CYS A O   1 
ATOM   753  C CB  . CYS A 1 91  ? -2.92523  1.05290   14.66032  1.000 15.47000 ? 91  CYS A CB  1 
ATOM   754  S SG  . CYS A 1 91  ? -1.63599  0.05698   13.90552  1.000 14.82000 ? 91  CYS A SG  1 
ATOM   755  N N   . HIS A 1 92  ? -5.89249  2.36994   14.80325  1.000 18.50000 ? 92  HIS A N   1 
ATOM   756  C CA  . HIS A 1 92  ? -6.76933  3.28909   15.55652  1.000 24.22000 ? 92  HIS A CA  1 
ATOM   757  C C   . HIS A 1 92  ? -6.34982  3.52783   17.01042  1.000 22.09000 ? 92  HIS A C   1 
ATOM   758  O O   . HIS A 1 92  ? -7.13853  3.39524   17.95084  1.000 26.59000 ? 92  HIS A O   1 
ATOM   759  C CB  . HIS A 1 92  ? -8.25573  2.97536   15.38075  1.000 24.90000 ? 92  HIS A CB  1 
ATOM   760  C CG  . HIS A 1 92  ? -8.63611  1.57747   15.70626  1.000 27.29000 ? 92  HIS A CG  1 
ATOM   761  N ND1 . HIS A 1 92  ? -8.63061  1.08467   16.99324  1.000 33.85000 ? 92  HIS A ND1 1 
ATOM   762  C CD2 . HIS A 1 92  ? -9.05136  0.56202   14.91338  1.000 29.55000 ? 92  HIS A CD2 1 
ATOM   763  C CE1 . HIS A 1 92  ? -9.02041  -0.17797  16.97832  1.000 32.38000 ? 92  HIS A CE1 1 
ATOM   764  N NE2 . HIS A 1 92  ? -9.28268  -0.51996  15.72855  1.000 32.92000 ? 92  HIS A NE2 1 
ATOM   765  N N   . GLY A 1 93  ? -5.10490  3.93414   17.19918  1.000 21.73000 ? 93  GLY A N   1 
ATOM   766  C CA  . GLY A 1 93  ? -4.61573  4.36775   18.49832  1.000 23.16000 ? 93  GLY A CA  1 
ATOM   767  C C   . GLY A 1 93  ? -3.97086  3.29346   19.34652  1.000 23.44000 ? 93  GLY A C   1 
ATOM   768  O O   . GLY A 1 93  ? -3.40871  3.62336   20.40874  1.000 26.54000 ? 93  GLY A O   1 
ATOM   769  N N   . ASN A 1 94  ? -4.05754  2.02963   18.94009  1.000 21.58000 ? 94  ASN A N   1 
ATOM   770  C CA  . ASN A 1 94  ? -3.42801  0.95665   19.68980  1.000 20.36000 ? 94  ASN A CA  1 
ATOM   771  C C   . ASN A 1 94  ? -1.91375  1.13072   19.64739  1.000 22.85000 ? 94  ASN A C   1 
ATOM   772  O O   . ASN A 1 94  ? -1.30914  1.21166   18.57081  1.000 19.15000 ? 94  ASN A O   1 
ATOM   773  C CB  . ASN A 1 94  ? -3.89017  -0.38579  19.11526  1.000 18.66000 ? 94  ASN A CB  1 
ATOM   774  C CG  . ASN A 1 94  ? -3.27780  -1.59256  19.82233  1.000 19.86000 ? 94  ASN A CG  1 
ATOM   775  O OD1 . ASN A 1 94  ? -2.05184  -1.82394  19.76188  1.000 21.85000 ? 94  ASN A OD1 1 
ATOM   776  N ND2 . ASN A 1 94  ? -4.13477  -2.41764  20.44437  1.000 20.18000 ? 94  ASN A ND2 1 
ATOM   777  N N   . GLY A 1 95  ? -1.28651  1.22131   20.82329  1.000 22.34000 ? 95  GLY A N   1 
ATOM   778  C CA  . GLY A 1 95  ? 0.11623   1.60295   20.86276  1.000 20.83000 ? 95  GLY A CA  1 
ATOM   779  C C   . GLY A 1 95  ? 1.05374   0.56617   20.27984  1.000 19.64000 ? 95  GLY A C   1 
ATOM   780  O O   . GLY A 1 95  ? 1.99256   0.91631   19.55664  1.000 21.46000 ? 95  GLY A O   1 
ATOM   781  N N   . SER A 1 96  ? 0.82854   -0.70534  20.59051  1.000 18.09000 ? 96  SER A N   1 
ATOM   782  C CA  . SER A 1 96  ? 1.63634   -1.78982  20.05420  1.000 18.62000 ? 96  SER A CA  1 
ATOM   783  C C   . SER A 1 96  ? 1.50880   -1.85980  18.54231  1.000 19.59000 ? 96  SER A C   1 
ATOM   784  O O   . SER A 1 96  ? 2.51298   -2.01800  17.82932  1.000 17.61000 ? 96  SER A O   1 
ATOM   785  C CB  . SER A 1 96  ? 1.21043   -3.10253  20.71834  1.000 20.28000 ? 96  SER A CB  1 
ATOM   786  O OG  . SER A 1 96  ? 1.52268   -4.26137  19.97215  1.000 30.64000 ? 96  SER A OG  1 
ATOM   787  N N   . CYS A 1 97  ? 0.28265   -1.72639  18.04667  1.000 16.46000 ? 97  CYS A N   1 
ATOM   788  C CA  . CYS A 1 97  ? 0.05694   -1.72265  16.61509  1.000 16.40000 ? 97  CYS A CA  1 
ATOM   789  C C   . CYS A 1 97  ? 0.76715   -0.52773  15.99192  1.000 14.10000 ? 97  CYS A C   1 
ATOM   790  O O   . CYS A 1 97  ? 1.40763   -0.65124  14.94417  1.000 15.16000 ? 97  CYS A O   1 
ATOM   791  C CB  . CYS A 1 97  ? -1.46682  -1.75884  16.38382  1.000 14.66000 ? 97  CYS A CB  1 
ATOM   792  S SG  . CYS A 1 97  ? -2.02129  -1.82803  14.65887  1.000 15.70000 ? 97  CYS A SG  1 
ATOM   793  N N   . ASN A 1 98  ? 0.69019   0.63542   16.60931  1.000 15.39000 ? 98  ASN A N   1 
ATOM   794  C CA  . ASN A 1 98  ? 1.40209   1.80763   16.09791  1.000 17.89000 ? 98  ASN A CA  1 
ATOM   795  C C   . ASN A 1 98  ? 2.90413   1.59228   16.04636  1.000 16.81000 ? 98  ASN A C   1 
ATOM   796  O O   . ASN A 1 98  ? 3.58105   2.09669   15.13139  1.000 17.20000 ? 98  ASN A O   1 
ATOM   797  C CB  . ASN A 1 98  ? 1.16311   3.02953   16.97628  1.000 18.16000 ? 98  ASN A CB  1 
ATOM   798  C CG  . ASN A 1 98  ? -0.17477  3.67807   16.75801  1.000 23.12000 ? 98  ASN A CG  1 
ATOM   799  O OD1 . ASN A 1 98  ? -0.89490  3.35287   15.83083  1.000 22.47000 ? 98  ASN A OD1 1 
ATOM   800  N ND2 . ASN A 1 98  ? -0.51235  4.66100   17.61868  1.000 26.61000 ? 98  ASN A ND2 1 
ATOM   801  N N   . ALA A 1 99  ? 3.46250   0.91351   17.02956  1.000 17.11000 ? 99  ALA A N   1 
ATOM   802  C CA  . ALA A 1 99  ? 4.89154   0.64706   16.98879  1.000 17.27000 ? 99  ALA A CA  1 
ATOM   803  C C   . ALA A 1 99  ? 5.24768   -0.19740  15.77921  1.000 17.84000 ? 99  ALA A C   1 
ATOM   804  O O   . ALA A 1 99  ? 6.23507   0.08202   15.08728  1.000 16.24000 ? 99  ALA A O   1 
ATOM   805  C CB  . ALA A 1 99  ? 5.33193   0.01569   18.30385  1.000 18.43000 ? 99  ALA A CB  1 
ATOM   806  N N   . LEU A 1 100 ? 4.44864   -1.22109  15.48718  1.000 17.27000 ? 100 LEU A N   1 
ATOM   807  C CA  . LEU A 1 100 ? 4.66302   -2.01441  14.28074  1.000 17.72000 ? 100 LEU A CA  1 
ATOM   808  C C   . LEU A 1 100 ? 4.44282   -1.18253  13.01673  1.000 17.26000 ? 100 LEU A C   1 
ATOM   809  O O   . LEU A 1 100 ? 5.19419   -1.33311  12.03292  1.000 18.00000 ? 100 LEU A O   1 
ATOM   810  C CB  . LEU A 1 100 ? 3.77274   -3.25626  14.26514  1.000 19.13000 ? 100 LEU A CB  1 
ATOM   811  C CG  . LEU A 1 100 ? 4.19603   -4.42247  15.15375  1.000 22.64000 ? 100 LEU A CG  1 
ATOM   812  C CD1 . LEU A 1 100 ? 3.18591   -5.54126  14.99617  1.000 26.02000 ? 100 LEU A CD1 1 
ATOM   813  C CD2 . LEU A 1 100 ? 5.59043   -4.88014  14.73911  1.000 23.70000 ? 100 LEU A CD2 1 
ATOM   814  N N   . ALA A 1 101 ? 3.41595   -0.32250  12.98731  1.000 14.31000 ? 101 ALA A N   1 
ATOM   815  C CA  . ALA A 1 101 ? 3.19843   0.54216   11.82611  1.000 14.48000 ? 101 ALA A CA  1 
ATOM   816  C C   . ALA A 1 101 ? 4.44118   1.37354   11.52694  1.000 13.73000 ? 101 ALA A C   1 
ATOM   817  O O   . ALA A 1 101 ? 4.86590   1.48924   10.35742  1.000 14.11000 ? 101 ALA A O   1 
ATOM   818  C CB  . ALA A 1 101 ? 1.96653   1.42867   12.03531  1.000 15.24000 ? 101 ALA A CB  1 
ATOM   819  N N   . TRP A 1 102 ? 5.06636   1.95356   12.56480  1.000 14.96000 ? 102 TRP A N   1 
ATOM   820  C CA  . TRP A 1 102 ? 6.29795   2.70932   12.37137  1.000 14.30000 ? 102 TRP A CA  1 
ATOM   821  C C   . TRP A 1 102 ? 7.39359   1.81830   11.81359  1.000 15.64000 ? 102 TRP A C   1 
ATOM   822  O O   . TRP A 1 102 ? 8.13720   2.23338   10.90851  1.000 14.15000 ? 102 TRP A O   1 
ATOM   823  C CB  . TRP A 1 102 ? 6.72812   3.34262   13.71872  1.000 15.83000 ? 102 TRP A CB  1 
ATOM   824  C CG  . TRP A 1 102 ? 8.09335   3.96315   13.63265  1.000 18.16000 ? 102 TRP A CG  1 
ATOM   825  C CD1 . TRP A 1 102 ? 9.27968   3.48038   14.14764  1.000 23.28000 ? 102 TRP A CD1 1 
ATOM   826  C CD2 . TRP A 1 102 ? 8.39823   5.17024   12.98661  1.000 20.40000 ? 102 TRP A CD2 1 
ATOM   827  N NE1 . TRP A 1 102 ? 10.31306  4.34172   13.82563  1.000 23.36000 ? 102 TRP A NE1 1 
ATOM   828  C CE2 . TRP A 1 102 ? 9.78977   5.39820   13.13231  1.000 23.77000 ? 102 TRP A CE2 1 
ATOM   829  C CE3 . TRP A 1 102 ? 7.62918   6.10539   12.28627  1.000 22.77000 ? 102 TRP A CE3 1 
ATOM   830  C CZ2 . TRP A 1 102 ? 10.41955  6.51867   12.59121  1.000 27.17000 ? 102 TRP A CZ2 1 
ATOM   831  C CZ3 . TRP A 1 102 ? 8.25256   7.21037   11.76891  1.000 26.84000 ? 102 TRP A CZ3 1 
ATOM   832  C CH2 . TRP A 1 102 ? 9.62804   7.40820   11.92010  1.000 27.97000 ? 102 TRP A CH2 1 
ATOM   833  N N   . THR A 1 103 ? 7.53276   0.58969   12.31655  1.000 14.55000 ? 103 THR A N   1 
ATOM   834  C CA  . THR A 1 103 ? 8.61565   -0.25089  11.81571  1.000 17.08000 ? 103 THR A CA  1 
ATOM   835  C C   . THR A 1 103 ? 8.37755   -0.66209  10.36663  1.000 15.22000 ? 103 THR A C   1 
ATOM   836  O O   . THR A 1 103 ? 9.33128   -0.75532  9.58904   1.000 15.99000 ? 103 THR A O   1 
ATOM   837  C CB  . THR A 1 103 ? 8.91559   -1.47716  12.68893  1.000 22.02000 ? 103 THR A CB  1 
ATOM   838  O OG1 . THR A 1 103 ? 7.97347   -2.49790  12.43078  1.000 26.71000 ? 103 THR A OG1 1 
ATOM   839  C CG2 . THR A 1 103 ? 8.79397   -1.16117  14.15363  1.000 22.88000 ? 103 THR A CG2 1 
ATOM   840  N N   . TYR A 1 104 ? 7.12951   -0.91843  9.97687   1.000 14.53000 ? 104 TYR A N   1 
ATOM   841  C CA  . TYR A 1 104 ? 6.84716   -1.20354  8.56598   1.000 13.33000 ? 104 TYR A CA  1 
ATOM   842  C C   . TYR A 1 104 ? 7.15507   0.00892   7.70123   1.000 13.19000 ? 104 TYR A C   1 
ATOM   843  O O   . TYR A 1 104 ? 7.74506   -0.13821  6.61558   1.000 13.93000 ? 104 TYR A O   1 
ATOM   844  C CB  . TYR A 1 104 ? 5.36716   -1.57821  8.38442   1.000 12.82000 ? 104 TYR A CB  1 
ATOM   845  C CG  . TYR A 1 104 ? 4.94464   -2.98836  8.72446   1.000 13.40000 ? 104 TYR A CG  1 
ATOM   846  C CD1 . TYR A 1 104 ? 5.36483   -3.61217  9.89271   1.000 15.90000 ? 104 TYR A CD1 1 
ATOM   847  C CD2 . TYR A 1 104 ? 4.10166   -3.70749  7.88199   1.000 13.51000 ? 104 TYR A CD2 1 
ATOM   848  C CE1 . TYR A 1 104 ? 4.94804   -4.86809  10.22148  1.000 15.58000 ? 104 TYR A CE1 1 
ATOM   849  C CE2 . TYR A 1 104 ? 3.66713   -4.97223  8.20162   1.000 15.21000 ? 104 TYR A CE2 1 
ATOM   850  C CZ  . TYR A 1 104 ? 4.11528   -5.57194  9.35812   1.000 15.44000 ? 104 TYR A CZ  1 
ATOM   851  O OH  . TYR A 1 104 ? 3.63524   -6.83916  9.64735   1.000 17.72000 ? 104 TYR A OH  1 
ATOM   852  N N   . TYR A 1 105 ? 6.79005   1.19351   8.15972   1.000 13.07000 ? 105 TYR A N   1 
ATOM   853  C CA  . TYR A 1 105 ? 7.07076   2.40853   7.39203   1.000 15.45000 ? 105 TYR A CA  1 
ATOM   854  C C   . TYR A 1 105 ? 8.56973   2.61383   7.24372   1.000 15.48000 ? 105 TYR A C   1 
ATOM   855  O O   . TYR A 1 105 ? 9.07262   2.92982   6.15323   1.000 15.18000 ? 105 TYR A O   1 
ATOM   856  C CB  . TYR A 1 105 ? 6.41287   3.61176   8.06645   1.000 14.01000 ? 105 TYR A CB  1 
ATOM   857  C CG  . TYR A 1 105 ? 6.77947   4.94847   7.45048   1.000 13.87000 ? 105 TYR A CG  1 
ATOM   858  C CD1 . TYR A 1 105 ? 6.39500   5.28072   6.17172   1.000 13.17000 ? 105 TYR A CD1 1 
ATOM   859  C CD2 . TYR A 1 105 ? 7.53463   5.89071   8.17449   1.000 17.94000 ? 105 TYR A CD2 1 
ATOM   860  C CE1 . TYR A 1 105 ? 6.70532   6.52079   5.62757   1.000 14.70000 ? 105 TYR A CE1 1 
ATOM   861  C CE2 . TYR A 1 105 ? 7.87416   7.11539   7.65495   1.000 18.18000 ? 105 TYR A CE2 1 
ATOM   862  C CZ  . TYR A 1 105 ? 7.44699   7.43670   6.36542   1.000 17.57000 ? 105 TYR A CZ  1 
ATOM   863  O OH  . TYR A 1 105 ? 7.79629   8.65462   5.82555   1.000 20.41000 ? 105 TYR A OH  1 
ATOM   864  N N   . GLN A 1 106 ? 9.31353   2.46937   8.34222   1.000 15.04000 ? 106 GLN A N   1 
ATOM   865  C CA  . GLN A 1 106 ? 10.76576  2.60831   8.24895   1.000 16.29000 ? 106 GLN A CA  1 
ATOM   866  C C   . GLN A 1 106 ? 11.36815  1.56572   7.33561   1.000 16.74000 ? 106 GLN A C   1 
ATOM   867  O O   . GLN A 1 106 ? 12.34947  1.85667   6.61952   1.000 17.91000 ? 106 GLN A O   1 
ATOM   868  C CB  . GLN A 1 106 ? 11.42473  2.51211   9.62563   1.000 20.52000 ? 106 GLN A CB  1 
ATOM   869  C CG  . GLN A 1 106 ? 11.22778  3.75935   10.39592  1.000 24.57000 ? 106 GLN A CG  1 
ATOM   870  C CD  . GLN A 1 106 ? 11.82694  4.92327   9.63969   1.000 27.05000 ? 106 GLN A CD  1 
ATOM   871  O OE1 . GLN A 1 106 ? 12.99011  4.86602   9.22939   1.000 35.44000 ? 106 GLN A OE1 1 
ATOM   872  N NE2 . GLN A 1 106 ? 11.03459  5.95756   9.40197   1.000 29.60000 ? 106 GLN A NE2 1 
ATOM   873  N N   . ALA A 1 107 ? 10.84336  0.35386   7.32647   1.000 16.56000 ? 107 ALA A N   1 
ATOM   874  C CA  . ALA A 1 107 ? 11.39573  -0.66966  6.45360   1.000 19.26000 ? 107 ALA A CA  1 
ATOM   875  C C   . ALA A 1 107 ? 11.26873  -0.27148  4.98608   1.000 19.68000 ? 107 ALA A C   1 
ATOM   876  O O   . ALA A 1 107 ? 12.20071  -0.48688  4.18982   1.000 20.07000 ? 107 ALA A O   1 
ATOM   877  C CB  . ALA A 1 107 ? 10.73434  -2.01660  6.71890   1.000 20.90000 ? 107 ALA A CB  1 
ATOM   878  N N   . VAL A 1 108 ? 10.13111  0.30846   4.59725   1.000 15.30000 ? 108 VAL A N   1 
ATOM   879  C CA  . VAL A 1 108 ? 9.96754   0.66257   3.19122   1.000 15.63000 ? 108 VAL A CA  1 
ATOM   880  C C   . VAL A 1 108 ? 10.75076  1.92425   2.87929   1.000 15.55000 ? 108 VAL A C   1 
ATOM   881  O O   . VAL A 1 108 ? 11.23939  2.08497   1.74560   1.000 16.97000 ? 108 VAL A O   1 
ATOM   882  C CB  . VAL A 1 108 ? 8.47941   0.72667   2.73798   1.000 14.23000 ? 108 VAL A CB  1 
ATOM   883  C CG1 . VAL A 1 108 ? 7.78352   -0.59520  2.97822   1.000 16.00000 ? 108 VAL A CG1 1 
ATOM   884  C CG2 . VAL A 1 108 ? 7.74979   1.88929   3.37043   1.000 14.72000 ? 108 VAL A CG2 1 
ATOM   885  N N   . ARG A 1 109 ? 10.86130  2.85801   3.81382   1.000 15.38000 ? 109 ARG A N   1 
ATOM   886  C CA  . ARG A 1 109 ? 11.62074  4.08930   3.59058   1.000 17.44000 ? 109 ARG A CA  1 
ATOM   887  C C   . ARG A 1 109 ? 13.09623  3.79868   3.37539   1.000 23.99000 ? 109 ARG A C   1 
ATOM   888  O O   . ARG A 1 109 ? 13.76365  4.45230   2.55880   1.000 26.42000 ? 109 ARG A O   1 
ATOM   889  C CB  . ARG A 1 109 ? 11.49756  5.02769   4.78733   1.000 19.41000 ? 109 ARG A CB  1 
ATOM   890  C CG  . ARG A 1 109 ? 10.18551  5.73015   4.88325   1.000 18.05000 ? 109 ARG A CG  1 
ATOM   891  C CD  . ARG A 1 109 ? 9.77764   6.44153   3.62534   1.000 17.30000 ? 109 ARG A CD  1 
ATOM   892  N NE  . ARG A 1 109 ? 10.79438  7.44545   3.23218   1.000 19.06000 ? 109 ARG A NE  1 
ATOM   893  C CZ  . ARG A 1 109 ? 11.02455  7.83492   1.97680   1.000 20.05000 ? 109 ARG A CZ  1 
ATOM   894  N NH1 . ARG A 1 109 ? 10.33061  7.31921   0.96974   1.000 18.64000 ? 109 ARG A NH1 1 
ATOM   895  N NH2 . ARG A 1 109 ? 11.97061  8.73523   1.72953   1.000 22.36000 ? 109 ARG A NH2 1 
ATOM   896  N N   . LYS A 1 110 ? 13.62992  2.83915   4.11257   1.000 22.00000 ? 110 LYS A N   1 
ATOM   897  C CA  . LYS A 1 110 ? 15.06765  2.59475   4.06074   1.000 25.72000 ? 110 LYS A CA  1 
ATOM   898  C C   . LYS A 1 110 ? 15.42840  1.46284   3.11690   1.000 28.79000 ? 110 LYS A C   1 
ATOM   899  O O   . LYS A 1 110 ? 16.50220  1.50161   2.49859   1.000 32.49000 ? 110 LYS A O   1 
ATOM   900  C CB  . LYS A 1 110 ? 15.60598  2.30199   5.47132   1.000 30.69000 ? 110 LYS A CB  1 
ATOM   901  C CG  . LYS A 1 110 ? 15.29902  3.38692   6.50490   1.000 28.02000 ? 110 LYS A CG  1 
ATOM   902  C CD  . LYS A 1 110 ? 16.30571  3.34387   7.67019   1.000 34.13000 ? 110 LYS A CD  1 
ATOM   903  C CE  . LYS A 1 110 ? 15.62680  3.14789   9.02608   1.000 34.30000 ? 110 LYS A CE  1 
ATOM   904  N NZ  . LYS A 1 110 ? 15.95382  1.83247   9.65895   1.000 40.33000 ? 110 LYS A NZ  1 
ATOM   905  N N   . PHE A 1 111 ? 14.56612  0.46576   2.96922   1.000 28.51000 ? 111 PHE A N   1 
ATOM   906  C CA  . PHE A 1 111 ? 14.87182  -0.72638  2.18371   1.000 32.11000 ? 111 PHE A CA  1 
ATOM   907  C C   . PHE A 1 111 ? 13.91785  -0.94728  1.00615   1.000 30.78000 ? 111 PHE A C   1 
ATOM   908  O O   . PHE A 1 111 ? 14.00233  -1.99167  0.34243   1.000 33.07000 ? 111 PHE A O   1 
ATOM   909  C CB  . PHE A 1 111 ? 14.84078  -1.97709  3.08642   1.000 33.54000 ? 111 PHE A CB  1 
ATOM   910  C CG  . PHE A 1 111 ? 15.83458  -1.95667  4.25278   1.000 36.00000 ? 111 PHE A CG  1 
ATOM   911  C CD1 . PHE A 1 111 ? 15.87695  -0.90081  5.15439   1.000 36.69000 ? 111 PHE A CD1 1 
ATOM   912  C CD2 . PHE A 1 111 ? 16.67634  -3.04723  4.48562   1.000 41.66000 ? 111 PHE A CD2 1 
ATOM   913  C CE1 . PHE A 1 111 ? 16.77659  -0.88638  6.23004   1.000 38.48000 ? 111 PHE A CE1 1 
ATOM   914  C CE2 . PHE A 1 111 ? 17.57184  -3.05016  5.56280   1.000 43.97000 ? 111 PHE A CE2 1 
ATOM   915  C CZ  . PHE A 1 111 ? 17.62366  -1.95644  6.43309   1.000 41.92000 ? 111 PHE A CZ  1 
ATOM   916  N N   . GLY A 1 112 ? 13.00181  -0.01819  0.73548   1.000 30.27000 ? 112 GLY A N   1 
ATOM   917  C CA  . GLY A 1 112 ? 11.97121  -0.20901  -0.28545  1.000 25.05000 ? 112 GLY A CA  1 
ATOM   918  C C   . GLY A 1 112 ? 12.42465  -0.37625  -1.73272  1.000 31.96000 ? 112 GLY A C   1 
ATOM   919  O O   . GLY A 1 112 ? 12.01205  -1.32157  -2.44003  1.000 34.80000 ? 112 GLY A O   1 
HETATM 920  O O   . HOH B 2 .   ? -14.23907 -10.63463 -9.05682  1.000 23.68000 ? 201 HOH A O   1 
HETATM 921  O O   . HOH B 2 .   ? 5.35449   -5.64450  0.43696   1.000 29.07000 ? 202 HOH A O   1 
HETATM 922  O O   . HOH B 2 .   ? -7.46947  4.27188   -20.13840 1.000 28.41000 ? 203 HOH A O   1 
HETATM 923  O O   . HOH B 2 .   ? 8.42071   -12.15780 1.07271   1.000 33.92000 ? 204 HOH A O   1 
HETATM 924  O O   . HOH B 2 .   ? -3.82816  12.26295  -14.27246 1.000 28.71000 ? 205 HOH A O   1 
HETATM 925  O O   . HOH B 2 .   ? -1.78422  -9.56708  11.86551  1.000 31.16000 ? 206 HOH A O   1 
HETATM 926  O O   . HOH B 2 .   ? -3.36860  -11.34372 2.19190   1.000 31.81000 ? 207 HOH A O   1 
HETATM 927  O O   . HOH B 2 .   ? 3.15152   4.86077   14.50865  1.000 28.51000 ? 208 HOH A O   1 
HETATM 928  O O   . HOH B 2 .   ? 4.05401   -11.14346 -5.15053  1.000 28.26000 ? 209 HOH A O   1 
HETATM 929  O O   . HOH B 2 .   ? -3.18110  13.03520  -2.57464  1.000 31.22000 ? 210 HOH A O   1 
HETATM 930  O O   . HOH B 2 .   ? 7.10028   13.34045  -8.70588  1.000 18.09000 ? 211 HOH A O   1 
HETATM 931  O O   . HOH B 2 .   ? 5.38092   -6.02766  -11.74731 1.000 25.93000 ? 212 HOH A O   1 
HETATM 932  O O   . HOH B 2 .   ? 11.32812  8.16429   -1.62526  1.000 20.92000 ? 213 HOH A O   1 
HETATM 933  O O   . HOH B 2 .   ? 3.55640   -6.19537  0.83514   1.000 20.79000 ? 214 HOH A O   1 
HETATM 934  O O   . HOH B 2 .   ? 15.28205  12.34648  -1.80889  1.000 23.64000 ? 215 HOH A O   1 
HETATM 935  O O   . HOH B 2 .   ? -0.11578  -12.15378 -0.94258  1.000 27.22000 ? 216 HOH A O   1 
HETATM 936  O O   . HOH B 2 .   ? 12.47027  13.48538  -3.60901  1.000 25.12000 ? 217 HOH A O   1 
HETATM 937  O O   . HOH B 2 .   ? 5.95490   -2.58035  -2.34596  1.000 19.85000 ? 218 HOH A O   1 
HETATM 938  O O   . HOH B 2 .   ? -14.99099 -8.64191  -2.49246  1.000 24.64000 ? 219 HOH A O   1 
HETATM 939  O O   . HOH B 2 .   ? 0.06268   -9.78080  -11.62371 1.000 28.07000 ? 220 HOH A O   1 
HETATM 940  O O   . HOH B 2 .   ? 5.30667   10.08901  -10.63620 1.000 22.58000 ? 221 HOH A O   1 
HETATM 941  O O   . HOH B 2 .   ? -0.68270  1.48112   1.49159   1.000 10.53000 ? 222 HOH A O   1 
HETATM 942  O O   . HOH B 2 .   ? -8.30999  -1.66029  -19.21065 1.000 19.33000 ? 223 HOH A O   1 
HETATM 943  O O   . HOH B 2 .   ? -0.33077  -4.92430  -6.90985  1.000 10.97000 ? 224 HOH A O   1 
HETATM 944  O O   . HOH B 2 .   ? 13.18422  5.70050   0.20169   1.000 29.15000 ? 225 HOH A O   1 
HETATM 945  O O   . HOH B 2 .   ? 7.63088   9.17991   -16.57288 1.000 15.54000 ? 226 HOH A O   1 
HETATM 946  O O   . HOH B 2 .   ? -8.08497  -1.65993  6.24370   1.000 18.64000 ? 227 HOH A O   1 
HETATM 947  O O   . HOH B 2 .   ? 13.92149  8.96645   -0.43182  1.000 28.33000 ? 228 HOH A O   1 
HETATM 948  O O   . HOH B 2 .   ? -3.25990  4.72266   15.18726  1.000 21.77000 ? 229 HOH A O   1 
HETATM 949  O O   . HOH B 2 .   ? -8.90593  -5.13148  14.18200  1.000 29.97000 ? 230 HOH A O   1 
HETATM 950  O O   . HOH B 2 .   ? -3.33295  11.29951  -16.67132 1.000 31.21000 ? 231 HOH A O   1 
HETATM 951  O O   . HOH B 2 .   ? -4.31639  7.53940   9.30264   1.000 26.39000 ? 232 HOH A O   1 
HETATM 952  O O   . HOH B 2 .   ? 1.35589   -7.62746  8.29622   1.000 26.04000 ? 233 HOH A O   1 
HETATM 953  O O   . HOH B 2 .   ? -8.22904  -10.47196 -4.11687  1.000 27.53000 ? 234 HOH A O   1 
HETATM 954  O O   . HOH B 2 .   ? -7.68093  -3.89164  7.87049   1.000 18.66000 ? 235 HOH A O   1 
HETATM 955  O O   . HOH B 2 .   ? 7.31892   10.76555  -12.27578 0.50  20.42000 ? 236 HOH A O   1 
HETATM 956  O O   . HOH B 2 .   ? 11.73592  9.04028   5.31360   1.000 33.13000 ? 237 HOH A O   1 
HETATM 957  O O   . HOH B 2 .   ? 0.61509   -0.70225  -14.67011 1.000 10.71000 ? 238 HOH A O   1 
HETATM 958  O O   . HOH B 2 .   ? -5.53708  6.01701   4.81324   1.000 25.04000 ? 239 HOH A O   1 
HETATM 959  O O   . HOH B 2 .   ? 9.47731   -13.60695 3.86610   1.000 30.56000 ? 240 HOH A O   1 
HETATM 960  O O   . HOH B 2 .   ? -6.62038  2.90640   7.53392   1.000 16.72000 ? 241 HOH A O   1 
HETATM 961  O O   . HOH B 2 .   ? 0.04993   -5.10468  17.74891  1.000 29.25000 ? 242 HOH A O   1 
HETATM 962  O O   . HOH B 2 .   ? 3.99962   -7.19434  -14.69220 1.000 25.70000 ? 243 HOH A O   1 
HETATM 963  O O   . HOH B 2 .   ? -6.68645  -10.14983 4.92196   1.000 32.47000 ? 244 HOH A O   1 
HETATM 964  O O   . HOH B 2 .   ? 5.01112   -3.75874  0.50208   1.000 22.02000 ? 245 HOH A O   1 
HETATM 965  O O   . HOH B 2 .   ? -2.33274  -9.07834  -17.57985 1.000 27.59000 ? 246 HOH A O   1 
HETATM 966  O O   . HOH B 2 .   ? -8.62867  -2.11565  12.26177  1.000 27.33000 ? 247 HOH A O   1 
HETATM 967  O O   . HOH B 2 .   ? 10.37818  1.83159   -14.03656 1.000 17.78000 ? 248 HOH A O   1 
HETATM 968  O O   . HOH B 2 .   ? 3.70891   11.65939  -7.01474  1.000 25.00000 ? 249 HOH A O   1 
HETATM 969  O O   . HOH B 2 .   ? 5.89038   -13.11911 9.73165   1.000 33.09000 ? 250 HOH A O   1 
HETATM 970  O O   . HOH B 2 .   ? 11.99901  -0.69092  10.49410  1.000 27.84000 ? 251 HOH A O   1 
HETATM 971  O O   . HOH B 2 .   ? 1.94455   9.33061   6.74299   1.000 27.40000 ? 252 HOH A O   1 
HETATM 972  O O   . HOH B 2 .   ? 6.53839   -6.43578  -1.15147  1.000 28.48000 ? 253 HOH A O   1 
HETATM 973  O O   . HOH B 2 .   ? -7.84975  -7.98070  -2.36804  1.000 22.24000 ? 254 HOH A O   1 
HETATM 974  O O   . HOH B 2 .   ? 6.32063   12.82342  -1.50124  1.000 27.80000 ? 255 HOH A O   1 
HETATM 975  O O   . HOH B 2 .   ? 11.74351  -6.84807  7.50679   1.000 34.97000 ? 256 HOH A O   1 
HETATM 976  O O   . HOH B 2 .   ? 6.69528   -3.70813  -11.34671 1.000 17.10000 ? 257 HOH A O   1 
HETATM 977  O O   . HOH B 2 .   ? -15.55783 -6.32568  -4.02692  1.000 16.45000 ? 258 HOH A O   1 
HETATM 978  O O   . HOH B 2 .   ? -5.58823  6.58726   -0.10987  1.000 23.97000 ? 259 HOH A O   1 
HETATM 979  O O   . HOH B 2 .   ? 8.14477   -3.22625  -6.79060  1.000 23.23000 ? 260 HOH A O   1 
HETATM 980  O O   . HOH B 2 .   ? -1.49238  -8.08594  9.48173   1.000 24.47000 ? 261 HOH A O   1 
HETATM 981  O O   . HOH B 2 .   ? -2.27911  -5.13329  -4.92862  1.000 10.53000 ? 262 HOH A O   1 
HETATM 982  O O   . HOH B 2 .   ? 0.38080   3.33027   -0.36420  1.000 10.83000 ? 263 HOH A O   1 
HETATM 983  O O   . HOH B 2 .   ? -7.90051  -5.07736  11.33506  1.000 24.96000 ? 264 HOH A O   1 
HETATM 984  O O   . HOH B 2 .   ? -2.15341  12.15731  -9.27001  1.000 28.07000 ? 265 HOH A O   1 
HETATM 985  O O   . HOH B 2 .   ? -2.68798  -8.25540  -12.38471 1.000 21.58000 ? 266 HOH A O   1 
HETATM 986  O O   . HOH B 2 .   ? -1.04103  9.66393   1.47526   1.000 30.76000 ? 267 HOH A O   1 
HETATM 987  O O   . HOH B 2 .   ? 3.32382   -13.26422 5.99462   1.000 28.73000 ? 268 HOH A O   1 
HETATM 988  O O   . HOH B 2 .   ? -2.88578  0.72561   23.25215  1.000 33.94000 ? 269 HOH A O   1 
HETATM 989  O O   . HOH B 2 .   ? 0.79977   10.46064  0.66631   1.000 24.21000 ? 270 HOH A O   1 
HETATM 990  O O   . HOH B 2 .   ? 0.51382   -7.06455  5.33548   1.000 26.63000 ? 271 HOH A O   1 
HETATM 991  O O   . HOH B 2 .   ? -4.78704  4.65570   -20.73147 1.000 15.91000 ? 272 HOH A O   1 
HETATM 992  O O   . HOH B 2 .   ? -10.19830 1.29366   5.46457   1.000 18.20000 ? 273 HOH A O   1 
HETATM 993  O O   . HOH B 2 .   ? -0.55646  -11.75012 -5.31505  1.000 22.72000 ? 274 HOH A O   1 
HETATM 994  O O   . HOH B 2 .   ? 10.22768  4.36621   -12.97708 1.000 15.46000 ? 275 HOH A O   1 
HETATM 995  O O   . HOH B 2 .   ? 9.08146   -0.91592  -16.48983 1.000 24.57000 ? 276 HOH A O   1 
HETATM 996  O O   . HOH B 2 .   ? -0.96546  -1.35236  22.93117  1.000 29.71000 ? 277 HOH A O   1 
HETATM 997  O O   . HOH B 2 .   ? 8.04429   -6.75803  11.28034  1.000 30.63000 ? 278 HOH A O   1 
HETATM 998  O O   . HOH B 2 .   ? -1.64060  11.27017  -1.31462  1.000 31.33000 ? 279 HOH A O   1 
HETATM 999  O O   . HOH B 2 .   ? -9.23198  -5.88780  7.05062   1.000 26.67000 ? 280 HOH A O   1 
HETATM 1000 O O   . HOH B 2 .   ? -0.15121  10.27008  3.58728   1.000 30.41000 ? 281 HOH A O   1 
HETATM 1001 O O   . HOH B 2 .   ? 6.54648   -4.15491  -4.57786  1.000 22.45000 ? 282 HOH A O   1 
HETATM 1002 O O   . HOH B 2 .   ? -7.57491  1.34389   -19.34769 1.000 25.86000 ? 283 HOH A O   1 
HETATM 1003 O O   . HOH B 2 .   ? -7.54411  6.68942   2.87002   1.000 20.23000 ? 284 HOH A O   1 
HETATM 1004 O O   . HOH B 2 .   ? -2.47812  10.06227  3.11774   1.000 31.79000 ? 285 HOH A O   1 
HETATM 1005 O O   . HOH B 2 .   ? -16.01168 -10.58820 -5.28067  1.000 28.67000 ? 286 HOH A O   1 
HETATM 1006 O O   . HOH B 2 .   ? 8.88072   9.92633   -13.66213 0.50  22.73000 ? 287 HOH A O   1 
HETATM 1007 O O   . HOH B 2 .   ? -6.99703  5.32804   6.74281   1.000 27.04000 ? 288 HOH A O   1 
HETATM 1008 O O   . HOH B 2 .   ? 8.21248   -4.31144  -9.11093  1.000 24.48000 ? 289 HOH A O   1 
HETATM 1009 O O   . HOH B 2 .   ? -8.58789  0.83988   7.58275   1.000 19.61000 ? 290 HOH A O   1 
HETATM 1010 O O   . HOH B 2 .   ? -11.99125 5.18088   -15.98745 1.000 33.74000 ? 291 HOH A O   1 
HETATM 1011 O O   . HOH B 2 .   ? -5.41845  6.84194   -22.22633 1.000 27.31000 ? 292 HOH A O   1 
HETATM 1012 O O   . HOH B 2 .   ? 10.60858  -4.64539  -10.47264 1.000 35.40000 ? 293 HOH A O   1 
HETATM 1013 O O   . HOH B 2 .   ? -8.98050  -3.03459  10.10818  1.000 28.87000 ? 294 HOH A O   1 
HETATM 1014 O O   . HOH B 2 .   ? -7.98178  4.65695   25.82847  1.000 41.22000 ? 295 HOH A O   1 
# 
